data_3B7H
# 
_entry.id   3B7H 
# 
_audit_conform.dict_name       mmcif_pdbx.dic 
_audit_conform.dict_version    5.387 
_audit_conform.dict_location   http://mmcif.pdb.org/dictionaries/ascii/mmcif_pdbx.dic 
# 
loop_
_database_2.database_id 
_database_2.database_code 
_database_2.pdbx_database_accession 
_database_2.pdbx_DOI 
PDB   3B7H         pdb_00003b7h 10.2210/pdb3b7h/pdb 
RCSB  RCSB045174   ?            ?                   
WWPDB D_1000045174 ?            ?                   
# 
loop_
_pdbx_audit_revision_history.ordinal 
_pdbx_audit_revision_history.data_content_type 
_pdbx_audit_revision_history.major_revision 
_pdbx_audit_revision_history.minor_revision 
_pdbx_audit_revision_history.revision_date 
1 'Structure model' 1 0 2007-12-04 
2 'Structure model' 1 1 2011-07-13 
3 'Structure model' 1 2 2024-02-21 
# 
_pdbx_audit_revision_details.ordinal             1 
_pdbx_audit_revision_details.revision_ordinal    1 
_pdbx_audit_revision_details.data_content_type   'Structure model' 
_pdbx_audit_revision_details.provider            repository 
_pdbx_audit_revision_details.type                'Initial release' 
_pdbx_audit_revision_details.description         ? 
_pdbx_audit_revision_details.details             ? 
# 
loop_
_pdbx_audit_revision_group.ordinal 
_pdbx_audit_revision_group.revision_ordinal 
_pdbx_audit_revision_group.data_content_type 
_pdbx_audit_revision_group.group 
1 2 'Structure model' 'Version format compliance' 
2 3 'Structure model' 'Data collection'           
3 3 'Structure model' 'Database references'       
# 
loop_
_pdbx_audit_revision_category.ordinal 
_pdbx_audit_revision_category.revision_ordinal 
_pdbx_audit_revision_category.data_content_type 
_pdbx_audit_revision_category.category 
1 3 'Structure model' chem_comp_atom 
2 3 'Structure model' chem_comp_bond 
3 3 'Structure model' database_2     
# 
loop_
_pdbx_audit_revision_item.ordinal 
_pdbx_audit_revision_item.revision_ordinal 
_pdbx_audit_revision_item.data_content_type 
_pdbx_audit_revision_item.item 
1 3 'Structure model' '_database_2.pdbx_DOI'                
2 3 'Structure model' '_database_2.pdbx_database_accession' 
# 
_pdbx_database_status.status_code                     REL 
_pdbx_database_status.entry_id                        3B7H 
_pdbx_database_status.recvd_initial_deposition_date   2007-10-30 
_pdbx_database_status.deposit_site                    RCSB 
_pdbx_database_status.process_site                    RCSB 
_pdbx_database_status.status_code_sf                  REL 
_pdbx_database_status.status_code_mr                  ? 
_pdbx_database_status.SG_entry                        Y 
_pdbx_database_status.pdb_format_compatible           Y 
_pdbx_database_status.status_code_cs                  ? 
_pdbx_database_status.status_code_nmr_data            ? 
_pdbx_database_status.methods_development_category    ? 
# 
_pdbx_database_related.db_name        TargetDB 
_pdbx_database_related.db_id          APC88372 
_pdbx_database_related.details        . 
_pdbx_database_related.content_type   unspecified 
# 
loop_
_audit_author.name 
_audit_author.pdbx_ordinal 
'Zhang, R.'                                     1 
'Zhou, M.'                                      2 
'Keigher, L.'                                   3 
'Joachimiak, A.'                                4 
'Midwest Center for Structural Genomics (MCSG)' 5 
# 
_citation.id                        primary 
_citation.title                     'The crystal structure of the prophage Lp1 protein 11.' 
_citation.journal_abbrev            'To be Published' 
_citation.journal_volume            ? 
_citation.page_first                ? 
_citation.page_last                 ? 
_citation.year                      ? 
_citation.journal_id_ASTM           ? 
_citation.country                   ? 
_citation.journal_id_ISSN           ? 
_citation.journal_id_CSD            0353 
_citation.book_publisher            ? 
_citation.pdbx_database_id_PubMed   ? 
_citation.pdbx_database_id_DOI      ? 
# 
loop_
_citation_author.citation_id 
_citation_author.name 
_citation_author.ordinal 
_citation_author.identifier_ORCID 
primary 'Zhang, R.'      1 ? 
primary 'Zhou, M.'       2 ? 
primary 'Keigher, L.'    3 ? 
primary 'Joachimiak, A.' 4 ? 
# 
loop_
_entity.id 
_entity.type 
_entity.src_method 
_entity.pdbx_description 
_entity.formula_weight 
_entity.pdbx_number_of_molecules 
_entity.pdbx_ec 
_entity.pdbx_mutation 
_entity.pdbx_fragment 
_entity.details 
1 polymer man 'Prophage Lp1 protein 11' 8798.026 1  ? ? ? ? 
2 water   nat water                     18.015   60 ? ? ? ? 
# 
_entity_poly.entity_id                      1 
_entity_poly.type                           'polypeptide(L)' 
_entity_poly.nstd_linkage                   no 
_entity_poly.nstd_monomer                   no 
_entity_poly.pdbx_seq_one_letter_code       MKTDGEFVSEHLMELITQQNLTINRVATLAGLNQSTVNAMFEGRSKRPTITTIRKVCGTLGISVHDFFDFPPYNEVEK 
_entity_poly.pdbx_seq_one_letter_code_can   MKTDGEFVSEHLMELITQQNLTINRVATLAGLNQSTVNAMFEGRSKRPTITTIRKVCGTLGISVHDFFDFPPYNEVEK 
_entity_poly.pdbx_strand_id                 A 
_entity_poly.pdbx_target_identifier         APC88372 
# 
_pdbx_entity_nonpoly.entity_id   2 
_pdbx_entity_nonpoly.name        water 
_pdbx_entity_nonpoly.comp_id     HOH 
# 
loop_
_entity_poly_seq.entity_id 
_entity_poly_seq.num 
_entity_poly_seq.mon_id 
_entity_poly_seq.hetero 
1 1  MET n 
1 2  LYS n 
1 3  THR n 
1 4  ASP n 
1 5  GLY n 
1 6  GLU n 
1 7  PHE n 
1 8  VAL n 
1 9  SER n 
1 10 GLU n 
1 11 HIS n 
1 12 LEU n 
1 13 MET n 
1 14 GLU n 
1 15 LEU n 
1 16 ILE n 
1 17 THR n 
1 18 GLN n 
1 19 GLN n 
1 20 ASN n 
1 21 LEU n 
1 22 THR n 
1 23 ILE n 
1 24 ASN n 
1 25 ARG n 
1 26 VAL n 
1 27 ALA n 
1 28 THR n 
1 29 LEU n 
1 30 ALA n 
1 31 GLY n 
1 32 LEU n 
1 33 ASN n 
1 34 GLN n 
1 35 SER n 
1 36 THR n 
1 37 VAL n 
1 38 ASN n 
1 39 ALA n 
1 40 MET n 
1 41 PHE n 
1 42 GLU n 
1 43 GLY n 
1 44 ARG n 
1 45 SER n 
1 46 LYS n 
1 47 ARG n 
1 48 PRO n 
1 49 THR n 
1 50 ILE n 
1 51 THR n 
1 52 THR n 
1 53 ILE n 
1 54 ARG n 
1 55 LYS n 
1 56 VAL n 
1 57 CYS n 
1 58 GLY n 
1 59 THR n 
1 60 LEU n 
1 61 GLY n 
1 62 ILE n 
1 63 SER n 
1 64 VAL n 
1 65 HIS n 
1 66 ASP n 
1 67 PHE n 
1 68 PHE n 
1 69 ASP n 
1 70 PHE n 
1 71 PRO n 
1 72 PRO n 
1 73 TYR n 
1 74 ASN n 
1 75 GLU n 
1 76 VAL n 
1 77 GLU n 
1 78 LYS n 
# 
_entity_src_gen.entity_id                          1 
_entity_src_gen.pdbx_src_id                        1 
_entity_src_gen.pdbx_alt_source_flag               sample 
_entity_src_gen.pdbx_seq_type                      ? 
_entity_src_gen.pdbx_beg_seq_num                   ? 
_entity_src_gen.pdbx_end_seq_num                   ? 
_entity_src_gen.gene_src_common_name               ? 
_entity_src_gen.gene_src_genus                     Lactobacillus 
_entity_src_gen.pdbx_gene_src_gene                 lp_0634 
_entity_src_gen.gene_src_species                   'Lactobacillus plantarum' 
_entity_src_gen.gene_src_strain                    'WCFS1, NCIMB 8826' 
_entity_src_gen.gene_src_tissue                    ? 
_entity_src_gen.gene_src_tissue_fraction           ? 
_entity_src_gen.gene_src_details                   ? 
_entity_src_gen.pdbx_gene_src_fragment             ? 
_entity_src_gen.pdbx_gene_src_scientific_name      'Lactobacillus plantarum WCFS1' 
_entity_src_gen.pdbx_gene_src_ncbi_taxonomy_id     220668 
_entity_src_gen.pdbx_gene_src_variant              ? 
_entity_src_gen.pdbx_gene_src_cell_line            ? 
_entity_src_gen.pdbx_gene_src_atcc                 BAA-793 
_entity_src_gen.pdbx_gene_src_organ                ? 
_entity_src_gen.pdbx_gene_src_organelle            ? 
_entity_src_gen.pdbx_gene_src_cell                 ? 
_entity_src_gen.pdbx_gene_src_cellular_location    ? 
_entity_src_gen.host_org_common_name               ? 
_entity_src_gen.pdbx_host_org_scientific_name      'Escherichia coli BL21' 
_entity_src_gen.pdbx_host_org_ncbi_taxonomy_id     511693 
_entity_src_gen.host_org_genus                     Escherichia 
_entity_src_gen.pdbx_host_org_gene                 ? 
_entity_src_gen.pdbx_host_org_organ                ? 
_entity_src_gen.host_org_species                   'Escherichia coli' 
_entity_src_gen.pdbx_host_org_tissue               ? 
_entity_src_gen.pdbx_host_org_tissue_fraction      ? 
_entity_src_gen.pdbx_host_org_strain               BL21 
_entity_src_gen.pdbx_host_org_variant              ? 
_entity_src_gen.pdbx_host_org_cell_line            ? 
_entity_src_gen.pdbx_host_org_atcc                 ? 
_entity_src_gen.pdbx_host_org_culture_collection   ? 
_entity_src_gen.pdbx_host_org_cell                 ? 
_entity_src_gen.pdbx_host_org_organelle            ? 
_entity_src_gen.pdbx_host_org_cellular_location    ? 
_entity_src_gen.pdbx_host_org_vector_type          Plasmid 
_entity_src_gen.pdbx_host_org_vector               ? 
_entity_src_gen.host_org_details                   ? 
_entity_src_gen.expression_system_id               ? 
_entity_src_gen.plasmid_name                       pDM68 
_entity_src_gen.plasmid_details                    ? 
_entity_src_gen.pdbx_description                   ? 
# 
loop_
_chem_comp.id 
_chem_comp.type 
_chem_comp.mon_nstd_flag 
_chem_comp.name 
_chem_comp.pdbx_synonyms 
_chem_comp.formula 
_chem_comp.formula_weight 
ALA 'L-peptide linking' y ALANINE         ? 'C3 H7 N O2'     89.093  
ARG 'L-peptide linking' y ARGININE        ? 'C6 H15 N4 O2 1' 175.209 
ASN 'L-peptide linking' y ASPARAGINE      ? 'C4 H8 N2 O3'    132.118 
ASP 'L-peptide linking' y 'ASPARTIC ACID' ? 'C4 H7 N O4'     133.103 
CYS 'L-peptide linking' y CYSTEINE        ? 'C3 H7 N O2 S'   121.158 
GLN 'L-peptide linking' y GLUTAMINE       ? 'C5 H10 N2 O3'   146.144 
GLU 'L-peptide linking' y 'GLUTAMIC ACID' ? 'C5 H9 N O4'     147.129 
GLY 'peptide linking'   y GLYCINE         ? 'C2 H5 N O2'     75.067  
HIS 'L-peptide linking' y HISTIDINE       ? 'C6 H10 N3 O2 1' 156.162 
HOH non-polymer         . WATER           ? 'H2 O'           18.015  
ILE 'L-peptide linking' y ISOLEUCINE      ? 'C6 H13 N O2'    131.173 
LEU 'L-peptide linking' y LEUCINE         ? 'C6 H13 N O2'    131.173 
LYS 'L-peptide linking' y LYSINE          ? 'C6 H15 N2 O2 1' 147.195 
MET 'L-peptide linking' y METHIONINE      ? 'C5 H11 N O2 S'  149.211 
PHE 'L-peptide linking' y PHENYLALANINE   ? 'C9 H11 N O2'    165.189 
PRO 'L-peptide linking' y PROLINE         ? 'C5 H9 N O2'     115.130 
SER 'L-peptide linking' y SERINE          ? 'C3 H7 N O3'     105.093 
THR 'L-peptide linking' y THREONINE       ? 'C4 H9 N O3'     119.119 
TYR 'L-peptide linking' y TYROSINE        ? 'C9 H11 N O3'    181.189 
VAL 'L-peptide linking' y VALINE          ? 'C5 H11 N O2'    117.146 
# 
loop_
_pdbx_poly_seq_scheme.asym_id 
_pdbx_poly_seq_scheme.entity_id 
_pdbx_poly_seq_scheme.seq_id 
_pdbx_poly_seq_scheme.mon_id 
_pdbx_poly_seq_scheme.ndb_seq_num 
_pdbx_poly_seq_scheme.pdb_seq_num 
_pdbx_poly_seq_scheme.auth_seq_num 
_pdbx_poly_seq_scheme.pdb_mon_id 
_pdbx_poly_seq_scheme.auth_mon_id 
_pdbx_poly_seq_scheme.pdb_strand_id 
_pdbx_poly_seq_scheme.pdb_ins_code 
_pdbx_poly_seq_scheme.hetero 
A 1 1  MET 1  1  1  MET MET A . n 
A 1 2  LYS 2  2  2  LYS LYS A . n 
A 1 3  THR 3  3  3  THR THR A . n 
A 1 4  ASP 4  4  4  ASP ASP A . n 
A 1 5  GLY 5  5  5  GLY GLY A . n 
A 1 6  GLU 6  6  6  GLU GLU A . n 
A 1 7  PHE 7  7  7  PHE PHE A . n 
A 1 8  VAL 8  8  8  VAL VAL A . n 
A 1 9  SER 9  9  9  SER SER A . n 
A 1 10 GLU 10 10 10 GLU GLU A . n 
A 1 11 HIS 11 11 11 HIS HIS A . n 
A 1 12 LEU 12 12 12 LEU LEU A . n 
A 1 13 MET 13 13 13 MET MET A . n 
A 1 14 GLU 14 14 14 GLU GLU A . n 
A 1 15 LEU 15 15 15 LEU LEU A . n 
A 1 16 ILE 16 16 16 ILE ILE A . n 
A 1 17 THR 17 17 17 THR THR A . n 
A 1 18 GLN 18 18 18 GLN GLN A . n 
A 1 19 GLN 19 19 19 GLN GLN A . n 
A 1 20 ASN 20 20 20 ASN ASN A . n 
A 1 21 LEU 21 21 21 LEU LEU A . n 
A 1 22 THR 22 22 22 THR THR A . n 
A 1 23 ILE 23 23 23 ILE ILE A . n 
A 1 24 ASN 24 24 24 ASN ASN A . n 
A 1 25 ARG 25 25 25 ARG ARG A . n 
A 1 26 VAL 26 26 26 VAL VAL A . n 
A 1 27 ALA 27 27 27 ALA ALA A . n 
A 1 28 THR 28 28 28 THR THR A . n 
A 1 29 LEU 29 29 29 LEU LEU A . n 
A 1 30 ALA 30 30 30 ALA ALA A . n 
A 1 31 GLY 31 31 31 GLY GLY A . n 
A 1 32 LEU 32 32 32 LEU LEU A . n 
A 1 33 ASN 33 33 33 ASN ASN A . n 
A 1 34 GLN 34 34 34 GLN GLN A . n 
A 1 35 SER 35 35 35 SER SER A . n 
A 1 36 THR 36 36 36 THR THR A . n 
A 1 37 VAL 37 37 37 VAL VAL A . n 
A 1 38 ASN 38 38 38 ASN ASN A . n 
A 1 39 ALA 39 39 39 ALA ALA A . n 
A 1 40 MET 40 40 40 MET MET A . n 
A 1 41 PHE 41 41 41 PHE PHE A . n 
A 1 42 GLU 42 42 42 GLU GLU A . n 
A 1 43 GLY 43 43 43 GLY GLY A . n 
A 1 44 ARG 44 44 44 ARG ARG A . n 
A 1 45 SER 45 45 45 SER SER A . n 
A 1 46 LYS 46 46 46 LYS LYS A . n 
A 1 47 ARG 47 47 47 ARG ARG A . n 
A 1 48 PRO 48 48 48 PRO PRO A . n 
A 1 49 THR 49 49 49 THR THR A . n 
A 1 50 ILE 50 50 50 ILE ILE A . n 
A 1 51 THR 51 51 51 THR THR A . n 
A 1 52 THR 52 52 52 THR THR A . n 
A 1 53 ILE 53 53 53 ILE ILE A . n 
A 1 54 ARG 54 54 54 ARG ARG A . n 
A 1 55 LYS 55 55 55 LYS LYS A . n 
A 1 56 VAL 56 56 56 VAL VAL A . n 
A 1 57 CYS 57 57 57 CYS CYS A . n 
A 1 58 GLY 58 58 58 GLY GLY A . n 
A 1 59 THR 59 59 59 THR THR A . n 
A 1 60 LEU 60 60 60 LEU LEU A . n 
A 1 61 GLY 61 61 61 GLY GLY A . n 
A 1 62 ILE 62 62 62 ILE ILE A . n 
A 1 63 SER 63 63 63 SER SER A . n 
A 1 64 VAL 64 64 64 VAL VAL A . n 
A 1 65 HIS 65 65 65 HIS HIS A . n 
A 1 66 ASP 66 66 66 ASP ASP A . n 
A 1 67 PHE 67 67 67 PHE PHE A . n 
A 1 68 PHE 68 68 68 PHE PHE A . n 
A 1 69 ASP 69 69 69 ASP ASP A . n 
A 1 70 PHE 70 70 70 PHE PHE A . n 
A 1 71 PRO 71 71 71 PRO PRO A . n 
A 1 72 PRO 72 72 72 PRO PRO A . n 
A 1 73 TYR 73 73 73 TYR TYR A . n 
A 1 74 ASN 74 74 74 ASN ASN A . n 
A 1 75 GLU 75 75 75 GLU GLU A . n 
A 1 76 VAL 76 76 76 VAL VAL A . n 
A 1 77 GLU 77 77 ?  ?   ?   A . n 
A 1 78 LYS 78 78 ?  ?   ?   A . n 
# 
loop_
_pdbx_nonpoly_scheme.asym_id 
_pdbx_nonpoly_scheme.entity_id 
_pdbx_nonpoly_scheme.mon_id 
_pdbx_nonpoly_scheme.ndb_seq_num 
_pdbx_nonpoly_scheme.pdb_seq_num 
_pdbx_nonpoly_scheme.auth_seq_num 
_pdbx_nonpoly_scheme.pdb_mon_id 
_pdbx_nonpoly_scheme.auth_mon_id 
_pdbx_nonpoly_scheme.pdb_strand_id 
_pdbx_nonpoly_scheme.pdb_ins_code 
B 2 HOH 1  79  1  HOH HOH A . 
B 2 HOH 2  80  2  HOH HOH A . 
B 2 HOH 3  81  3  HOH HOH A . 
B 2 HOH 4  82  4  HOH HOH A . 
B 2 HOH 5  83  5  HOH HOH A . 
B 2 HOH 6  84  6  HOH HOH A . 
B 2 HOH 7  85  7  HOH HOH A . 
B 2 HOH 8  86  8  HOH HOH A . 
B 2 HOH 9  87  9  HOH HOH A . 
B 2 HOH 10 88  10 HOH HOH A . 
B 2 HOH 11 89  11 HOH HOH A . 
B 2 HOH 12 90  12 HOH HOH A . 
B 2 HOH 13 91  13 HOH HOH A . 
B 2 HOH 14 92  14 HOH HOH A . 
B 2 HOH 15 93  15 HOH HOH A . 
B 2 HOH 16 94  16 HOH HOH A . 
B 2 HOH 17 95  17 HOH HOH A . 
B 2 HOH 18 96  18 HOH HOH A . 
B 2 HOH 19 97  19 HOH HOH A . 
B 2 HOH 20 98  20 HOH HOH A . 
B 2 HOH 21 99  21 HOH HOH A . 
B 2 HOH 22 100 22 HOH HOH A . 
B 2 HOH 23 101 23 HOH HOH A . 
B 2 HOH 24 102 24 HOH HOH A . 
B 2 HOH 25 103 25 HOH HOH A . 
B 2 HOH 26 104 26 HOH HOH A . 
B 2 HOH 27 105 27 HOH HOH A . 
B 2 HOH 28 106 28 HOH HOH A . 
B 2 HOH 29 107 29 HOH HOH A . 
B 2 HOH 30 108 30 HOH HOH A . 
B 2 HOH 31 109 31 HOH HOH A . 
B 2 HOH 32 110 32 HOH HOH A . 
B 2 HOH 33 111 33 HOH HOH A . 
B 2 HOH 34 112 34 HOH HOH A . 
B 2 HOH 35 113 35 HOH HOH A . 
B 2 HOH 36 114 36 HOH HOH A . 
B 2 HOH 37 115 37 HOH HOH A . 
B 2 HOH 38 116 38 HOH HOH A . 
B 2 HOH 39 117 39 HOH HOH A . 
B 2 HOH 40 118 40 HOH HOH A . 
B 2 HOH 41 119 41 HOH HOH A . 
B 2 HOH 42 120 42 HOH HOH A . 
B 2 HOH 43 121 43 HOH HOH A . 
B 2 HOH 44 122 44 HOH HOH A . 
B 2 HOH 45 123 45 HOH HOH A . 
B 2 HOH 46 124 46 HOH HOH A . 
B 2 HOH 47 125 47 HOH HOH A . 
B 2 HOH 48 126 48 HOH HOH A . 
B 2 HOH 49 127 49 HOH HOH A . 
B 2 HOH 50 128 50 HOH HOH A . 
B 2 HOH 51 129 51 HOH HOH A . 
B 2 HOH 52 130 52 HOH HOH A . 
B 2 HOH 53 131 53 HOH HOH A . 
B 2 HOH 54 132 54 HOH HOH A . 
B 2 HOH 55 133 55 HOH HOH A . 
B 2 HOH 56 134 56 HOH HOH A . 
B 2 HOH 57 135 57 HOH HOH A . 
B 2 HOH 58 136 58 HOH HOH A . 
B 2 HOH 59 137 59 HOH HOH A . 
B 2 HOH 60 138 60 HOH HOH A . 
# 
loop_
_software.name 
_software.classification 
_software.version 
_software.citation_id 
_software.pdbx_ordinal 
REFMAC      refinement        5.2.0019 ? 1 
SBC-Collect 'data collection' .        ? 2 
HKL-3000    'data reduction'  .        ? 3 
HKL-3000    'data scaling'    .        ? 4 
MLPHARE     phasing           .        ? 5 
# 
_cell.entry_id           3B7H 
_cell.length_a           43.951 
_cell.length_b           65.650 
_cell.length_c           27.121 
_cell.angle_alpha        90.00 
_cell.angle_beta         90.00 
_cell.angle_gamma        90.00 
_cell.Z_PDB              4 
_cell.pdbx_unique_axis   ? 
_cell.length_a_esd       ? 
_cell.length_b_esd       ? 
_cell.length_c_esd       ? 
_cell.angle_alpha_esd    ? 
_cell.angle_beta_esd     ? 
_cell.angle_gamma_esd    ? 
# 
_symmetry.entry_id                         3B7H 
_symmetry.space_group_name_H-M             'P 21 21 2' 
_symmetry.pdbx_full_space_group_name_H-M   ? 
_symmetry.cell_setting                     ? 
_symmetry.Int_Tables_number                18 
_symmetry.space_group_name_Hall            ? 
# 
_exptl.entry_id          3B7H 
_exptl.method            'X-RAY DIFFRACTION' 
_exptl.crystals_number   1 
# 
_exptl_crystal.id                    1 
_exptl_crystal.density_meas          ? 
_exptl_crystal.density_Matthews      2.22 
_exptl_crystal.density_percent_sol   44.68 
_exptl_crystal.description           ? 
_exptl_crystal.F_000                 ? 
_exptl_crystal.preparation           ? 
# 
_exptl_crystal_grow.crystal_id      1 
_exptl_crystal_grow.method          'VAPOR DIFFUSION, SITTING DROP' 
_exptl_crystal_grow.temp            289 
_exptl_crystal_grow.temp_details    ? 
_exptl_crystal_grow.pH              6.2 
_exptl_crystal_grow.pdbx_details    '0.1M Na/K Phosphate pH 6.2, 10% PEG 3000, VAPOR DIFFUSION, SITTING DROP, temperature 289K' 
_exptl_crystal_grow.pdbx_pH_range   . 
# 
_diffrn.id                     1 
_diffrn.ambient_temp           100 
_diffrn.ambient_temp_details   ? 
_diffrn.crystal_id             1 
# 
_diffrn_detector.diffrn_id              1 
_diffrn_detector.detector               CCD 
_diffrn_detector.type                   'ADSC QUANTUM 315' 
_diffrn_detector.pdbx_collection_date   2007-10-25 
_diffrn_detector.details                Mirrors 
# 
_diffrn_radiation.diffrn_id                        1 
_diffrn_radiation.wavelength_id                    1 
_diffrn_radiation.pdbx_monochromatic_or_laue_m_l   M 
_diffrn_radiation.monochromator                    'Si 111 channel' 
_diffrn_radiation.pdbx_diffrn_protocol             'SINGLE WAVELENGTH' 
_diffrn_radiation.pdbx_scattering_type             x-ray 
# 
_diffrn_radiation_wavelength.id           1 
_diffrn_radiation_wavelength.wavelength   0.9794 
_diffrn_radiation_wavelength.wt           1.0 
# 
_diffrn_source.diffrn_id                   1 
_diffrn_source.source                      SYNCHROTRON 
_diffrn_source.type                        'APS BEAMLINE 19-ID' 
_diffrn_source.pdbx_synchrotron_site       APS 
_diffrn_source.pdbx_synchrotron_beamline   19-ID 
_diffrn_source.pdbx_wavelength             ? 
_diffrn_source.pdbx_wavelength_list        0.9794 
# 
_reflns.entry_id                     3B7H 
_reflns.observed_criterion_sigma_F   ? 
_reflns.observed_criterion_sigma_I   2.0 
_reflns.d_resolution_high            2.0 
_reflns.d_resolution_low             36.51 
_reflns.number_all                   5420 
_reflns.number_obs                   5218 
_reflns.percent_possible_obs         96.27 
_reflns.pdbx_Rmerge_I_obs            0.090 
_reflns.pdbx_Rsym_value              ? 
_reflns.pdbx_netI_over_sigmaI        32.74 
_reflns.B_iso_Wilson_estimate        24.5 
_reflns.pdbx_redundancy              8.0 
_reflns.R_free_details               ? 
_reflns.limit_h_max                  ? 
_reflns.limit_h_min                  ? 
_reflns.limit_k_max                  ? 
_reflns.limit_k_min                  ? 
_reflns.limit_l_max                  ? 
_reflns.limit_l_min                  ? 
_reflns.observed_criterion_F_max     ? 
_reflns.observed_criterion_F_min     ? 
_reflns.pdbx_chi_squared             ? 
_reflns.pdbx_scaling_rejects         ? 
_reflns.pdbx_diffrn_id               1 
_reflns.pdbx_ordinal                 1 
# 
_reflns_shell.d_res_high             2.0 
_reflns_shell.d_res_low              2.053 
_reflns_shell.percent_possible_all   79.75 
_reflns_shell.Rmerge_I_obs           0.282 
_reflns_shell.pdbx_Rsym_value        ? 
_reflns_shell.meanI_over_sigI_obs    4.85 
_reflns_shell.pdbx_redundancy        5.1 
_reflns_shell.percent_possible_obs   ? 
_reflns_shell.number_unique_all      405 
_reflns_shell.number_measured_all    ? 
_reflns_shell.number_measured_obs    ? 
_reflns_shell.number_unique_obs      ? 
_reflns_shell.pdbx_chi_squared       ? 
_reflns_shell.pdbx_diffrn_id         ? 
_reflns_shell.pdbx_ordinal           1 
# 
_refine.entry_id                                 3B7H 
_refine.ls_number_reflns_obs                     5218 
_refine.ls_number_reflns_all                     5218 
_refine.pdbx_ls_sigma_I                          0 
_refine.pdbx_ls_sigma_F                          0 
_refine.pdbx_data_cutoff_high_absF               ? 
_refine.pdbx_data_cutoff_low_absF                ? 
_refine.pdbx_data_cutoff_high_rms_absF           ? 
_refine.ls_d_res_low                             36.51 
_refine.ls_d_res_high                            2.00 
_refine.ls_percent_reflns_obs                    96.27 
_refine.ls_R_factor_obs                          0.19816 
_refine.ls_R_factor_all                          0.19816 
_refine.ls_R_factor_R_work                       0.1956 
_refine.ls_R_factor_R_free                       0.24945 
_refine.ls_R_factor_R_free_error                 ? 
_refine.ls_R_factor_R_free_error_details         ? 
_refine.ls_percent_reflns_R_free                 4.6 
_refine.ls_number_reflns_R_free                  251 
_refine.ls_number_parameters                     ? 
_refine.ls_number_restraints                     ? 
_refine.occupancy_min                            ? 
_refine.occupancy_max                            ? 
_refine.correlation_coeff_Fo_to_Fc               0.951 
_refine.correlation_coeff_Fo_to_Fc_free          0.919 
_refine.B_iso_mean                               24.522 
_refine.aniso_B[1][1]                            1.66 
_refine.aniso_B[2][2]                            -1.59 
_refine.aniso_B[3][3]                            -0.07 
_refine.aniso_B[1][2]                            0.00 
_refine.aniso_B[1][3]                            0.00 
_refine.aniso_B[2][3]                            0.00 
_refine.solvent_model_details                    MASK 
_refine.solvent_model_param_ksol                 ? 
_refine.solvent_model_param_bsol                 ? 
_refine.pdbx_solvent_vdw_probe_radii             1.20 
_refine.pdbx_solvent_ion_probe_radii             0.80 
_refine.pdbx_solvent_shrinkage_radii             0.80 
_refine.pdbx_ls_cross_valid_method               THROUGHOUT 
_refine.details                                  'HYDROGENS HAVE BEEN ADDED IN THE RIDING POSITIONS' 
_refine.pdbx_starting_model                      ? 
_refine.pdbx_method_to_determine_struct          SAD 
_refine.pdbx_isotropic_thermal_model             ? 
_refine.pdbx_stereochemistry_target_values       'MAXIMUM LIKELIHOOD WITH PHASES' 
_refine.pdbx_stereochem_target_val_spec_case     ? 
_refine.pdbx_R_Free_selection_details            RANDOM 
_refine.pdbx_overall_ESU_R                       ? 
_refine.pdbx_overall_ESU_R_Free                  0.182 
_refine.overall_SU_ML                            0.140 
_refine.overall_SU_B                             11.555 
_refine.ls_redundancy_reflns_obs                 ? 
_refine.B_iso_min                                ? 
_refine.B_iso_max                                ? 
_refine.overall_SU_R_Cruickshank_DPI             ? 
_refine.overall_SU_R_free                        ? 
_refine.ls_wR_factor_R_free                      ? 
_refine.ls_wR_factor_R_work                      ? 
_refine.overall_FOM_free_R_set                   ? 
_refine.overall_FOM_work_R_set                   ? 
_refine.pdbx_refine_id                           'X-RAY DIFFRACTION' 
_refine.pdbx_diffrn_id                           1 
_refine.pdbx_TLS_residual_ADP_flag               ? 
_refine.pdbx_overall_phase_error                 ? 
_refine.pdbx_overall_SU_R_free_Cruickshank_DPI   ? 
_refine.pdbx_overall_SU_R_Blow_DPI               ? 
_refine.pdbx_overall_SU_R_free_Blow_DPI          ? 
# 
_refine_hist.pdbx_refine_id                   'X-RAY DIFFRACTION' 
_refine_hist.cycle_id                         LAST 
_refine_hist.pdbx_number_atoms_protein        597 
_refine_hist.pdbx_number_atoms_nucleic_acid   0 
_refine_hist.pdbx_number_atoms_ligand         0 
_refine_hist.number_atoms_solvent             60 
_refine_hist.number_atoms_total               657 
_refine_hist.d_res_high                       2.00 
_refine_hist.d_res_low                        36.51 
# 
loop_
_refine_ls_restr.type 
_refine_ls_restr.dev_ideal 
_refine_ls_restr.dev_ideal_target 
_refine_ls_restr.weight 
_refine_ls_restr.number 
_refine_ls_restr.pdbx_refine_id 
_refine_ls_restr.pdbx_restraint_function 
r_bond_refined_d         0.015  0.022  ? 607 'X-RAY DIFFRACTION' ? 
r_bond_other_d           0.001  0.020  ? 406 'X-RAY DIFFRACTION' ? 
r_angle_refined_deg      1.497  1.950  ? 821 'X-RAY DIFFRACTION' ? 
r_angle_other_deg        0.990  3.000  ? 993 'X-RAY DIFFRACTION' ? 
r_dihedral_angle_1_deg   5.228  5.000  ? 75  'X-RAY DIFFRACTION' ? 
r_dihedral_angle_2_deg   32.567 24.286 ? 28  'X-RAY DIFFRACTION' ? 
r_dihedral_angle_3_deg   14.472 15.000 ? 107 'X-RAY DIFFRACTION' ? 
r_dihedral_angle_4_deg   11.287 15.000 ? 4   'X-RAY DIFFRACTION' ? 
r_chiral_restr           0.077  0.200  ? 97  'X-RAY DIFFRACTION' ? 
r_gen_planes_refined     0.005  0.020  ? 667 'X-RAY DIFFRACTION' ? 
r_gen_planes_other       0.001  0.020  ? 121 'X-RAY DIFFRACTION' ? 
r_nbd_refined            0.221  0.200  ? 151 'X-RAY DIFFRACTION' ? 
r_nbd_other              0.185  0.200  ? 407 'X-RAY DIFFRACTION' ? 
r_nbtor_refined          0.186  0.200  ? 308 'X-RAY DIFFRACTION' ? 
r_nbtor_other            0.089  0.200  ? 287 'X-RAY DIFFRACTION' ? 
r_xyhbond_nbd_refined    0.221  0.200  ? 46  'X-RAY DIFFRACTION' ? 
r_symmetry_vdw_refined   0.243  0.200  ? 11  'X-RAY DIFFRACTION' ? 
r_symmetry_vdw_other     0.284  0.200  ? 45  'X-RAY DIFFRACTION' ? 
r_symmetry_hbond_refined 0.092  0.200  ? 10  'X-RAY DIFFRACTION' ? 
r_mcbond_it              1.397  1.500  ? 486 'X-RAY DIFFRACTION' ? 
r_mcbond_other           0.474  1.500  ? 153 'X-RAY DIFFRACTION' ? 
r_mcangle_it             1.648  2.000  ? 616 'X-RAY DIFFRACTION' ? 
r_scbond_it              2.804  3.000  ? 256 'X-RAY DIFFRACTION' ? 
r_scangle_it             3.970  4.500  ? 205 'X-RAY DIFFRACTION' ? 
# 
_refine_ls_shell.pdbx_total_number_of_bins_used   20 
_refine_ls_shell.d_res_high                       2.00 
_refine_ls_shell.d_res_low                        2.05 
_refine_ls_shell.number_reflns_R_work             307 
_refine_ls_shell.R_factor_R_work                  0.21 
_refine_ls_shell.percent_reflns_obs               79.75 
_refine_ls_shell.R_factor_R_free                  0.231 
_refine_ls_shell.R_factor_R_free_error            ? 
_refine_ls_shell.percent_reflns_R_free            ? 
_refine_ls_shell.number_reflns_R_free             16 
_refine_ls_shell.number_reflns_all                ? 
_refine_ls_shell.R_factor_all                     ? 
_refine_ls_shell.number_reflns_obs                323 
_refine_ls_shell.redundancy_reflns_obs            ? 
_refine_ls_shell.pdbx_refine_id                   'X-RAY DIFFRACTION' 
# 
_struct.entry_id                  3B7H 
_struct.title                     'Crystal structure of the prophage Lp1 protein 11' 
_struct.pdbx_model_details        ? 
_struct.pdbx_CASP_flag            ? 
_struct.pdbx_model_type_details   ? 
# 
_struct_keywords.entry_id        3B7H 
_struct_keywords.pdbx_keywords   'STRUCTURAL PROTEIN' 
_struct_keywords.text            
;prophage Lp1 protein 11, structural genomics, PSI2, MCSG, Protein Structure Initiative, Midwest Center for Structural Genomics, STRUCTURAL PROTEIN
;
# 
loop_
_struct_asym.id 
_struct_asym.pdbx_blank_PDB_chainid_flag 
_struct_asym.pdbx_modified 
_struct_asym.entity_id 
_struct_asym.details 
A N N 1 ? 
B N N 2 ? 
# 
_struct_ref.id                         1 
_struct_ref.db_name                    UNP 
_struct_ref.db_code                    Q88YV7_LACPL 
_struct_ref.pdbx_db_accession          Q88YV7 
_struct_ref.entity_id                  1 
_struct_ref.pdbx_seq_one_letter_code   MKTDGEFVSEHLMELITQQNLTINRVATLAGLNQSTVNAMFEGRSKRPTITTIRKVCGTLGISVHDFFDFPPYNEVEK 
_struct_ref.pdbx_align_begin           1 
_struct_ref.pdbx_db_isoform            ? 
# 
_struct_ref_seq.align_id                      1 
_struct_ref_seq.ref_id                        1 
_struct_ref_seq.pdbx_PDB_id_code              3B7H 
_struct_ref_seq.pdbx_strand_id                A 
_struct_ref_seq.seq_align_beg                 1 
_struct_ref_seq.pdbx_seq_align_beg_ins_code   ? 
_struct_ref_seq.seq_align_end                 78 
_struct_ref_seq.pdbx_seq_align_end_ins_code   ? 
_struct_ref_seq.pdbx_db_accession             Q88YV7 
_struct_ref_seq.db_align_beg                  1 
_struct_ref_seq.pdbx_db_align_beg_ins_code    ? 
_struct_ref_seq.db_align_end                  78 
_struct_ref_seq.pdbx_db_align_end_ins_code    ? 
_struct_ref_seq.pdbx_auth_seq_align_beg       1 
_struct_ref_seq.pdbx_auth_seq_align_end       78 
# 
_pdbx_struct_assembly.id                   1 
_pdbx_struct_assembly.details              author_and_software_defined_assembly 
_pdbx_struct_assembly.method_details       PISA 
_pdbx_struct_assembly.oligomeric_details   dimeric 
_pdbx_struct_assembly.oligomeric_count     2 
# 
_pdbx_struct_assembly_prop.biol_id   1 
_pdbx_struct_assembly_prop.type      'ABSA (A^2)' 
_pdbx_struct_assembly_prop.value     1660 
_pdbx_struct_assembly_prop.details   ? 
# 
_pdbx_struct_assembly_gen.assembly_id       1 
_pdbx_struct_assembly_gen.oper_expression   1,2 
_pdbx_struct_assembly_gen.asym_id_list      A,B 
# 
loop_
_pdbx_struct_oper_list.id 
_pdbx_struct_oper_list.type 
_pdbx_struct_oper_list.name 
_pdbx_struct_oper_list.symmetry_operation 
_pdbx_struct_oper_list.matrix[1][1] 
_pdbx_struct_oper_list.matrix[1][2] 
_pdbx_struct_oper_list.matrix[1][3] 
_pdbx_struct_oper_list.vector[1] 
_pdbx_struct_oper_list.matrix[2][1] 
_pdbx_struct_oper_list.matrix[2][2] 
_pdbx_struct_oper_list.matrix[2][3] 
_pdbx_struct_oper_list.vector[2] 
_pdbx_struct_oper_list.matrix[3][1] 
_pdbx_struct_oper_list.matrix[3][2] 
_pdbx_struct_oper_list.matrix[3][3] 
_pdbx_struct_oper_list.vector[3] 
1 'identity operation'         1_555 x,y,z     1.0000000000  0.0000000000 0.0000000000  0.0000000000  0.0000000000 1.0000000000 0.0000000000  0.0000000000 0.0000000000  0.0000000000  1.0000000000  0.0000000000  
2 'crystal symmetry operation' 2_755 -x+2,-y,z -0.5360026903 0.8040444683 -0.2573200515 -6.5618716361 0.8040444683 0.3933001196 -0.4459007837 8.9514371370 -0.2573200515 -0.4459007837 -0.8572974293 16.1381233375 
# 
_struct_biol.id        1 
_struct_biol.details   ? 
# 
loop_
_struct_conf.conf_type_id 
_struct_conf.id 
_struct_conf.pdbx_PDB_helix_id 
_struct_conf.beg_label_comp_id 
_struct_conf.beg_label_asym_id 
_struct_conf.beg_label_seq_id 
_struct_conf.pdbx_beg_PDB_ins_code 
_struct_conf.end_label_comp_id 
_struct_conf.end_label_asym_id 
_struct_conf.end_label_seq_id 
_struct_conf.pdbx_end_PDB_ins_code 
_struct_conf.beg_auth_comp_id 
_struct_conf.beg_auth_asym_id 
_struct_conf.beg_auth_seq_id 
_struct_conf.end_auth_comp_id 
_struct_conf.end_auth_asym_id 
_struct_conf.end_auth_seq_id 
_struct_conf.pdbx_PDB_helix_class 
_struct_conf.details 
_struct_conf.pdbx_PDB_helix_length 
HELX_P HELX_P1 1 THR A 3  ? GLN A 19 ? THR A 3  GLN A 19 1 ? 17 
HELX_P HELX_P2 2 THR A 22 ? GLY A 31 ? THR A 22 GLY A 31 1 ? 10 
HELX_P HELX_P3 3 ASN A 33 ? GLU A 42 ? ASN A 33 GLU A 42 1 ? 10 
HELX_P HELX_P4 4 THR A 49 ? GLY A 61 ? THR A 49 GLY A 61 1 ? 13 
HELX_P HELX_P5 5 SER A 63 ? PHE A 68 ? SER A 63 PHE A 68 1 ? 6  
# 
_struct_conf_type.id          HELX_P 
_struct_conf_type.criteria    ? 
_struct_conf_type.reference   ? 
# 
loop_
_struct_mon_prot_cis.pdbx_id 
_struct_mon_prot_cis.label_comp_id 
_struct_mon_prot_cis.label_seq_id 
_struct_mon_prot_cis.label_asym_id 
_struct_mon_prot_cis.label_alt_id 
_struct_mon_prot_cis.pdbx_PDB_ins_code 
_struct_mon_prot_cis.auth_comp_id 
_struct_mon_prot_cis.auth_seq_id 
_struct_mon_prot_cis.auth_asym_id 
_struct_mon_prot_cis.pdbx_label_comp_id_2 
_struct_mon_prot_cis.pdbx_label_seq_id_2 
_struct_mon_prot_cis.pdbx_label_asym_id_2 
_struct_mon_prot_cis.pdbx_PDB_ins_code_2 
_struct_mon_prot_cis.pdbx_auth_comp_id_2 
_struct_mon_prot_cis.pdbx_auth_seq_id_2 
_struct_mon_prot_cis.pdbx_auth_asym_id_2 
_struct_mon_prot_cis.pdbx_PDB_model_num 
_struct_mon_prot_cis.pdbx_omega_angle 
1 ARG 47 A . ? ARG 47 A PRO 48 A ? PRO 48 A 1 3.12 
2 PRO 71 A . ? PRO 71 A PRO 72 A ? PRO 72 A 1 5.54 
# 
loop_
_pdbx_validate_close_contact.id 
_pdbx_validate_close_contact.PDB_model_num 
_pdbx_validate_close_contact.auth_atom_id_1 
_pdbx_validate_close_contact.auth_asym_id_1 
_pdbx_validate_close_contact.auth_comp_id_1 
_pdbx_validate_close_contact.auth_seq_id_1 
_pdbx_validate_close_contact.PDB_ins_code_1 
_pdbx_validate_close_contact.label_alt_id_1 
_pdbx_validate_close_contact.auth_atom_id_2 
_pdbx_validate_close_contact.auth_asym_id_2 
_pdbx_validate_close_contact.auth_comp_id_2 
_pdbx_validate_close_contact.auth_seq_id_2 
_pdbx_validate_close_contact.PDB_ins_code_2 
_pdbx_validate_close_contact.label_alt_id_2 
_pdbx_validate_close_contact.dist 
1 1 OE1 A GLN 18 ? ? O A HOH 113 ? ? 1.83 
2 1 O   A PRO 48 ? ? O A HOH 137 ? ? 2.17 
# 
_pdbx_validate_symm_contact.id                1 
_pdbx_validate_symm_contact.PDB_model_num     1 
_pdbx_validate_symm_contact.auth_atom_id_1    CE 
_pdbx_validate_symm_contact.auth_asym_id_1    A 
_pdbx_validate_symm_contact.auth_comp_id_1    LYS 
_pdbx_validate_symm_contact.auth_seq_id_1     46 
_pdbx_validate_symm_contact.PDB_ins_code_1    ? 
_pdbx_validate_symm_contact.label_alt_id_1    ? 
_pdbx_validate_symm_contact.site_symmetry_1   1_555 
_pdbx_validate_symm_contact.auth_atom_id_2    O 
_pdbx_validate_symm_contact.auth_asym_id_2    A 
_pdbx_validate_symm_contact.auth_comp_id_2    ASN 
_pdbx_validate_symm_contact.auth_seq_id_2     74 
_pdbx_validate_symm_contact.PDB_ins_code_2    ? 
_pdbx_validate_symm_contact.label_alt_id_2    ? 
_pdbx_validate_symm_contact.site_symmetry_2   1_556 
_pdbx_validate_symm_contact.dist              2.18 
# 
_pdbx_SG_project.id                    1 
_pdbx_SG_project.project_name          'PSI, Protein Structure Initiative' 
_pdbx_SG_project.full_name_of_center   'Midwest Center for Structural Genomics' 
_pdbx_SG_project.initial_of_center     MCSG 
# 
_pdbx_refine_tls.id               1 
_pdbx_refine_tls.details          ? 
_pdbx_refine_tls.method           refined 
_pdbx_refine_tls.origin_x         -0.7926 
_pdbx_refine_tls.origin_y         0.2894 
_pdbx_refine_tls.origin_z         -0.0512 
_pdbx_refine_tls.T[1][1]          0.0726 
_pdbx_refine_tls.T[2][2]          -0.0258 
_pdbx_refine_tls.T[3][3]          -0.0131 
_pdbx_refine_tls.T[1][2]          -0.0686 
_pdbx_refine_tls.T[1][3]          -0.0228 
_pdbx_refine_tls.T[2][3]          -0.0084 
_pdbx_refine_tls.L[1][1]          0.4205 
_pdbx_refine_tls.L[2][2]          1.1047 
_pdbx_refine_tls.L[3][3]          2.7994 
_pdbx_refine_tls.L[1][2]          0.3267 
_pdbx_refine_tls.L[1][3]          0.1902 
_pdbx_refine_tls.L[2][3]          1.6667 
_pdbx_refine_tls.S[1][1]          0.0545 
_pdbx_refine_tls.S[1][2]          0.0396 
_pdbx_refine_tls.S[1][3]          -0.0320 
_pdbx_refine_tls.S[2][1]          -0.0101 
_pdbx_refine_tls.S[2][2]          0.0332 
_pdbx_refine_tls.S[2][3]          -0.0273 
_pdbx_refine_tls.S[3][1]          0.1360 
_pdbx_refine_tls.S[3][2]          -0.0207 
_pdbx_refine_tls.S[3][3]          -0.0877 
_pdbx_refine_tls.pdbx_refine_id   'X-RAY DIFFRACTION' 
# 
loop_
_pdbx_refine_tls_group.id 
_pdbx_refine_tls_group.refine_tls_id 
_pdbx_refine_tls_group.beg_auth_asym_id 
_pdbx_refine_tls_group.beg_auth_seq_id 
_pdbx_refine_tls_group.beg_label_asym_id 
_pdbx_refine_tls_group.beg_label_seq_id 
_pdbx_refine_tls_group.end_auth_asym_id 
_pdbx_refine_tls_group.end_auth_seq_id 
_pdbx_refine_tls_group.end_label_asym_id 
_pdbx_refine_tls_group.end_label_seq_id 
_pdbx_refine_tls_group.selection 
_pdbx_refine_tls_group.pdbx_refine_id 
_pdbx_refine_tls_group.selection_details 
1 1 A 1  A 1  A 30  A 30 ? 'X-RAY DIFFRACTION' ? 
2 1 A 31 A 31 A 60  A 60 ? 'X-RAY DIFFRACTION' ? 
3 1 A 61 A 61 A 76  A 76 ? 'X-RAY DIFFRACTION' ? 
4 1 A 79 B 1  A 138 B 60 ? 'X-RAY DIFFRACTION' ? 
# 
loop_
_pdbx_unobs_or_zero_occ_residues.id 
_pdbx_unobs_or_zero_occ_residues.PDB_model_num 
_pdbx_unobs_or_zero_occ_residues.polymer_flag 
_pdbx_unobs_or_zero_occ_residues.occupancy_flag 
_pdbx_unobs_or_zero_occ_residues.auth_asym_id 
_pdbx_unobs_or_zero_occ_residues.auth_comp_id 
_pdbx_unobs_or_zero_occ_residues.auth_seq_id 
_pdbx_unobs_or_zero_occ_residues.PDB_ins_code 
_pdbx_unobs_or_zero_occ_residues.label_asym_id 
_pdbx_unobs_or_zero_occ_residues.label_comp_id 
_pdbx_unobs_or_zero_occ_residues.label_seq_id 
1 1 Y 1 A GLU 77 ? A GLU 77 
2 1 Y 1 A LYS 78 ? A LYS 78 
# 
loop_
_chem_comp_atom.comp_id 
_chem_comp_atom.atom_id 
_chem_comp_atom.type_symbol 
_chem_comp_atom.pdbx_aromatic_flag 
_chem_comp_atom.pdbx_stereo_config 
_chem_comp_atom.pdbx_ordinal 
ALA N    N N N 1   
ALA CA   C N S 2   
ALA C    C N N 3   
ALA O    O N N 4   
ALA CB   C N N 5   
ALA OXT  O N N 6   
ALA H    H N N 7   
ALA H2   H N N 8   
ALA HA   H N N 9   
ALA HB1  H N N 10  
ALA HB2  H N N 11  
ALA HB3  H N N 12  
ALA HXT  H N N 13  
ARG N    N N N 14  
ARG CA   C N S 15  
ARG C    C N N 16  
ARG O    O N N 17  
ARG CB   C N N 18  
ARG CG   C N N 19  
ARG CD   C N N 20  
ARG NE   N N N 21  
ARG CZ   C N N 22  
ARG NH1  N N N 23  
ARG NH2  N N N 24  
ARG OXT  O N N 25  
ARG H    H N N 26  
ARG H2   H N N 27  
ARG HA   H N N 28  
ARG HB2  H N N 29  
ARG HB3  H N N 30  
ARG HG2  H N N 31  
ARG HG3  H N N 32  
ARG HD2  H N N 33  
ARG HD3  H N N 34  
ARG HE   H N N 35  
ARG HH11 H N N 36  
ARG HH12 H N N 37  
ARG HH21 H N N 38  
ARG HH22 H N N 39  
ARG HXT  H N N 40  
ASN N    N N N 41  
ASN CA   C N S 42  
ASN C    C N N 43  
ASN O    O N N 44  
ASN CB   C N N 45  
ASN CG   C N N 46  
ASN OD1  O N N 47  
ASN ND2  N N N 48  
ASN OXT  O N N 49  
ASN H    H N N 50  
ASN H2   H N N 51  
ASN HA   H N N 52  
ASN HB2  H N N 53  
ASN HB3  H N N 54  
ASN HD21 H N N 55  
ASN HD22 H N N 56  
ASN HXT  H N N 57  
ASP N    N N N 58  
ASP CA   C N S 59  
ASP C    C N N 60  
ASP O    O N N 61  
ASP CB   C N N 62  
ASP CG   C N N 63  
ASP OD1  O N N 64  
ASP OD2  O N N 65  
ASP OXT  O N N 66  
ASP H    H N N 67  
ASP H2   H N N 68  
ASP HA   H N N 69  
ASP HB2  H N N 70  
ASP HB3  H N N 71  
ASP HD2  H N N 72  
ASP HXT  H N N 73  
CYS N    N N N 74  
CYS CA   C N R 75  
CYS C    C N N 76  
CYS O    O N N 77  
CYS CB   C N N 78  
CYS SG   S N N 79  
CYS OXT  O N N 80  
CYS H    H N N 81  
CYS H2   H N N 82  
CYS HA   H N N 83  
CYS HB2  H N N 84  
CYS HB3  H N N 85  
CYS HG   H N N 86  
CYS HXT  H N N 87  
GLN N    N N N 88  
GLN CA   C N S 89  
GLN C    C N N 90  
GLN O    O N N 91  
GLN CB   C N N 92  
GLN CG   C N N 93  
GLN CD   C N N 94  
GLN OE1  O N N 95  
GLN NE2  N N N 96  
GLN OXT  O N N 97  
GLN H    H N N 98  
GLN H2   H N N 99  
GLN HA   H N N 100 
GLN HB2  H N N 101 
GLN HB3  H N N 102 
GLN HG2  H N N 103 
GLN HG3  H N N 104 
GLN HE21 H N N 105 
GLN HE22 H N N 106 
GLN HXT  H N N 107 
GLU N    N N N 108 
GLU CA   C N S 109 
GLU C    C N N 110 
GLU O    O N N 111 
GLU CB   C N N 112 
GLU CG   C N N 113 
GLU CD   C N N 114 
GLU OE1  O N N 115 
GLU OE2  O N N 116 
GLU OXT  O N N 117 
GLU H    H N N 118 
GLU H2   H N N 119 
GLU HA   H N N 120 
GLU HB2  H N N 121 
GLU HB3  H N N 122 
GLU HG2  H N N 123 
GLU HG3  H N N 124 
GLU HE2  H N N 125 
GLU HXT  H N N 126 
GLY N    N N N 127 
GLY CA   C N N 128 
GLY C    C N N 129 
GLY O    O N N 130 
GLY OXT  O N N 131 
GLY H    H N N 132 
GLY H2   H N N 133 
GLY HA2  H N N 134 
GLY HA3  H N N 135 
GLY HXT  H N N 136 
HIS N    N N N 137 
HIS CA   C N S 138 
HIS C    C N N 139 
HIS O    O N N 140 
HIS CB   C N N 141 
HIS CG   C Y N 142 
HIS ND1  N Y N 143 
HIS CD2  C Y N 144 
HIS CE1  C Y N 145 
HIS NE2  N Y N 146 
HIS OXT  O N N 147 
HIS H    H N N 148 
HIS H2   H N N 149 
HIS HA   H N N 150 
HIS HB2  H N N 151 
HIS HB3  H N N 152 
HIS HD1  H N N 153 
HIS HD2  H N N 154 
HIS HE1  H N N 155 
HIS HE2  H N N 156 
HIS HXT  H N N 157 
HOH O    O N N 158 
HOH H1   H N N 159 
HOH H2   H N N 160 
ILE N    N N N 161 
ILE CA   C N S 162 
ILE C    C N N 163 
ILE O    O N N 164 
ILE CB   C N S 165 
ILE CG1  C N N 166 
ILE CG2  C N N 167 
ILE CD1  C N N 168 
ILE OXT  O N N 169 
ILE H    H N N 170 
ILE H2   H N N 171 
ILE HA   H N N 172 
ILE HB   H N N 173 
ILE HG12 H N N 174 
ILE HG13 H N N 175 
ILE HG21 H N N 176 
ILE HG22 H N N 177 
ILE HG23 H N N 178 
ILE HD11 H N N 179 
ILE HD12 H N N 180 
ILE HD13 H N N 181 
ILE HXT  H N N 182 
LEU N    N N N 183 
LEU CA   C N S 184 
LEU C    C N N 185 
LEU O    O N N 186 
LEU CB   C N N 187 
LEU CG   C N N 188 
LEU CD1  C N N 189 
LEU CD2  C N N 190 
LEU OXT  O N N 191 
LEU H    H N N 192 
LEU H2   H N N 193 
LEU HA   H N N 194 
LEU HB2  H N N 195 
LEU HB3  H N N 196 
LEU HG   H N N 197 
LEU HD11 H N N 198 
LEU HD12 H N N 199 
LEU HD13 H N N 200 
LEU HD21 H N N 201 
LEU HD22 H N N 202 
LEU HD23 H N N 203 
LEU HXT  H N N 204 
LYS N    N N N 205 
LYS CA   C N S 206 
LYS C    C N N 207 
LYS O    O N N 208 
LYS CB   C N N 209 
LYS CG   C N N 210 
LYS CD   C N N 211 
LYS CE   C N N 212 
LYS NZ   N N N 213 
LYS OXT  O N N 214 
LYS H    H N N 215 
LYS H2   H N N 216 
LYS HA   H N N 217 
LYS HB2  H N N 218 
LYS HB3  H N N 219 
LYS HG2  H N N 220 
LYS HG3  H N N 221 
LYS HD2  H N N 222 
LYS HD3  H N N 223 
LYS HE2  H N N 224 
LYS HE3  H N N 225 
LYS HZ1  H N N 226 
LYS HZ2  H N N 227 
LYS HZ3  H N N 228 
LYS HXT  H N N 229 
MET N    N N N 230 
MET CA   C N S 231 
MET C    C N N 232 
MET O    O N N 233 
MET CB   C N N 234 
MET CG   C N N 235 
MET SD   S N N 236 
MET CE   C N N 237 
MET OXT  O N N 238 
MET H    H N N 239 
MET H2   H N N 240 
MET HA   H N N 241 
MET HB2  H N N 242 
MET HB3  H N N 243 
MET HG2  H N N 244 
MET HG3  H N N 245 
MET HE1  H N N 246 
MET HE2  H N N 247 
MET HE3  H N N 248 
MET HXT  H N N 249 
PHE N    N N N 250 
PHE CA   C N S 251 
PHE C    C N N 252 
PHE O    O N N 253 
PHE CB   C N N 254 
PHE CG   C Y N 255 
PHE CD1  C Y N 256 
PHE CD2  C Y N 257 
PHE CE1  C Y N 258 
PHE CE2  C Y N 259 
PHE CZ   C Y N 260 
PHE OXT  O N N 261 
PHE H    H N N 262 
PHE H2   H N N 263 
PHE HA   H N N 264 
PHE HB2  H N N 265 
PHE HB3  H N N 266 
PHE HD1  H N N 267 
PHE HD2  H N N 268 
PHE HE1  H N N 269 
PHE HE2  H N N 270 
PHE HZ   H N N 271 
PHE HXT  H N N 272 
PRO N    N N N 273 
PRO CA   C N S 274 
PRO C    C N N 275 
PRO O    O N N 276 
PRO CB   C N N 277 
PRO CG   C N N 278 
PRO CD   C N N 279 
PRO OXT  O N N 280 
PRO H    H N N 281 
PRO HA   H N N 282 
PRO HB2  H N N 283 
PRO HB3  H N N 284 
PRO HG2  H N N 285 
PRO HG3  H N N 286 
PRO HD2  H N N 287 
PRO HD3  H N N 288 
PRO HXT  H N N 289 
SER N    N N N 290 
SER CA   C N S 291 
SER C    C N N 292 
SER O    O N N 293 
SER CB   C N N 294 
SER OG   O N N 295 
SER OXT  O N N 296 
SER H    H N N 297 
SER H2   H N N 298 
SER HA   H N N 299 
SER HB2  H N N 300 
SER HB3  H N N 301 
SER HG   H N N 302 
SER HXT  H N N 303 
THR N    N N N 304 
THR CA   C N S 305 
THR C    C N N 306 
THR O    O N N 307 
THR CB   C N R 308 
THR OG1  O N N 309 
THR CG2  C N N 310 
THR OXT  O N N 311 
THR H    H N N 312 
THR H2   H N N 313 
THR HA   H N N 314 
THR HB   H N N 315 
THR HG1  H N N 316 
THR HG21 H N N 317 
THR HG22 H N N 318 
THR HG23 H N N 319 
THR HXT  H N N 320 
TYR N    N N N 321 
TYR CA   C N S 322 
TYR C    C N N 323 
TYR O    O N N 324 
TYR CB   C N N 325 
TYR CG   C Y N 326 
TYR CD1  C Y N 327 
TYR CD2  C Y N 328 
TYR CE1  C Y N 329 
TYR CE2  C Y N 330 
TYR CZ   C Y N 331 
TYR OH   O N N 332 
TYR OXT  O N N 333 
TYR H    H N N 334 
TYR H2   H N N 335 
TYR HA   H N N 336 
TYR HB2  H N N 337 
TYR HB3  H N N 338 
TYR HD1  H N N 339 
TYR HD2  H N N 340 
TYR HE1  H N N 341 
TYR HE2  H N N 342 
TYR HH   H N N 343 
TYR HXT  H N N 344 
VAL N    N N N 345 
VAL CA   C N S 346 
VAL C    C N N 347 
VAL O    O N N 348 
VAL CB   C N N 349 
VAL CG1  C N N 350 
VAL CG2  C N N 351 
VAL OXT  O N N 352 
VAL H    H N N 353 
VAL H2   H N N 354 
VAL HA   H N N 355 
VAL HB   H N N 356 
VAL HG11 H N N 357 
VAL HG12 H N N 358 
VAL HG13 H N N 359 
VAL HG21 H N N 360 
VAL HG22 H N N 361 
VAL HG23 H N N 362 
VAL HXT  H N N 363 
# 
loop_
_chem_comp_bond.comp_id 
_chem_comp_bond.atom_id_1 
_chem_comp_bond.atom_id_2 
_chem_comp_bond.value_order 
_chem_comp_bond.pdbx_aromatic_flag 
_chem_comp_bond.pdbx_stereo_config 
_chem_comp_bond.pdbx_ordinal 
ALA N   CA   sing N N 1   
ALA N   H    sing N N 2   
ALA N   H2   sing N N 3   
ALA CA  C    sing N N 4   
ALA CA  CB   sing N N 5   
ALA CA  HA   sing N N 6   
ALA C   O    doub N N 7   
ALA C   OXT  sing N N 8   
ALA CB  HB1  sing N N 9   
ALA CB  HB2  sing N N 10  
ALA CB  HB3  sing N N 11  
ALA OXT HXT  sing N N 12  
ARG N   CA   sing N N 13  
ARG N   H    sing N N 14  
ARG N   H2   sing N N 15  
ARG CA  C    sing N N 16  
ARG CA  CB   sing N N 17  
ARG CA  HA   sing N N 18  
ARG C   O    doub N N 19  
ARG C   OXT  sing N N 20  
ARG CB  CG   sing N N 21  
ARG CB  HB2  sing N N 22  
ARG CB  HB3  sing N N 23  
ARG CG  CD   sing N N 24  
ARG CG  HG2  sing N N 25  
ARG CG  HG3  sing N N 26  
ARG CD  NE   sing N N 27  
ARG CD  HD2  sing N N 28  
ARG CD  HD3  sing N N 29  
ARG NE  CZ   sing N N 30  
ARG NE  HE   sing N N 31  
ARG CZ  NH1  sing N N 32  
ARG CZ  NH2  doub N N 33  
ARG NH1 HH11 sing N N 34  
ARG NH1 HH12 sing N N 35  
ARG NH2 HH21 sing N N 36  
ARG NH2 HH22 sing N N 37  
ARG OXT HXT  sing N N 38  
ASN N   CA   sing N N 39  
ASN N   H    sing N N 40  
ASN N   H2   sing N N 41  
ASN CA  C    sing N N 42  
ASN CA  CB   sing N N 43  
ASN CA  HA   sing N N 44  
ASN C   O    doub N N 45  
ASN C   OXT  sing N N 46  
ASN CB  CG   sing N N 47  
ASN CB  HB2  sing N N 48  
ASN CB  HB3  sing N N 49  
ASN CG  OD1  doub N N 50  
ASN CG  ND2  sing N N 51  
ASN ND2 HD21 sing N N 52  
ASN ND2 HD22 sing N N 53  
ASN OXT HXT  sing N N 54  
ASP N   CA   sing N N 55  
ASP N   H    sing N N 56  
ASP N   H2   sing N N 57  
ASP CA  C    sing N N 58  
ASP CA  CB   sing N N 59  
ASP CA  HA   sing N N 60  
ASP C   O    doub N N 61  
ASP C   OXT  sing N N 62  
ASP CB  CG   sing N N 63  
ASP CB  HB2  sing N N 64  
ASP CB  HB3  sing N N 65  
ASP CG  OD1  doub N N 66  
ASP CG  OD2  sing N N 67  
ASP OD2 HD2  sing N N 68  
ASP OXT HXT  sing N N 69  
CYS N   CA   sing N N 70  
CYS N   H    sing N N 71  
CYS N   H2   sing N N 72  
CYS CA  C    sing N N 73  
CYS CA  CB   sing N N 74  
CYS CA  HA   sing N N 75  
CYS C   O    doub N N 76  
CYS C   OXT  sing N N 77  
CYS CB  SG   sing N N 78  
CYS CB  HB2  sing N N 79  
CYS CB  HB3  sing N N 80  
CYS SG  HG   sing N N 81  
CYS OXT HXT  sing N N 82  
GLN N   CA   sing N N 83  
GLN N   H    sing N N 84  
GLN N   H2   sing N N 85  
GLN CA  C    sing N N 86  
GLN CA  CB   sing N N 87  
GLN CA  HA   sing N N 88  
GLN C   O    doub N N 89  
GLN C   OXT  sing N N 90  
GLN CB  CG   sing N N 91  
GLN CB  HB2  sing N N 92  
GLN CB  HB3  sing N N 93  
GLN CG  CD   sing N N 94  
GLN CG  HG2  sing N N 95  
GLN CG  HG3  sing N N 96  
GLN CD  OE1  doub N N 97  
GLN CD  NE2  sing N N 98  
GLN NE2 HE21 sing N N 99  
GLN NE2 HE22 sing N N 100 
GLN OXT HXT  sing N N 101 
GLU N   CA   sing N N 102 
GLU N   H    sing N N 103 
GLU N   H2   sing N N 104 
GLU CA  C    sing N N 105 
GLU CA  CB   sing N N 106 
GLU CA  HA   sing N N 107 
GLU C   O    doub N N 108 
GLU C   OXT  sing N N 109 
GLU CB  CG   sing N N 110 
GLU CB  HB2  sing N N 111 
GLU CB  HB3  sing N N 112 
GLU CG  CD   sing N N 113 
GLU CG  HG2  sing N N 114 
GLU CG  HG3  sing N N 115 
GLU CD  OE1  doub N N 116 
GLU CD  OE2  sing N N 117 
GLU OE2 HE2  sing N N 118 
GLU OXT HXT  sing N N 119 
GLY N   CA   sing N N 120 
GLY N   H    sing N N 121 
GLY N   H2   sing N N 122 
GLY CA  C    sing N N 123 
GLY CA  HA2  sing N N 124 
GLY CA  HA3  sing N N 125 
GLY C   O    doub N N 126 
GLY C   OXT  sing N N 127 
GLY OXT HXT  sing N N 128 
HIS N   CA   sing N N 129 
HIS N   H    sing N N 130 
HIS N   H2   sing N N 131 
HIS CA  C    sing N N 132 
HIS CA  CB   sing N N 133 
HIS CA  HA   sing N N 134 
HIS C   O    doub N N 135 
HIS C   OXT  sing N N 136 
HIS CB  CG   sing N N 137 
HIS CB  HB2  sing N N 138 
HIS CB  HB3  sing N N 139 
HIS CG  ND1  sing Y N 140 
HIS CG  CD2  doub Y N 141 
HIS ND1 CE1  doub Y N 142 
HIS ND1 HD1  sing N N 143 
HIS CD2 NE2  sing Y N 144 
HIS CD2 HD2  sing N N 145 
HIS CE1 NE2  sing Y N 146 
HIS CE1 HE1  sing N N 147 
HIS NE2 HE2  sing N N 148 
HIS OXT HXT  sing N N 149 
HOH O   H1   sing N N 150 
HOH O   H2   sing N N 151 
ILE N   CA   sing N N 152 
ILE N   H    sing N N 153 
ILE N   H2   sing N N 154 
ILE CA  C    sing N N 155 
ILE CA  CB   sing N N 156 
ILE CA  HA   sing N N 157 
ILE C   O    doub N N 158 
ILE C   OXT  sing N N 159 
ILE CB  CG1  sing N N 160 
ILE CB  CG2  sing N N 161 
ILE CB  HB   sing N N 162 
ILE CG1 CD1  sing N N 163 
ILE CG1 HG12 sing N N 164 
ILE CG1 HG13 sing N N 165 
ILE CG2 HG21 sing N N 166 
ILE CG2 HG22 sing N N 167 
ILE CG2 HG23 sing N N 168 
ILE CD1 HD11 sing N N 169 
ILE CD1 HD12 sing N N 170 
ILE CD1 HD13 sing N N 171 
ILE OXT HXT  sing N N 172 
LEU N   CA   sing N N 173 
LEU N   H    sing N N 174 
LEU N   H2   sing N N 175 
LEU CA  C    sing N N 176 
LEU CA  CB   sing N N 177 
LEU CA  HA   sing N N 178 
LEU C   O    doub N N 179 
LEU C   OXT  sing N N 180 
LEU CB  CG   sing N N 181 
LEU CB  HB2  sing N N 182 
LEU CB  HB3  sing N N 183 
LEU CG  CD1  sing N N 184 
LEU CG  CD2  sing N N 185 
LEU CG  HG   sing N N 186 
LEU CD1 HD11 sing N N 187 
LEU CD1 HD12 sing N N 188 
LEU CD1 HD13 sing N N 189 
LEU CD2 HD21 sing N N 190 
LEU CD2 HD22 sing N N 191 
LEU CD2 HD23 sing N N 192 
LEU OXT HXT  sing N N 193 
LYS N   CA   sing N N 194 
LYS N   H    sing N N 195 
LYS N   H2   sing N N 196 
LYS CA  C    sing N N 197 
LYS CA  CB   sing N N 198 
LYS CA  HA   sing N N 199 
LYS C   O    doub N N 200 
LYS C   OXT  sing N N 201 
LYS CB  CG   sing N N 202 
LYS CB  HB2  sing N N 203 
LYS CB  HB3  sing N N 204 
LYS CG  CD   sing N N 205 
LYS CG  HG2  sing N N 206 
LYS CG  HG3  sing N N 207 
LYS CD  CE   sing N N 208 
LYS CD  HD2  sing N N 209 
LYS CD  HD3  sing N N 210 
LYS CE  NZ   sing N N 211 
LYS CE  HE2  sing N N 212 
LYS CE  HE3  sing N N 213 
LYS NZ  HZ1  sing N N 214 
LYS NZ  HZ2  sing N N 215 
LYS NZ  HZ3  sing N N 216 
LYS OXT HXT  sing N N 217 
MET N   CA   sing N N 218 
MET N   H    sing N N 219 
MET N   H2   sing N N 220 
MET CA  C    sing N N 221 
MET CA  CB   sing N N 222 
MET CA  HA   sing N N 223 
MET C   O    doub N N 224 
MET C   OXT  sing N N 225 
MET CB  CG   sing N N 226 
MET CB  HB2  sing N N 227 
MET CB  HB3  sing N N 228 
MET CG  SD   sing N N 229 
MET CG  HG2  sing N N 230 
MET CG  HG3  sing N N 231 
MET SD  CE   sing N N 232 
MET CE  HE1  sing N N 233 
MET CE  HE2  sing N N 234 
MET CE  HE3  sing N N 235 
MET OXT HXT  sing N N 236 
PHE N   CA   sing N N 237 
PHE N   H    sing N N 238 
PHE N   H2   sing N N 239 
PHE CA  C    sing N N 240 
PHE CA  CB   sing N N 241 
PHE CA  HA   sing N N 242 
PHE C   O    doub N N 243 
PHE C   OXT  sing N N 244 
PHE CB  CG   sing N N 245 
PHE CB  HB2  sing N N 246 
PHE CB  HB3  sing N N 247 
PHE CG  CD1  doub Y N 248 
PHE CG  CD2  sing Y N 249 
PHE CD1 CE1  sing Y N 250 
PHE CD1 HD1  sing N N 251 
PHE CD2 CE2  doub Y N 252 
PHE CD2 HD2  sing N N 253 
PHE CE1 CZ   doub Y N 254 
PHE CE1 HE1  sing N N 255 
PHE CE2 CZ   sing Y N 256 
PHE CE2 HE2  sing N N 257 
PHE CZ  HZ   sing N N 258 
PHE OXT HXT  sing N N 259 
PRO N   CA   sing N N 260 
PRO N   CD   sing N N 261 
PRO N   H    sing N N 262 
PRO CA  C    sing N N 263 
PRO CA  CB   sing N N 264 
PRO CA  HA   sing N N 265 
PRO C   O    doub N N 266 
PRO C   OXT  sing N N 267 
PRO CB  CG   sing N N 268 
PRO CB  HB2  sing N N 269 
PRO CB  HB3  sing N N 270 
PRO CG  CD   sing N N 271 
PRO CG  HG2  sing N N 272 
PRO CG  HG3  sing N N 273 
PRO CD  HD2  sing N N 274 
PRO CD  HD3  sing N N 275 
PRO OXT HXT  sing N N 276 
SER N   CA   sing N N 277 
SER N   H    sing N N 278 
SER N   H2   sing N N 279 
SER CA  C    sing N N 280 
SER CA  CB   sing N N 281 
SER CA  HA   sing N N 282 
SER C   O    doub N N 283 
SER C   OXT  sing N N 284 
SER CB  OG   sing N N 285 
SER CB  HB2  sing N N 286 
SER CB  HB3  sing N N 287 
SER OG  HG   sing N N 288 
SER OXT HXT  sing N N 289 
THR N   CA   sing N N 290 
THR N   H    sing N N 291 
THR N   H2   sing N N 292 
THR CA  C    sing N N 293 
THR CA  CB   sing N N 294 
THR CA  HA   sing N N 295 
THR C   O    doub N N 296 
THR C   OXT  sing N N 297 
THR CB  OG1  sing N N 298 
THR CB  CG2  sing N N 299 
THR CB  HB   sing N N 300 
THR OG1 HG1  sing N N 301 
THR CG2 HG21 sing N N 302 
THR CG2 HG22 sing N N 303 
THR CG2 HG23 sing N N 304 
THR OXT HXT  sing N N 305 
TYR N   CA   sing N N 306 
TYR N   H    sing N N 307 
TYR N   H2   sing N N 308 
TYR CA  C    sing N N 309 
TYR CA  CB   sing N N 310 
TYR CA  HA   sing N N 311 
TYR C   O    doub N N 312 
TYR C   OXT  sing N N 313 
TYR CB  CG   sing N N 314 
TYR CB  HB2  sing N N 315 
TYR CB  HB3  sing N N 316 
TYR CG  CD1  doub Y N 317 
TYR CG  CD2  sing Y N 318 
TYR CD1 CE1  sing Y N 319 
TYR CD1 HD1  sing N N 320 
TYR CD2 CE2  doub Y N 321 
TYR CD2 HD2  sing N N 322 
TYR CE1 CZ   doub Y N 323 
TYR CE1 HE1  sing N N 324 
TYR CE2 CZ   sing Y N 325 
TYR CE2 HE2  sing N N 326 
TYR CZ  OH   sing N N 327 
TYR OH  HH   sing N N 328 
TYR OXT HXT  sing N N 329 
VAL N   CA   sing N N 330 
VAL N   H    sing N N 331 
VAL N   H2   sing N N 332 
VAL CA  C    sing N N 333 
VAL CA  CB   sing N N 334 
VAL CA  HA   sing N N 335 
VAL C   O    doub N N 336 
VAL C   OXT  sing N N 337 
VAL CB  CG1  sing N N 338 
VAL CB  CG2  sing N N 339 
VAL CB  HB   sing N N 340 
VAL CG1 HG11 sing N N 341 
VAL CG1 HG12 sing N N 342 
VAL CG1 HG13 sing N N 343 
VAL CG2 HG21 sing N N 344 
VAL CG2 HG22 sing N N 345 
VAL CG2 HG23 sing N N 346 
VAL OXT HXT  sing N N 347 
# 
_atom_sites.entry_id                    3B7H 
_atom_sites.fract_transf_matrix[1][1]   -0.01966239 
_atom_sites.fract_transf_matrix[1][2]   0.01144529 
_atom_sites.fract_transf_matrix[1][3]   0.00030789 
_atom_sites.fract_transf_matrix[2][1]   -0.00221870 
_atom_sites.fract_transf_matrix[2][2]   -0.00341678 
_atom_sites.fract_transf_matrix[2][3]   -0.01467709 
_atom_sites.fract_transf_matrix[3][1]   -0.01775986 
_atom_sites.fract_transf_matrix[3][2]   -0.03077542 
_atom_sites.fract_transf_matrix[3][3]   0.00984912 
_atom_sites.fract_transf_vector[1]      0.881796 
_atom_sites.fract_transf_vector[2]      0.126443 
_atom_sites.fract_transf_vector[3]      0.329063 
# 
loop_
_atom_type.symbol 
C 
N 
O 
S 
# 
loop_
_atom_site.group_PDB 
_atom_site.id 
_atom_site.type_symbol 
_atom_site.label_atom_id 
_atom_site.label_alt_id 
_atom_site.label_comp_id 
_atom_site.label_asym_id 
_atom_site.label_entity_id 
_atom_site.label_seq_id 
_atom_site.pdbx_PDB_ins_code 
_atom_site.Cartn_x 
_atom_site.Cartn_y 
_atom_site.Cartn_z 
_atom_site.occupancy 
_atom_site.B_iso_or_equiv 
_atom_site.pdbx_formal_charge 
_atom_site.auth_seq_id 
_atom_site.auth_comp_id 
_atom_site.auth_asym_id 
_atom_site.auth_atom_id 
_atom_site.pdbx_PDB_model_num 
ATOM   1   N N   . MET A 1 1  ? -17.281 6.057   -3.986  1.00 31.69  ? 1   MET A N   1 
ATOM   2   C CA  . MET A 1 1  ? -17.031 5.204   -5.182  1.00 31.21  ? 1   MET A CA  1 
ATOM   3   C C   . MET A 1 1  ? -15.791 4.316   -5.009  1.00 30.90  ? 1   MET A C   1 
ATOM   4   O O   . MET A 1 1  ? -15.681 3.273   -5.693  1.00 30.78  ? 1   MET A O   1 
ATOM   5   C CB  . MET A 1 1  ? -16.883 6.066   -6.446  1.00 31.68  ? 1   MET A CB  1 
ATOM   6   C CG  . MET A 1 1  ? -18.168 6.833   -6.828  1.00 31.72  ? 1   MET A CG  1 
ATOM   7   S SD  . MET A 1 1  ? -19.598 5.857   -7.405  1.00 29.66  ? 1   MET A SD  1 
ATOM   8   C CE  . MET A 1 1  ? -20.478 5.632   -5.826  1.00 28.28  ? 1   MET A CE  1 
ATOM   9   N N   . LYS A 1 2  ? -14.867 4.752   -4.142  1.00 29.30  ? 2   LYS A N   1 
ATOM   10  C CA  . LYS A 1 2  ? -13.677 3.958   -3.768  1.00 28.67  ? 2   LYS A CA  1 
ATOM   11  C C   . LYS A 1 2  ? -13.533 3.879   -2.252  1.00 26.51  ? 2   LYS A C   1 
ATOM   12  O O   . LYS A 1 2  ? -13.654 4.872   -1.560  1.00 25.44  ? 2   LYS A O   1 
ATOM   13  C CB  . LYS A 1 2  ? -12.388 4.582   -4.307  1.00 29.05  ? 2   LYS A CB  1 
ATOM   14  C CG  . LYS A 1 2  ? -12.077 4.350   -5.744  1.00 30.50  ? 2   LYS A CG  1 
ATOM   15  C CD  . LYS A 1 2  ? -10.737 5.027   -6.054  1.00 31.10  ? 2   LYS A CD  1 
ATOM   16  C CE  . LYS A 1 2  ? -10.395 4.944   -7.543  1.00 33.31  ? 2   LYS A CE  1 
ATOM   17  N NZ  . LYS A 1 2  ? -9.148  5.698   -7.883  1.00 34.98  ? 2   LYS A NZ  1 
ATOM   18  N N   . THR A 1 3  ? -13.237 2.691   -1.757  1.00 25.39  ? 3   THR A N   1 
ATOM   19  C CA  . THR A 1 3  ? -12.931 2.476   -0.363  1.00 24.55  ? 3   THR A CA  1 
ATOM   20  C C   . THR A 1 3  ? -11.536 2.998   -0.050  1.00 23.22  ? 3   THR A C   1 
ATOM   21  O O   . THR A 1 3  ? -10.761 3.284   -0.950  1.00 22.05  ? 3   THR A O   1 
ATOM   22  C CB  . THR A 1 3  ? -12.994 0.990   -0.008  1.00 24.74  ? 3   THR A CB  1 
ATOM   23  O OG1 . THR A 1 3  ? -11.903 0.292   -0.620  1.00 25.45  ? 3   THR A OG1 1 
ATOM   24  C CG2 . THR A 1 3  ? -14.319 0.382   -0.459  1.00 24.88  ? 3   THR A CG2 1 
ATOM   25  N N   . ASP A 1 4  ? -11.228 3.135   1.231   1.00 22.77  ? 4   ASP A N   1 
ATOM   26  C CA  . ASP A 1 4  ? -9.893  3.538   1.642   1.00 22.32  ? 4   ASP A CA  1 
ATOM   27  C C   . ASP A 1 4  ? -8.889  2.482   1.216   1.00 21.87  ? 4   ASP A C   1 
ATOM   28  O O   . ASP A 1 4  ? -7.844  2.816   0.704   1.00 20.97  ? 4   ASP A O   1 
ATOM   29  C CB  . ASP A 1 4  ? -9.791  3.764   3.154   1.00 22.49  ? 4   ASP A CB  1 
ATOM   30  C CG  . ASP A 1 4  ? -10.482 5.029   3.616   1.00 22.58  ? 4   ASP A CG  1 
ATOM   31  O OD1 . ASP A 1 4  ? -10.067 6.144   3.245   1.00 24.64  ? 4   ASP A OD1 1 
ATOM   32  O OD2 . ASP A 1 4  ? -11.429 4.902   4.394   1.00 23.40  ? 4   ASP A OD2 1 
ATOM   33  N N   . GLY A 1 5  ? -9.213  1.204   1.404   1.00 21.83  ? 5   GLY A N   1 
ATOM   34  C CA  . GLY A 1 5  ? -8.382  0.125   0.862   1.00 21.88  ? 5   GLY A CA  1 
ATOM   35  C C   . GLY A 1 5  ? -8.051  0.229   -0.616  1.00 21.48  ? 5   GLY A C   1 
ATOM   36  O O   . GLY A 1 5  ? -6.936  -0.057  -1.037  1.00 21.67  ? 5   GLY A O   1 
ATOM   37  N N   . GLU A 1 6  ? -9.025  0.626   -1.412  1.00 21.61  ? 6   GLU A N   1 
ATOM   38  C CA  . GLU A 1 6  ? -8.823  0.882   -2.834  1.00 21.56  ? 6   GLU A CA  1 
ATOM   39  C C   . GLU A 1 6  ? -7.941  2.109   -3.096  1.00 21.54  ? 6   GLU A C   1 
ATOM   40  O O   . GLU A 1 6  ? -7.005  2.057   -3.907  1.00 21.42  ? 6   GLU A O   1 
ATOM   41  C CB  . GLU A 1 6  ? -10.190 0.986   -3.529  1.00 21.73  ? 6   GLU A CB  1 
ATOM   42  C CG  . GLU A 1 6  ? -10.837 -0.368  -3.595  1.00 22.69  ? 6   GLU A CG  1 
ATOM   43  C CD  . GLU A 1 6  ? -12.302 -0.379  -4.031  1.00 23.17  ? 6   GLU A CD  1 
ATOM   44  O OE1 . GLU A 1 6  ? -13.046 0.612   -3.804  1.00 23.83  ? 6   GLU A OE1 1 
ATOM   45  O OE2 . GLU A 1 6  ? -12.698 -1.422  -4.598  1.00 26.67  ? 6   GLU A OE2 1 
ATOM   46  N N   . PHE A 1 7  ? -8.188  3.212   -2.408  1.00 20.86  ? 7   PHE A N   1 
ATOM   47  C CA  . PHE A 1 7  ? -7.310  4.365   -2.590  1.00 21.13  ? 7   PHE A CA  1 
ATOM   48  C C   . PHE A 1 7  ? -5.875  4.000   -2.236  1.00 21.00  ? 7   PHE A C   1 
ATOM   49  O O   . PHE A 1 7  ? -4.944  4.299   -2.986  1.00 20.97  ? 7   PHE A O   1 
ATOM   50  C CB  . PHE A 1 7  ? -7.717  5.545   -1.712  1.00 21.44  ? 7   PHE A CB  1 
ATOM   51  C CG  . PHE A 1 7  ? -8.819  6.388   -2.274  1.00 20.87  ? 7   PHE A CG  1 
ATOM   52  C CD1 . PHE A 1 7  ? -8.680  7.001   -3.486  1.00 21.60  ? 7   PHE A CD1 1 
ATOM   53  C CD2 . PHE A 1 7  ? -9.981  6.589   -1.562  1.00 22.29  ? 7   PHE A CD2 1 
ATOM   54  C CE1 . PHE A 1 7  ? -9.680  7.805   -3.997  1.00 23.23  ? 7   PHE A CE1 1 
ATOM   55  C CE2 . PHE A 1 7  ? -11.013 7.389   -2.080  1.00 23.00  ? 7   PHE A CE2 1 
ATOM   56  C CZ  . PHE A 1 7  ? -10.848 8.001   -3.282  1.00 22.68  ? 7   PHE A CZ  1 
ATOM   57  N N   . VAL A 1 8  ? -5.706  3.345   -1.099  1.00 20.97  ? 8   VAL A N   1 
ATOM   58  C CA  . VAL A 1 8  ? -4.378  3.030   -0.607  1.00 21.10  ? 8   VAL A CA  1 
ATOM   59  C C   . VAL A 1 8  ? -3.659  2.012   -1.491  1.00 21.05  ? 8   VAL A C   1 
ATOM   60  O O   . VAL A 1 8  ? -2.485  2.178   -1.832  1.00 21.24  ? 8   VAL A O   1 
ATOM   61  C CB  . VAL A 1 8  ? -4.442  2.552   0.883   1.00 21.10  ? 8   VAL A CB  1 
ATOM   62  C CG1 . VAL A 1 8  ? -3.148  1.859   1.297   1.00 19.84  ? 8   VAL A CG1 1 
ATOM   63  C CG2 . VAL A 1 8  ? -4.750  3.762   1.791   1.00 20.55  ? 8   VAL A CG2 1 
ATOM   64  N N   . SER A 1 9  ? -4.353  0.940   -1.854  1.00 21.42  ? 9   SER A N   1 
ATOM   65  C CA  . SER A 1 9  ? -3.724  -0.107  -2.616  1.00 21.85  ? 9   SER A CA  1 
ATOM   66  C C   . SER A 1 9  ? -3.393  0.373   -4.022  1.00 22.51  ? 9   SER A C   1 
ATOM   67  O O   . SER A 1 9  ? -2.343  0.020   -4.562  1.00 22.87  ? 9   SER A O   1 
ATOM   68  C CB  . SER A 1 9  ? -4.584  -1.382  -2.596  1.00 22.35  ? 9   SER A CB  1 
ATOM   69  O OG  . SER A 1 9  ? -5.853  -1.160  -3.173  1.00 22.47  ? 9   SER A OG  1 
ATOM   70  N N   . GLU A 1 10 ? -4.245  1.218   -4.612  1.00 22.64  ? 10  GLU A N   1 
ATOM   71  C CA  . GLU A 1 10 ? -3.938  1.768   -5.921  1.00 23.35  ? 10  GLU A CA  1 
ATOM   72  C C   . GLU A 1 10 ? -2.722  2.685   -5.860  1.00 22.40  ? 10  GLU A C   1 
ATOM   73  O O   . GLU A 1 10 ? -1.880  2.667   -6.762  1.00 22.74  ? 10  GLU A O   1 
ATOM   74  C CB  . GLU A 1 10 ? -5.135  2.501   -6.526  1.00 23.62  ? 10  GLU A CB  1 
ATOM   75  C CG  . GLU A 1 10 ? -6.158  1.518   -7.027  1.00 27.38  ? 10  GLU A CG  1 
ATOM   76  C CD  . GLU A 1 10 ? -7.486  2.133   -7.506  1.00 28.56  ? 10  GLU A CD  1 
ATOM   77  O OE1 . GLU A 1 10 ? -7.534  3.364   -7.763  1.00 35.26  ? 10  GLU A OE1 1 
ATOM   78  O OE2 . GLU A 1 10 ? -8.474  1.334   -7.628  1.00 37.06  ? 10  GLU A OE2 1 
ATOM   79  N N   . HIS A 1 11 ? -2.605  3.474   -4.801  1.00 22.12  ? 11  HIS A N   1 
ATOM   80  C CA  . HIS A 1 11 ? -1.450  4.365   -4.672  1.00 21.90  ? 11  HIS A CA  1 
ATOM   81  C C   . HIS A 1 11 ? -0.179  3.553   -4.494  1.00 22.29  ? 11  HIS A C   1 
ATOM   82  O O   . HIS A 1 11 ? 0.867   3.830   -5.099  1.00 22.17  ? 11  HIS A O   1 
ATOM   83  C CB  . HIS A 1 11 ? -1.621  5.307   -3.469  1.00 22.25  ? 11  HIS A CB  1 
ATOM   84  C CG  . HIS A 1 11 ? -0.574  6.360   -3.394  1.00 21.02  ? 11  HIS A CG  1 
ATOM   85  N ND1 . HIS A 1 11 ? -0.365  7.262   -4.410  1.00 20.59  ? 11  HIS A ND1 1 
ATOM   86  C CD2 . HIS A 1 11 ? 0.349   6.635   -2.448  1.00 20.74  ? 11  HIS A CD2 1 
ATOM   87  C CE1 . HIS A 1 11 ? 0.632   8.061   -4.083  1.00 20.96  ? 11  HIS A CE1 1 
ATOM   88  N NE2 . HIS A 1 11 ? 1.075   7.705   -2.892  1.00 21.45  ? 11  HIS A NE2 1 
ATOM   89  N N   . LEU A 1 12 ? -0.283  2.563   -3.634  1.00 23.41  ? 12  LEU A N   1 
ATOM   90  C CA  . LEU A 1 12 ? 0.808   1.669   -3.371  1.00 24.87  ? 12  LEU A CA  1 
ATOM   91  C C   . LEU A 1 12 ? 1.281   0.990   -4.655  1.00 25.44  ? 12  LEU A C   1 
ATOM   92  O O   . LEU A 1 12 ? 2.473   0.966   -4.931  1.00 26.16  ? 12  LEU A O   1 
ATOM   93  C CB  . LEU A 1 12 ? 0.406   0.659   -2.313  1.00 24.97  ? 12  LEU A CB  1 
ATOM   94  C CG  . LEU A 1 12 ? 1.439   -0.447  -2.162  1.00 25.62  ? 12  LEU A CG  1 
ATOM   95  C CD1 . LEU A 1 12 ? 2.791   0.132   -1.748  1.00 27.43  ? 12  LEU A CD1 1 
ATOM   96  C CD2 . LEU A 1 12 ? 0.924   -1.419  -1.156  1.00 27.84  ? 12  LEU A CD2 1 
ATOM   97  N N   . MET A 1 13 ? 0.362   0.496   -5.472  1.00 25.77  ? 13  MET A N   1 
ATOM   98  C CA  . MET A 1 13 ? 0.733   -0.109  -6.736  1.00 26.28  ? 13  MET A CA  1 
ATOM   99  C C   . MET A 1 13 ? 1.408   0.896   -7.666  1.00 26.79  ? 13  MET A C   1 
ATOM   100 O O   . MET A 1 13 ? 2.359   0.549   -8.335  1.00 26.82  ? 13  MET A O   1 
ATOM   101 C CB  . MET A 1 13 ? -0.504  -0.741  -7.407  1.00 26.78  ? 13  MET A CB  1 
ATOM   102 C CG  . MET A 1 13 ? -0.220  -1.520  -8.690  1.00 26.57  ? 13  MET A CG  1 
ATOM   103 S SD  . MET A 1 13 ? 0.986   -2.850  -8.514  1.00 26.31  ? 13  MET A SD  1 
ATOM   104 C CE  . MET A 1 13 ? 0.499   -3.476  -6.969  1.00 27.01  ? 13  MET A CE  1 
ATOM   105 N N   . GLU A 1 14 ? 0.955   2.137   -7.701  1.00 27.02  ? 14  GLU A N   1 
ATOM   106 C CA  . GLU A 1 14 ? 1.654   3.151   -8.473  1.00 28.53  ? 14  GLU A CA  1 
ATOM   107 C C   . GLU A 1 14 ? 3.091   3.345   -8.026  1.00 27.23  ? 14  GLU A C   1 
ATOM   108 O O   . GLU A 1 14 ? 3.975   3.453   -8.851  1.00 27.05  ? 14  GLU A O   1 
ATOM   109 C CB  . GLU A 1 14 ? 1.006   4.503   -8.345  1.00 29.21  ? 14  GLU A CB  1 
ATOM   110 C CG  . GLU A 1 14 ? -0.365  4.689   -8.954  1.00 34.24  ? 14  GLU A CG  1 
ATOM   111 C CD  . GLU A 1 14 ? -0.916  6.120   -8.687  1.00 35.76  ? 14  GLU A CD  1 
ATOM   112 O OE1 . GLU A 1 14 ? -0.196  6.907   -7.982  1.00 45.52  ? 14  GLU A OE1 1 
ATOM   113 O OE2 . GLU A 1 14 ? -2.034  6.460   -9.208  1.00 43.34  ? 14  GLU A OE2 1 
ATOM   114 N N   . LEU A 1 15 ? 3.310   3.450   -6.724  1.00 26.51  ? 15  LEU A N   1 
ATOM   115 C CA  . LEU A 1 15 ? 4.655   3.623   -6.186  1.00 27.19  ? 15  LEU A CA  1 
ATOM   116 C C   . LEU A 1 15 ? 5.571   2.420   -6.402  1.00 27.82  ? 15  LEU A C   1 
ATOM   117 O O   . LEU A 1 15 ? 6.752   2.592   -6.701  1.00 27.90  ? 15  LEU A O   1 
ATOM   118 C CB  . LEU A 1 15 ? 4.628   3.947   -4.694  1.00 26.13  ? 15  LEU A CB  1 
ATOM   119 C CG  . LEU A 1 15 ? 3.978   5.244   -4.224  1.00 24.75  ? 15  LEU A CG  1 
ATOM   120 C CD1 . LEU A 1 15 ? 4.033   5.316   -2.703  1.00 22.94  ? 15  LEU A CD1 1 
ATOM   121 C CD2 . LEU A 1 15 ? 4.622   6.463   -4.858  1.00 25.24  ? 15  LEU A CD2 1 
ATOM   122 N N   . ILE A 1 16 ? 5.050   1.223   -6.189  1.00 28.69  ? 16  ILE A N   1 
ATOM   123 C CA  . ILE A 1 16 ? 5.772   -0.028  -6.460  1.00 29.46  ? 16  ILE A CA  1 
ATOM   124 C C   . ILE A 1 16 ? 6.221   -0.077  -7.911  1.00 30.58  ? 16  ILE A C   1 
ATOM   125 O O   . ILE A 1 16 ? 7.381   -0.386  -8.219  1.00 30.22  ? 16  ILE A O   1 
ATOM   126 C CB  . ILE A 1 16 ? 4.864   -1.233  -6.194  1.00 28.93  ? 16  ILE A CB  1 
ATOM   127 C CG1 . ILE A 1 16 ? 4.699   -1.461  -4.702  1.00 29.79  ? 16  ILE A CG1 1 
ATOM   128 C CG2 . ILE A 1 16 ? 5.405   -2.516  -6.822  1.00 30.20  ? 16  ILE A CG2 1 
ATOM   129 C CD1 . ILE A 1 16 ? 3.728   -2.621  -4.342  1.00 28.94  ? 16  ILE A CD1 1 
ATOM   130 N N   . THR A 1 17 ? 5.291   0.239   -8.803  1.00 32.29  ? 17  THR A N   1 
ATOM   131 C CA  . THR A 1 17 ? 5.532   0.212   -10.243 1.00 33.28  ? 17  THR A CA  1 
ATOM   132 C C   . THR A 1 17 ? 6.582   1.247   -10.675 1.00 35.12  ? 17  THR A C   1 
ATOM   133 O O   . THR A 1 17 ? 7.457   0.963   -11.508 1.00 35.48  ? 17  THR A O   1 
ATOM   134 C CB  . THR A 1 17 ? 4.203   0.432   -11.001 1.00 33.16  ? 17  THR A CB  1 
ATOM   135 O OG1 . THR A 1 17 ? 3.308   -0.625  -10.654 1.00 33.18  ? 17  THR A OG1 1 
ATOM   136 C CG2 . THR A 1 17 ? 4.403   0.403   -12.498 1.00 33.13  ? 17  THR A CG2 1 
ATOM   137 N N   . GLN A 1 18 ? 6.503   2.440   -10.102 1.00 35.78  ? 18  GLN A N   1 
ATOM   138 C CA  . GLN A 1 18 ? 7.545   3.455   -10.330 1.00 37.49  ? 18  GLN A CA  1 
ATOM   139 C C   . GLN A 1 18 ? 8.935   2.991   -9.880  1.00 37.21  ? 18  GLN A C   1 
ATOM   140 O O   . GLN A 1 18 ? 9.916   3.389   -10.468 1.00 37.67  ? 18  GLN A O   1 
ATOM   141 C CB  . GLN A 1 18 ? 7.171   4.790   -9.667  1.00 37.56  ? 18  GLN A CB  1 
ATOM   142 C CG  . GLN A 1 18 ? 5.961   5.460   -10.329 1.00 40.29  ? 18  GLN A CG  1 
ATOM   143 C CD  . GLN A 1 18 ? 5.527   6.762   -9.656  1.00 41.81  ? 18  GLN A CD  1 
ATOM   144 O OE1 . GLN A 1 18 ? 6.116   7.205   -8.642  1.00 45.02  ? 18  GLN A OE1 1 
ATOM   145 N NE2 . GLN A 1 18 ? 4.481   7.398   -10.232 1.00 48.11  ? 18  GLN A NE2 1 
ATOM   146 N N   . GLN A 1 19 ? 9.026   2.113   -8.888  1.00 36.70  ? 19  GLN A N   1 
ATOM   147 C CA  . GLN A 1 19 ? 10.330  1.634   -8.444  1.00 37.19  ? 19  GLN A CA  1 
ATOM   148 C C   . GLN A 1 19 ? 10.776  0.373   -9.167  1.00 36.46  ? 19  GLN A C   1 
ATOM   149 O O   . GLN A 1 19 ? 11.783  -0.218  -8.788  1.00 35.97  ? 19  GLN A O   1 
ATOM   150 C CB  . GLN A 1 19 ? 10.357  1.398   -6.923  1.00 37.19  ? 19  GLN A CB  1 
ATOM   151 C CG  . GLN A 1 19 ? 10.398  2.668   -6.088  1.00 39.12  ? 19  GLN A CG  1 
ATOM   152 C CD  . GLN A 1 19 ? 11.009  2.466   -4.710  1.00 39.02  ? 19  GLN A CD  1 
ATOM   153 O OE1 . GLN A 1 19 ? 11.861  1.586   -4.496  1.00 43.43  ? 19  GLN A OE1 1 
ATOM   154 N NE2 . GLN A 1 19 ? 10.592  3.297   -3.769  1.00 41.11  ? 19  GLN A NE2 1 
ATOM   155 N N   . ASN A 1 20 ? 10.057  -0.020  -10.221 1.00 36.46  ? 20  ASN A N   1 
ATOM   156 C CA  . ASN A 1 20 ? 10.354  -1.252  -10.959 1.00 36.17  ? 20  ASN A CA  1 
ATOM   157 C C   . ASN A 1 20 ? 10.362  -2.488  -10.039 1.00 35.25  ? 20  ASN A C   1 
ATOM   158 O O   . ASN A 1 20 ? 11.180  -3.399  -10.205 1.00 35.11  ? 20  ASN A O   1 
ATOM   159 C CB  . ASN A 1 20 ? 11.687  -1.147  -11.732 1.00 37.14  ? 20  ASN A CB  1 
ATOM   160 C CG  . ASN A 1 20 ? 11.720  0.024   -12.768 1.00 38.72  ? 20  ASN A CG  1 
ATOM   161 O OD1 . ASN A 1 20 ? 10.678  0.597   -13.178 1.00 41.10  ? 20  ASN A OD1 1 
ATOM   162 N ND2 . ASN A 1 20 ? 12.943  0.348   -13.218 1.00 38.51  ? 20  ASN A ND2 1 
ATOM   163 N N   . LEU A 1 21 ? 9.456   -2.492  -9.060  1.00 33.66  ? 21  LEU A N   1 
ATOM   164 C CA  . LEU A 1 21 ? 9.227   -3.639  -8.183  1.00 32.79  ? 21  LEU A CA  1 
ATOM   165 C C   . LEU A 1 21 ? 7.903   -4.284  -8.593  1.00 31.61  ? 21  LEU A C   1 
ATOM   166 O O   . LEU A 1 21 ? 7.182   -3.784  -9.454  1.00 31.25  ? 21  LEU A O   1 
ATOM   167 C CB  . LEU A 1 21 ? 9.154   -3.190  -6.714  1.00 32.41  ? 21  LEU A CB  1 
ATOM   168 C CG  . LEU A 1 21 ? 10.436  -2.647  -6.079  1.00 32.42  ? 21  LEU A CG  1 
ATOM   169 C CD1 . LEU A 1 21 ? 10.153  -1.794  -4.872  1.00 32.28  ? 21  LEU A CD1 1 
ATOM   170 C CD2 . LEU A 1 21 ? 11.335  -3.796  -5.705  1.00 33.86  ? 21  LEU A CD2 1 
ATOM   171 N N   . THR A 1 22 ? 7.580   -5.389  -7.958  1.00 30.56  ? 22  THR A N   1 
ATOM   172 C CA  . THR A 1 22 ? 6.265   -5.978  -8.092  1.00 30.35  ? 22  THR A CA  1 
ATOM   173 C C   . THR A 1 22 ? 5.677   -6.071  -6.685  1.00 29.85  ? 22  THR A C   1 
ATOM   174 O O   . THR A 1 22 ? 6.416   -6.050  -5.704  1.00 29.12  ? 22  THR A O   1 
ATOM   175 C CB  . THR A 1 22 ? 6.332   -7.376  -8.758  1.00 29.76  ? 22  THR A CB  1 
ATOM   176 O OG1 . THR A 1 22 ? 7.183   -8.247  -7.999  1.00 29.04  ? 22  THR A OG1 1 
ATOM   177 C CG2 . THR A 1 22 ? 6.853   -7.280  -10.184 1.00 28.55  ? 22  THR A CG2 1 
ATOM   178 N N   . ILE A 1 23 ? 4.355   -6.155  -6.586  1.00 29.52  ? 23  ILE A N   1 
ATOM   179 C CA  . ILE A 1 23 ? 3.719   -6.287  -5.290  1.00 30.36  ? 23  ILE A CA  1 
ATOM   180 C C   . ILE A 1 23 ? 4.220   -7.530  -4.555  1.00 30.85  ? 23  ILE A C   1 
ATOM   181 O O   . ILE A 1 23 ? 4.403   -7.509  -3.347  1.00 30.59  ? 23  ILE A O   1 
ATOM   182 C CB  . ILE A 1 23 ? 2.162   -6.250  -5.387  1.00 30.39  ? 23  ILE A CB  1 
ATOM   183 C CG1 . ILE A 1 23 ? 1.539   -6.260  -3.976  1.00 30.42  ? 23  ILE A CG1 1 
ATOM   184 C CG2 . ILE A 1 23 ? 1.604   -7.399  -6.238  1.00 29.65  ? 23  ILE A CG2 1 
ATOM   185 C CD1 . ILE A 1 23 ? 1.722   -4.963  -3.191  1.00 29.98  ? 23  ILE A CD1 1 
ATOM   186 N N   . ASN A 1 24 ? 4.478   -8.602  -5.290  1.00 31.49  ? 24  ASN A N   1 
ATOM   187 C CA  . ASN A 1 24 ? 4.970   -9.836  -4.704  1.00 31.86  ? 24  ASN A CA  1 
ATOM   188 C C   . ASN A 1 24 ? 6.375   -9.681  -4.146  1.00 32.11  ? 24  ASN A C   1 
ATOM   189 O O   . ASN A 1 24 ? 6.694   -10.199 -3.080  1.00 31.37  ? 24  ASN A O   1 
ATOM   190 C CB  . ASN A 1 24 ? 4.943   -10.936 -5.774  1.00 32.44  ? 24  ASN A CB  1 
ATOM   191 C CG  . ASN A 1 24 ? 5.392   -12.281 -5.261  1.00 31.93  ? 24  ASN A CG  1 
ATOM   192 O OD1 . ASN A 1 24 ? 6.482   -12.765 -5.605  1.00 33.78  ? 24  ASN A OD1 1 
ATOM   193 N ND2 . ASN A 1 24 ? 4.543   -12.912 -4.472  1.00 30.97  ? 24  ASN A ND2 1 
ATOM   194 N N   . ARG A 1 25 ? 7.223   -8.976  -4.876  1.00 33.06  ? 25  ARG A N   1 
ATOM   195 C CA  . ARG A 1 25 ? 8.569   -8.698  -4.409  1.00 33.61  ? 25  ARG A CA  1 
ATOM   196 C C   . ARG A 1 25 ? 8.566   -7.835  -3.125  1.00 33.94  ? 25  ARG A C   1 
ATOM   197 O O   . ARG A 1 25 ? 9.309   -8.097  -2.178  1.00 32.63  ? 25  ARG A O   1 
ATOM   198 C CB  . ARG A 1 25 ? 9.347   -8.002  -5.518  1.00 34.28  ? 25  ARG A CB  1 
ATOM   199 C CG  . ARG A 1 25 ? 10.802  -7.730  -5.212  1.00 35.31  ? 25  ARG A CG  1 
ATOM   200 C CD  . ARG A 1 25 ? 11.515  -8.935  -4.596  1.00 40.39  ? 25  ARG A CD  1 
ATOM   201 N NE  . ARG A 1 25 ? 12.948  -8.670  -4.409  1.00 41.84  ? 25  ARG A NE  1 
ATOM   202 C CZ  . ARG A 1 25 ? 13.778  -9.425  -3.679  1.00 44.63  ? 25  ARG A CZ  1 
ATOM   203 N NH1 . ARG A 1 25 ? 13.339  -10.518 -3.041  1.00 45.64  ? 25  ARG A NH1 1 
ATOM   204 N NH2 . ARG A 1 25 ? 15.061  -9.084  -3.582  1.00 44.84  ? 25  ARG A NH2 1 
ATOM   205 N N   . VAL A 1 26 ? 7.709   -6.816  -3.112  1.00 34.35  ? 26  VAL A N   1 
ATOM   206 C CA  . VAL A 1 26 ? 7.561   -5.937  -1.961  1.00 34.93  ? 26  VAL A CA  1 
ATOM   207 C C   . VAL A 1 26 ? 7.040   -6.763  -0.801  1.00 35.70  ? 26  VAL A C   1 
ATOM   208 O O   . VAL A 1 26 ? 7.545   -6.677  0.291   1.00 35.07  ? 26  VAL A O   1 
ATOM   209 C CB  . VAL A 1 26 ? 6.626   -4.769  -2.282  1.00 34.40  ? 26  VAL A CB  1 
ATOM   210 C CG1 . VAL A 1 26 ? 6.237   -4.006  -1.030  1.00 34.86  ? 26  VAL A CG1 1 
ATOM   211 C CG2 . VAL A 1 26 ? 7.294   -3.846  -3.281  1.00 32.91  ? 26  VAL A CG2 1 
ATOM   212 N N   . ALA A 1 27 ? 6.039   -7.588  -1.057  1.00 37.00  ? 27  ALA A N   1 
ATOM   213 C CA  . ALA A 1 27 ? 5.513   -8.474  -0.035  1.00 38.29  ? 27  ALA A CA  1 
ATOM   214 C C   . ALA A 1 27 ? 6.620   -9.368  0.554   1.00 39.17  ? 27  ALA A C   1 
ATOM   215 O O   . ALA A 1 27 ? 6.757   -9.507  1.764   1.00 38.69  ? 27  ALA A O   1 
ATOM   216 C CB  . ALA A 1 27 ? 4.371   -9.307  -0.591  1.00 38.11  ? 27  ALA A CB  1 
ATOM   217 N N   . THR A 1 28 ? 7.451   -9.936  -0.299  1.00 40.41  ? 28  THR A N   1 
ATOM   218 C CA  . THR A 1 28 ? 8.515   -10.799 0.203   1.00 41.28  ? 28  THR A CA  1 
ATOM   219 C C   . THR A 1 28 ? 9.511   -9.969  1.066   1.00 41.58  ? 28  THR A C   1 
ATOM   220 O O   . THR A 1 28 ? 9.814   -10.339 2.198   1.00 41.76  ? 28  THR A O   1 
ATOM   221 C CB  . THR A 1 28 ? 9.193   -11.648 -0.964  1.00 41.88  ? 28  THR A CB  1 
ATOM   222 O OG1 . THR A 1 28 ? 9.827   -10.787 -1.921  1.00 43.71  ? 28  THR A OG1 1 
ATOM   223 C CG2 . THR A 1 28 ? 8.149   -12.489 -1.694  1.00 40.71  ? 28  THR A CG2 1 
ATOM   224 N N   . LEU A 1 29 ? 9.970   -8.836  0.545   1.00 41.75  ? 29  LEU A N   1 
ATOM   225 C CA  . LEU A 1 29 ? 10.920  -7.975  1.247   1.00 41.96  ? 29  LEU A CA  1 
ATOM   226 C C   . LEU A 1 29 ? 10.331  -7.371  2.542   1.00 42.35  ? 29  LEU A C   1 
ATOM   227 O O   . LEU A 1 29 ? 11.031  -7.264  3.554   1.00 42.33  ? 29  LEU A O   1 
ATOM   228 C CB  . LEU A 1 29 ? 11.406  -6.852  0.322   1.00 41.50  ? 29  LEU A CB  1 
ATOM   229 C CG  . LEU A 1 29 ? 12.410  -7.179  -0.781  1.00 41.12  ? 29  LEU A CG  1 
ATOM   230 C CD1 . LEU A 1 29 ? 12.516  -5.982  -1.729  1.00 39.51  ? 29  LEU A CD1 1 
ATOM   231 C CD2 . LEU A 1 29 ? 13.789  -7.545  -0.206  1.00 40.40  ? 29  LEU A CD2 1 
ATOM   232 N N   . ALA A 1 30 ? 9.055   -6.989  2.503   1.00 42.51  ? 30  ALA A N   1 
ATOM   233 C CA  . ALA A 1 30 ? 8.376   -6.402  3.650   1.00 43.18  ? 30  ALA A CA  1 
ATOM   234 C C   . ALA A 1 30 ? 7.940   -7.477  4.627   1.00 43.94  ? 30  ALA A C   1 
ATOM   235 O O   . ALA A 1 30 ? 7.465   -7.182  5.721   1.00 44.25  ? 30  ALA A O   1 
ATOM   236 C CB  . ALA A 1 30 ? 7.165   -5.594  3.204   1.00 42.65  ? 30  ALA A CB  1 
ATOM   237 N N   . GLY A 1 31 ? 8.075   -8.729  4.224   1.00 44.73  ? 31  GLY A N   1 
ATOM   238 C CA  . GLY A 1 31 ? 7.665   -9.835  5.053   1.00 45.23  ? 31  GLY A CA  1 
ATOM   239 C C   . GLY A 1 31 ? 6.173   -10.003 5.263   1.00 45.68  ? 31  GLY A C   1 
ATOM   240 O O   . GLY A 1 31 ? 5.777   -10.572 6.259   1.00 45.96  ? 31  GLY A O   1 
ATOM   241 N N   . LEU A 1 32 ? 5.315   -9.549  4.360   1.00 46.41  ? 32  LEU A N   1 
ATOM   242 C CA  . LEU A 1 32 ? 3.920   -9.957  4.528   1.00 46.86  ? 32  LEU A CA  1 
ATOM   243 C C   . LEU A 1 32 ? 3.616   -11.172 3.671   1.00 47.10  ? 32  LEU A C   1 
ATOM   244 O O   . LEU A 1 32 ? 4.307   -11.484 2.687   1.00 46.77  ? 32  LEU A O   1 
ATOM   245 C CB  . LEU A 1 32 ? 2.891   -8.836  4.346   1.00 47.61  ? 32  LEU A CB  1 
ATOM   246 C CG  . LEU A 1 32 ? 3.064   -7.690  3.354   1.00 48.69  ? 32  LEU A CG  1 
ATOM   247 C CD1 . LEU A 1 32 ? 4.093   -6.669  3.796   1.00 47.16  ? 32  LEU A CD1 1 
ATOM   248 C CD2 . LEU A 1 32 ? 3.404   -8.295  2.011   1.00 51.15  ? 32  LEU A CD2 1 
ATOM   249 N N   . ASN A 1 33 ? 2.593   -11.895 4.076   1.00 47.25  ? 33  ASN A N   1 
ATOM   250 C CA  . ASN A 1 33 ? 2.265   -13.107 3.363   1.00 47.15  ? 33  ASN A CA  1 
ATOM   251 C C   . ASN A 1 33 ? 1.173   -12.783 2.377   1.00 46.84  ? 33  ASN A C   1 
ATOM   252 O O   . ASN A 1 33 ? 0.518   -11.721 2.473   1.00 46.56  ? 33  ASN A O   1 
ATOM   253 C CB  . ASN A 1 33 ? 1.907   -14.267 4.309   1.00 47.78  ? 33  ASN A CB  1 
ATOM   254 C CG  . ASN A 1 33 ? 0.649   -14.010 5.111   1.00 49.29  ? 33  ASN A CG  1 
ATOM   255 O OD1 . ASN A 1 33 ? 0.006   -12.970 4.954   1.00 51.93  ? 33  ASN A OD1 1 
ATOM   256 N ND2 . ASN A 1 33 ? 0.285   -14.959 5.971   1.00 51.47  ? 33  ASN A ND2 1 
ATOM   257 N N   . GLN A 1 34 ? 1.004   -13.717 1.439   1.00 46.16  ? 34  GLN A N   1 
ATOM   258 C CA  . GLN A 1 34 ? 0.124   -13.572 0.284   1.00 45.21  ? 34  GLN A CA  1 
ATOM   259 C C   . GLN A 1 34 ? -1.303  -13.231 0.705   1.00 44.06  ? 34  GLN A C   1 
ATOM   260 O O   . GLN A 1 34 ? -1.993  -12.443 0.061   1.00 43.40  ? 34  GLN A O   1 
ATOM   261 C CB  . GLN A 1 34 ? 0.146   -14.883 -0.525  1.00 46.01  ? 34  GLN A CB  1 
ATOM   262 C CG  . GLN A 1 34 ? -0.313  -14.781 -1.977  1.00 47.38  ? 34  GLN A CG  1 
ATOM   263 C CD  . GLN A 1 34 ? 0.493   -13.755 -2.770  1.00 49.86  ? 34  GLN A CD  1 
ATOM   264 O OE1 . GLN A 1 34 ? 1.727   -13.683 -2.648  1.00 50.59  ? 34  GLN A OE1 1 
ATOM   265 N NE2 . GLN A 1 34 ? -0.207  -12.942 -3.573  1.00 51.39  ? 34  GLN A NE2 1 
ATOM   266 N N   . SER A 1 35 ? -1.740  -13.836 1.802   1.00 42.75  ? 35  SER A N   1 
ATOM   267 C CA  . SER A 1 35 ? -3.058  -13.543 2.345   1.00 41.70  ? 35  SER A CA  1 
ATOM   268 C C   . SER A 1 35 ? -3.228  -12.038 2.644   1.00 39.83  ? 35  SER A C   1 
ATOM   269 O O   . SER A 1 35 ? -4.260  -11.455 2.304   1.00 38.15  ? 35  SER A O   1 
ATOM   270 C CB  . SER A 1 35 ? -3.327  -14.428 3.586   1.00 41.76  ? 35  SER A CB  1 
ATOM   271 O OG  . SER A 1 35 ? -2.481  -14.084 4.671   1.00 42.36  ? 35  SER A OG  1 
ATOM   272 N N   . THR A 1 36 ? -2.199  -11.419 3.228   1.00 38.74  ? 36  THR A N   1 
ATOM   273 C CA  . THR A 1 36 ? -2.248  -10.001 3.563   1.00 38.87  ? 36  THR A CA  1 
ATOM   274 C C   . THR A 1 36 ? -2.220  -9.146  2.291   1.00 38.56  ? 36  THR A C   1 
ATOM   275 O O   . THR A 1 36 ? -2.961  -8.165  2.171   1.00 37.83  ? 36  THR A O   1 
ATOM   276 C CB  . THR A 1 36 ? -1.067  -9.564  4.466   1.00 39.07  ? 36  THR A CB  1 
ATOM   277 O OG1 . THR A 1 36 ? -1.024  -10.350 5.674   1.00 37.15  ? 36  THR A OG1 1 
ATOM   278 C CG2 . THR A 1 36 ? -1.214  -8.078  4.817   1.00 38.62  ? 36  THR A CG2 1 
ATOM   279 N N   . VAL A 1 37 ? -1.353  -9.538  1.355   1.00 38.75  ? 37  VAL A N   1 
ATOM   280 C CA  . VAL A 1 37 ? -1.261  -8.923  0.024   1.00 38.75  ? 37  VAL A CA  1 
ATOM   281 C C   . VAL A 1 37 ? -2.622  -9.005  -0.697  1.00 38.64  ? 37  VAL A C   1 
ATOM   282 O O   . VAL A 1 37 ? -3.162  -8.011  -1.145  1.00 38.81  ? 37  VAL A O   1 
ATOM   283 C CB  . VAL A 1 37 ? -0.174  -9.660  -0.839  1.00 38.82  ? 37  VAL A CB  1 
ATOM   284 C CG1 . VAL A 1 37 ? -0.317  -9.330  -2.331  1.00 39.52  ? 37  VAL A CG1 1 
ATOM   285 C CG2 . VAL A 1 37 ? 1.217   -9.356  -0.342  1.00 38.33  ? 37  VAL A CG2 1 
ATOM   286 N N   . ASN A 1 38 ? -3.181  -10.205 -0.780  1.00 38.77  ? 38  ASN A N   1 
ATOM   287 C CA  . ASN A 1 38 ? -4.474  -10.393 -1.423  1.00 39.09  ? 38  ASN A CA  1 
ATOM   288 C C   . ASN A 1 38 ? -5.568  -9.512  -0.796  1.00 38.64  ? 38  ASN A C   1 
ATOM   289 O O   . ASN A 1 38 ? -6.368  -8.911  -1.513  1.00 36.30  ? 38  ASN A O   1 
ATOM   290 C CB  . ASN A 1 38 ? -4.874  -11.896 -1.410  1.00 39.45  ? 38  ASN A CB  1 
ATOM   291 C CG  . ASN A 1 38 ? -3.993  -12.766 -2.347  1.00 40.02  ? 38  ASN A CG  1 
ATOM   292 O OD1 . ASN A 1 38 ? -3.389  -12.260 -3.304  1.00 40.91  ? 38  ASN A OD1 1 
ATOM   293 N ND2 . ASN A 1 38 ? -3.920  -14.077 -2.060  1.00 38.90  ? 38  ASN A ND2 1 
ATOM   294 N N   . ALA A 1 39 ? -5.574  -9.438  0.540   1.00 39.44  ? 39  ALA A N   1 
ATOM   295 C CA  . ALA A 1 39 ? -6.576  -8.651  1.296   1.00 40.40  ? 39  ALA A CA  1 
ATOM   296 C C   . ALA A 1 39 ? -6.531  -7.160  0.940   1.00 40.69  ? 39  ALA A C   1 
ATOM   297 O O   . ALA A 1 39 ? -7.554  -6.521  0.655   1.00 39.92  ? 39  ALA A O   1 
ATOM   298 C CB  . ALA A 1 39 ? -6.385  -8.846  2.787   1.00 40.03  ? 39  ALA A CB  1 
ATOM   299 N N   . MET A 1 40 ? -5.315  -6.622  0.930   1.00 42.38  ? 40  MET A N   1 
ATOM   300 C CA  . MET A 1 40 ? -5.057  -5.237  0.501   1.00 42.65  ? 40  MET A CA  1 
ATOM   301 C C   . MET A 1 40 ? -5.860  -4.846  -0.736  1.00 42.32  ? 40  MET A C   1 
ATOM   302 O O   . MET A 1 40 ? -6.479  -3.781  -0.745  1.00 43.18  ? 40  MET A O   1 
ATOM   303 C CB  . MET A 1 40 ? -3.554  -5.067  0.236   1.00 43.08  ? 40  MET A CB  1 
ATOM   304 C CG  . MET A 1 40 ? -3.124  -3.739  -0.366  1.00 43.97  ? 40  MET A CG  1 
ATOM   305 S SD  . MET A 1 40 ? -1.397  -3.369  0.098   1.00 48.08  ? 40  MET A SD  1 
ATOM   306 C CE  . MET A 1 40 ? -0.490  -4.620  -0.799  1.00 44.99  ? 40  MET A CE  1 
ATOM   307 N N   . PHE A 1 41 ? -5.849  -5.713  -1.759  1.00 41.32  ? 41  PHE A N   1 
ATOM   308 C CA  . PHE A 1 41 ? -6.500  -5.459  -3.062  1.00 41.01  ? 41  PHE A CA  1 
ATOM   309 C C   . PHE A 1 41 ? -7.898  -6.116  -3.202  1.00 41.36  ? 41  PHE A C   1 
ATOM   310 O O   . PHE A 1 41 ? -8.540  -5.999  -4.264  1.00 40.29  ? 41  PHE A O   1 
ATOM   311 C CB  . PHE A 1 41 ? -5.588  -5.928  -4.225  1.00 39.71  ? 41  PHE A CB  1 
ATOM   312 C CG  . PHE A 1 41 ? -4.308  -5.148  -4.348  1.00 38.56  ? 41  PHE A CG  1 
ATOM   313 C CD1 . PHE A 1 41 ? -4.227  -4.043  -5.187  1.00 37.05  ? 41  PHE A CD1 1 
ATOM   314 C CD2 . PHE A 1 41 ? -3.182  -5.518  -3.617  1.00 38.09  ? 41  PHE A CD2 1 
ATOM   315 C CE1 . PHE A 1 41 ? -3.055  -3.318  -5.284  1.00 36.59  ? 41  PHE A CE1 1 
ATOM   316 C CE2 . PHE A 1 41 ? -1.997  -4.783  -3.702  1.00 37.93  ? 41  PHE A CE2 1 
ATOM   317 C CZ  . PHE A 1 41 ? -1.940  -3.681  -4.536  1.00 37.06  ? 41  PHE A CZ  1 
ATOM   318 N N   . GLU A 1 42 ? -8.357  -6.811  -2.147  1.00 41.91  ? 42  GLU A N   1 
ATOM   319 C CA  . GLU A 1 42 ? -9.768  -7.239  -2.043  1.00 41.89  ? 42  GLU A CA  1 
ATOM   320 C C   . GLU A 1 42 ? -10.541 -6.023  -1.599  1.00 41.34  ? 42  GLU A C   1 
ATOM   321 O O   . GLU A 1 42 ? -10.305 -5.497  -0.505  1.00 40.91  ? 42  GLU A O   1 
ATOM   322 C CB  . GLU A 1 42 ? -9.988  -8.369  -1.015  1.00 42.58  ? 42  GLU A CB  1 
ATOM   323 C CG  . GLU A 1 42 ? -9.594  -9.780  -1.470  1.00 45.65  ? 42  GLU A CG  1 
ATOM   324 C CD  . GLU A 1 42 ? -10.440 -10.304 -2.642  1.00 48.51  ? 42  GLU A CD  1 
ATOM   325 O OE1 . GLU A 1 42 ? -11.676 -10.388 -2.475  1.00 49.97  ? 42  GLU A OE1 1 
ATOM   326 O OE2 . GLU A 1 42 ? -9.870  -10.620 -3.725  1.00 51.59  ? 42  GLU A OE2 1 
ATOM   327 N N   . GLY A 1 43 ? -11.446 -5.575  -2.458  1.00 40.67  ? 43  GLY A N   1 
ATOM   328 C CA  . GLY A 1 43 ? -12.271 -4.434  -2.174  1.00 40.62  ? 43  GLY A CA  1 
ATOM   329 C C   . GLY A 1 43 ? -13.092 -4.566  -0.903  1.00 40.51  ? 43  GLY A C   1 
ATOM   330 O O   . GLY A 1 43 ? -13.269 -3.575  -0.190  1.00 41.19  ? 43  GLY A O   1 
ATOM   331 N N   . ARG A 1 44 ? -13.571 -5.764  -0.591  1.00 39.93  ? 44  ARG A N   1 
ATOM   332 C CA  . ARG A 1 44 ? -14.447 -5.913  0.583   1.00 40.30  ? 44  ARG A CA  1 
ATOM   333 C C   . ARG A 1 44 ? -13.693 -6.191  1.901   1.00 40.23  ? 44  ARG A C   1 
ATOM   334 O O   . ARG A 1 44 ? -14.315 -6.360  2.955   1.00 39.92  ? 44  ARG A O   1 
ATOM   335 C CB  . ARG A 1 44 ? -15.553 -6.951  0.335   1.00 40.55  ? 44  ARG A CB  1 
ATOM   336 C CG  . ARG A 1 44 ? -16.598 -6.511  -0.714  1.00 40.38  ? 44  ARG A CG  1 
ATOM   337 C CD  . ARG A 1 44 ? -17.435 -5.268  -0.291  1.00 40.51  ? 44  ARG A CD  1 
ATOM   338 N NE  . ARG A 1 44 ? -18.468 -5.594  0.700   1.00 39.93  ? 44  ARG A NE  1 
ATOM   339 C CZ  . ARG A 1 44 ? -19.716 -5.973  0.417   1.00 40.56  ? 44  ARG A CZ  1 
ATOM   340 N NH1 . ARG A 1 44 ? -20.133 -6.060  -0.834  1.00 39.63  ? 44  ARG A NH1 1 
ATOM   341 N NH2 . ARG A 1 44 ? -20.573 -6.254  1.386   1.00 40.17  ? 44  ARG A NH2 1 
ATOM   342 N N   . SER A 1 45 ? -12.363 -6.194  1.828   1.00 39.92  ? 45  SER A N   1 
ATOM   343 C CA  . SER A 1 45 ? -11.507 -6.150  3.004   1.00 39.51  ? 45  SER A CA  1 
ATOM   344 C C   . SER A 1 45 ? -11.378 -4.743  3.632   1.00 39.06  ? 45  SER A C   1 
ATOM   345 O O   . SER A 1 45 ? -11.375 -3.734  2.940   1.00 38.16  ? 45  SER A O   1 
ATOM   346 C CB  . SER A 1 45 ? -10.130 -6.697  2.653   1.00 39.54  ? 45  SER A CB  1 
ATOM   347 O OG  . SER A 1 45 ? -9.199  -6.410  3.662   1.00 40.55  ? 45  SER A OG  1 
ATOM   348 N N   . LYS A 1 46 ? -11.274 -4.731  4.966   1.00 38.89  ? 46  LYS A N   1 
ATOM   349 C CA  . LYS A 1 46 ? -10.994 -3.544  5.778   1.00 38.78  ? 46  LYS A CA  1 
ATOM   350 C C   . LYS A 1 46 ? -9.480  -3.156  5.768   1.00 38.73  ? 46  LYS A C   1 
ATOM   351 O O   . LYS A 1 46 ? -9.075  -2.009  6.160   1.00 38.98  ? 46  LYS A O   1 
ATOM   352 C CB  . LYS A 1 46 ? -11.510 -3.762  7.213   1.00 38.92  ? 46  LYS A CB  1 
ATOM   353 C CG  . LYS A 1 46 ? -13.046 -3.854  7.363   1.00 38.98  ? 46  LYS A CG  1 
ATOM   354 C CD  . LYS A 1 46 ? -13.548 -4.061  8.836   1.00 40.50  ? 46  LYS A CD  1 
ATOM   355 C CE  . LYS A 1 46 ? -15.127 -4.181  9.064   1.00 42.88  ? 46  LYS A CE  1 
ATOM   356 N NZ  . LYS A 1 46 ? -15.684 -4.400  10.512  1.00 41.24  ? 46  LYS A NZ  1 
ATOM   357 N N   . ARG A 1 47 ? -8.651  -4.099  5.297   1.00 37.94  ? 47  ARG A N   1 
ATOM   358 C CA  . ARG A 1 47 ? -7.193  -3.895  5.117   1.00 36.77  ? 47  ARG A CA  1 
ATOM   359 C C   . ARG A 1 47 ? -6.899  -3.096  3.828   1.00 36.34  ? 47  ARG A C   1 
ATOM   360 O O   . ARG A 1 47 ? -7.766  -3.027  2.929   1.00 36.20  ? 47  ARG A O   1 
ATOM   361 C CB  . ARG A 1 47 ? -6.468  -5.251  5.119   1.00 36.68  ? 47  ARG A CB  1 
ATOM   362 C CG  . ARG A 1 47 ? -6.544  -5.958  6.494   1.00 35.52  ? 47  ARG A CG  1 
ATOM   363 C CD  . ARG A 1 47 ? -5.971  -7.368  6.486   1.00 34.92  ? 47  ARG A CD  1 
ATOM   364 N NE  . ARG A 1 47 ? -6.946  -8.413  6.147   1.00 32.30  ? 47  ARG A NE  1 
ATOM   365 C CZ  . ARG A 1 47 ? -6.611  -9.684  5.913   1.00 33.84  ? 47  ARG A CZ  1 
ATOM   366 N NH1 . ARG A 1 47 ? -7.548  -10.585 5.617   1.00 32.44  ? 47  ARG A NH1 1 
ATOM   367 N NH2 . ARG A 1 47 ? -5.334  -10.068 5.955   1.00 33.64  ? 47  ARG A NH2 1 
ATOM   368 N N   . PRO A 1 48 ? -5.684  -2.478  3.724   1.00 35.34  ? 48  PRO A N   1 
ATOM   369 C CA  . PRO A 1 48 ? -4.525  -2.481  4.632   1.00 33.56  ? 48  PRO A CA  1 
ATOM   370 C C   . PRO A 1 48 ? -4.656  -1.664  5.964   1.00 32.86  ? 48  PRO A C   1 
ATOM   371 O O   . PRO A 1 48 ? -5.408  -0.680  6.037   1.00 32.98  ? 48  PRO A O   1 
ATOM   372 C CB  . PRO A 1 48 ? -3.386  -1.905  3.734   1.00 33.99  ? 48  PRO A CB  1 
ATOM   373 C CG  . PRO A 1 48 ? -3.919  -2.020  2.321   1.00 35.43  ? 48  PRO A CG  1 
ATOM   374 C CD  . PRO A 1 48 ? -5.356  -1.733  2.487   1.00 35.67  ? 48  PRO A CD  1 
ATOM   375 N N   . THR A 1 49 ? -3.954  -2.137  6.997   1.00 30.27  ? 49  THR A N   1 
ATOM   376 C CA  . THR A 1 49 ? -3.806  -1.419  8.256   1.00 28.97  ? 49  THR A CA  1 
ATOM   377 C C   . THR A 1 49 ? -2.631  -0.431  8.124   1.00 27.00  ? 49  THR A C   1 
ATOM   378 O O   . THR A 1 49 ? -1.820  -0.535  7.216   1.00 26.65  ? 49  THR A O   1 
ATOM   379 C CB  . THR A 1 49 ? -3.435  -2.373  9.431   1.00 28.32  ? 49  THR A CB  1 
ATOM   380 O OG1 . THR A 1 49 ? -2.199  -3.017  9.115   1.00 27.01  ? 49  THR A OG1 1 
ATOM   381 C CG2 . THR A 1 49 ? -4.525  -3.458  9.667   1.00 29.38  ? 49  THR A CG2 1 
ATOM   382 N N   . ILE A 1 50 ? -2.503  0.450   9.109   1.00 26.73  ? 50  ILE A N   1 
ATOM   383 C CA  . ILE A 1 50 ? -1.353  1.364   9.219   1.00 26.25  ? 50  ILE A CA  1 
ATOM   384 C C   . ILE A 1 50 ? -0.076  0.564   9.298   1.00 25.42  ? 50  ILE A C   1 
ATOM   385 O O   . ILE A 1 50 ? 0.919   0.937   8.695   1.00 23.81  ? 50  ILE A O   1 
ATOM   386 C CB  . ILE A 1 50 ? -1.456  2.268   10.457  1.00 26.42  ? 50  ILE A CB  1 
ATOM   387 C CG1 . ILE A 1 50 ? -2.739  3.064   10.354  1.00 27.79  ? 50  ILE A CG1 1 
ATOM   388 C CG2 . ILE A 1 50 ? -0.260  3.275   10.542  1.00 25.95  ? 50  ILE A CG2 1 
ATOM   389 C CD1 . ILE A 1 50 ? -2.875  4.094   11.425  1.00 28.65  ? 50  ILE A CD1 1 
ATOM   390 N N   . THR A 1 51 ? -0.105  -0.539  10.041  1.00 24.94  ? 51  THR A N   1 
ATOM   391 C CA  . THR A 1 51 ? 1.057   -1.420  10.177  1.00 25.04  ? 51  THR A CA  1 
ATOM   392 C C   . THR A 1 51 ? 1.546   -1.932  8.824   1.00 24.75  ? 51  THR A C   1 
ATOM   393 O O   . THR A 1 51 ? 2.726   -1.809  8.482   1.00 24.38  ? 51  THR A O   1 
ATOM   394 C CB  . THR A 1 51 ? 0.701   -2.585  11.111  1.00 25.26  ? 51  THR A CB  1 
ATOM   395 O OG1 . THR A 1 51 ? 0.423   -2.040  12.389  1.00 26.34  ? 51  THR A OG1 1 
ATOM   396 C CG2 . THR A 1 51 ? 1.839   -3.609  11.268  1.00 25.79  ? 51  THR A CG2 1 
ATOM   397 N N   . THR A 1 52 ? 0.619   -2.457  8.031   1.00 25.35  ? 52  THR A N   1 
ATOM   398 C CA  . THR A 1 52 ? 0.951   -2.960  6.712   1.00 25.77  ? 52  THR A CA  1 
ATOM   399 C C   . THR A 1 52 ? 1.512   -1.841  5.826   1.00 25.16  ? 52  THR A C   1 
ATOM   400 O O   . THR A 1 52 ? 2.549   -2.012  5.175   1.00 25.14  ? 52  THR A O   1 
ATOM   401 C CB  . THR A 1 52 ? -0.268  -3.622  6.056   1.00 26.17  ? 52  THR A CB  1 
ATOM   402 O OG1 . THR A 1 52 ? -0.524  -4.864  6.716   1.00 29.11  ? 52  THR A OG1 1 
ATOM   403 C CG2 . THR A 1 52 ? -0.035  -3.872  4.552   1.00 26.62  ? 52  THR A CG2 1 
ATOM   404 N N   . ILE A 1 53 ? 0.849   -0.691  5.831   1.00 25.19  ? 53  ILE A N   1 
ATOM   405 C CA  . ILE A 1 53 ? 1.336   0.475   5.058   1.00 25.80  ? 53  ILE A CA  1 
ATOM   406 C C   . ILE A 1 53 ? 2.758   0.874   5.503   1.00 26.08  ? 53  ILE A C   1 
ATOM   407 O O   . ILE A 1 53 ? 3.661   1.086   4.678   1.00 25.87  ? 53  ILE A O   1 
ATOM   408 C CB  . ILE A 1 53 ? 0.364   1.666   5.195   1.00 25.60  ? 53  ILE A CB  1 
ATOM   409 C CG1 . ILE A 1 53 ? -0.990  1.295   4.560   1.00 25.88  ? 53  ILE A CG1 1 
ATOM   410 C CG2 . ILE A 1 53 ? 0.971   2.931   4.568   1.00 25.28  ? 53  ILE A CG2 1 
ATOM   411 C CD1 . ILE A 1 53 ? -2.114  2.241   4.962   1.00 26.71  ? 53  ILE A CD1 1 
ATOM   412 N N   . ARG A 1 54 ? 2.968   0.924   6.812   1.00 26.85  ? 54  ARG A N   1 
ATOM   413 C CA  . ARG A 1 54 ? 4.286   1.273   7.351   1.00 27.39  ? 54  ARG A CA  1 
ATOM   414 C C   . ARG A 1 54 ? 5.359   0.317   6.871   1.00 26.97  ? 54  ARG A C   1 
ATOM   415 O O   . ARG A 1 54 ? 6.442   0.734   6.475   1.00 26.55  ? 54  ARG A O   1 
ATOM   416 C CB  . ARG A 1 54 ? 4.247   1.318   8.875   1.00 27.49  ? 54  ARG A CB  1 
ATOM   417 C CG  . ARG A 1 54 ? 5.617   1.590   9.495   1.00 28.20  ? 54  ARG A CG  1 
ATOM   418 C CD  . ARG A 1 54 ? 5.634   1.649   11.006  1.00 31.56  ? 54  ARG A CD  1 
ATOM   419 N NE  . ARG A 1 54 ? 5.012   0.479   11.628  1.00 36.49  ? 54  ARG A NE  1 
ATOM   420 C CZ  . ARG A 1 54 ? 5.548   -0.751  11.696  1.00 38.51  ? 54  ARG A CZ  1 
ATOM   421 N NH1 . ARG A 1 54 ? 6.728   -1.041  11.132  1.00 38.83  ? 54  ARG A NH1 1 
ATOM   422 N NH2 . ARG A 1 54 ? 4.882   -1.719  12.339  1.00 39.16  ? 54  ARG A NH2 1 
ATOM   423 N N   . LYS A 1 55 ? 5.060   -0.978  6.914   1.00 27.92  ? 55  LYS A N   1 
ATOM   424 C CA  . LYS A 1 55 ? 6.022   -2.001  6.511   1.00 28.75  ? 55  LYS A CA  1 
ATOM   425 C C   . LYS A 1 55 ? 6.386   -1.883  5.022   1.00 28.74  ? 55  LYS A C   1 
ATOM   426 O O   . LYS A 1 55 ? 7.554   -1.977  4.656   1.00 29.04  ? 55  LYS A O   1 
ATOM   427 C CB  . LYS A 1 55 ? 5.467   -3.417  6.804   1.00 29.73  ? 55  LYS A CB  1 
ATOM   428 C CG  . LYS A 1 55 ? 5.386   -3.773  8.313   1.00 30.01  ? 55  LYS A CG  1 
ATOM   429 C CD  . LYS A 1 55 ? 4.670   -5.105  8.577   1.00 31.11  ? 55  LYS A CD  1 
ATOM   430 C CE  . LYS A 1 55 ? 4.872   -5.554  10.029  1.00 33.19  ? 55  LYS A CE  1 
ATOM   431 N NZ  . LYS A 1 55 ? 4.011   -6.747  10.398  1.00 36.19  ? 55  LYS A NZ  1 
ATOM   432 N N   . VAL A 1 56 ? 5.380   -1.706  4.166   1.00 28.85  ? 56  VAL A N   1 
ATOM   433 C CA  . VAL A 1 56 ? 5.623   -1.501  2.736   1.00 28.33  ? 56  VAL A CA  1 
ATOM   434 C C   . VAL A 1 56 ? 6.428   -0.230  2.475   1.00 28.08  ? 56  VAL A C   1 
ATOM   435 O O   . VAL A 1 56 ? 7.331   -0.211  1.645   1.00 28.26  ? 56  VAL A O   1 
ATOM   436 C CB  . VAL A 1 56 ? 4.318   -1.430  1.956   1.00 28.21  ? 56  VAL A CB  1 
ATOM   437 C CG1 . VAL A 1 56 ? 4.615   -0.959  0.548   1.00 29.23  ? 56  VAL A CG1 1 
ATOM   438 C CG2 . VAL A 1 56 ? 3.671   -2.786  1.937   1.00 26.99  ? 56  VAL A CG2 1 
ATOM   439 N N   . CYS A 1 57 ? 6.103   0.832   3.208   1.00 28.12  ? 57  CYS A N   1 
ATOM   440 C CA  . CYS A 1 57 ? 6.824   2.102   3.079   1.00 28.19  ? 57  CYS A CA  1 
ATOM   441 C C   . CYS A 1 57 ? 8.292   1.902   3.386   1.00 28.28  ? 57  CYS A C   1 
ATOM   442 O O   . CYS A 1 57 ? 9.155   2.442   2.707   1.00 28.20  ? 57  CYS A O   1 
ATOM   443 C CB  . CYS A 1 57 ? 6.196   3.177   3.974   1.00 27.68  ? 57  CYS A CB  1 
ATOM   444 S SG  . CYS A 1 57 ? 4.691   3.845   3.280   1.00 26.09  ? 57  CYS A SG  1 
ATOM   445 N N   . GLY A 1 58 ? 8.575   1.081   4.385   1.00 29.52  ? 58  GLY A N   1 
ATOM   446 C CA  . GLY A 1 58 ? 9.948   0.784   4.749   1.00 30.31  ? 58  GLY A CA  1 
ATOM   447 C C   . GLY A 1 58 ? 10.696  0.183   3.579   1.00 31.29  ? 58  GLY A C   1 
ATOM   448 O O   . GLY A 1 58 ? 11.829  0.579   3.268   1.00 32.34  ? 58  GLY A O   1 
ATOM   449 N N   . THR A 1 59 ? 10.052  -0.772  2.924   1.00 32.24  ? 59  THR A N   1 
ATOM   450 C CA  . THR A 1 59 ? 10.611  -1.467  1.764   1.00 32.12  ? 59  THR A CA  1 
ATOM   451 C C   . THR A 1 59 ? 10.806  -0.518  0.598   1.00 31.99  ? 59  THR A C   1 
ATOM   452 O O   . THR A 1 59 ? 11.772  -0.636  -0.159  1.00 32.31  ? 59  THR A O   1 
ATOM   453 C CB  . THR A 1 59 ? 9.679   -2.601  1.303   1.00 32.93  ? 59  THR A CB  1 
ATOM   454 O OG1 . THR A 1 59 ? 9.567   -3.571  2.346   1.00 35.25  ? 59  THR A OG1 1 
ATOM   455 C CG2 . THR A 1 59 ? 10.207  -3.266  0.056   1.00 32.45  ? 59  THR A CG2 1 
ATOM   456 N N   . LEU A 1 60 ? 9.872   0.414   0.458   1.00 31.26  ? 60  LEU A N   1 
ATOM   457 C CA  . LEU A 1 60 ? 9.928   1.413   -0.592  1.00 29.82  ? 60  LEU A CA  1 
ATOM   458 C C   . LEU A 1 60 ? 10.909  2.546   -0.315  1.00 29.60  ? 60  LEU A C   1 
ATOM   459 O O   . LEU A 1 60 ? 11.233  3.294   -1.236  1.00 28.71  ? 60  LEU A O   1 
ATOM   460 C CB  . LEU A 1 60 ? 8.546   1.990   -0.823  1.00 29.40  ? 60  LEU A CB  1 
ATOM   461 C CG  . LEU A 1 60 ? 7.572   1.049   -1.522  1.00 29.50  ? 60  LEU A CG  1 
ATOM   462 C CD1 . LEU A 1 60 ? 6.266   1.773   -1.653  1.00 29.45  ? 60  LEU A CD1 1 
ATOM   463 C CD2 . LEU A 1 60 ? 8.080   0.622   -2.899  1.00 29.62  ? 60  LEU A CD2 1 
ATOM   464 N N   . GLY A 1 61 ? 11.382  2.675   0.937   1.00 28.56  ? 61  GLY A N   1 
ATOM   465 C CA  . GLY A 1 61 ? 12.282  3.766   1.327   1.00 28.25  ? 61  GLY A CA  1 
ATOM   466 C C   . GLY A 1 61 ? 11.587  5.117   1.462   1.00 27.80  ? 61  GLY A C   1 
ATOM   467 O O   . GLY A 1 61 ? 12.201  6.161   1.306   1.00 27.74  ? 61  GLY A O   1 
ATOM   468 N N   . ILE A 1 62 ? 10.291  5.098   1.740   1.00 27.26  ? 62  ILE A N   1 
ATOM   469 C CA  . ILE A 1 62 ? 9.538   6.323   1.929   1.00 26.67  ? 62  ILE A CA  1 
ATOM   470 C C   . ILE A 1 62 ? 8.925   6.302   3.315   1.00 25.81  ? 62  ILE A C   1 
ATOM   471 O O   . ILE A 1 62 ? 8.749   5.234   3.898   1.00 26.71  ? 62  ILE A O   1 
ATOM   472 C CB  . ILE A 1 62 ? 8.415   6.486   0.882   1.00 26.46  ? 62  ILE A CB  1 
ATOM   473 C CG1 . ILE A 1 62 ? 7.394   5.361   0.961   1.00 27.24  ? 62  ILE A CG1 1 
ATOM   474 C CG2 . ILE A 1 62 ? 8.984   6.521   -0.537  1.00 28.90  ? 62  ILE A CG2 1 
ATOM   475 C CD1 . ILE A 1 62 ? 6.263   5.524   -0.048  1.00 28.30  ? 62  ILE A CD1 1 
ATOM   476 N N   . SER A 1 63 ? 8.583   7.491   3.812   1.00 24.52  ? 63  SER A N   1 
ATOM   477 C CA  . SER A 1 63 ? 7.862   7.673   5.080   1.00 23.34  ? 63  SER A CA  1 
ATOM   478 C C   . SER A 1 63 ? 6.367   7.514   4.816   1.00 22.73  ? 63  SER A C   1 
ATOM   479 O O   . SER A 1 63 ? 5.908   7.777   3.702   1.00 22.75  ? 63  SER A O   1 
ATOM   480 C CB  . SER A 1 63 ? 8.129   9.055   5.680   1.00 23.07  ? 63  SER A CB  1 
ATOM   481 O OG  . SER A 1 63 ? 7.473   10.087  4.964   1.00 20.90  ? 63  SER A OG  1 
ATOM   482 N N   . VAL A 1 64 ? 5.644   7.087   5.847   1.00 21.68  ? 64  VAL A N   1 
ATOM   483 C CA  . VAL A 1 64 ? 4.199   6.950   5.804   1.00 21.12  ? 64  VAL A CA  1 
ATOM   484 C C   . VAL A 1 64 ? 3.573   8.307   5.528   1.00 20.44  ? 64  VAL A C   1 
ATOM   485 O O   . VAL A 1 64 ? 2.613   8.416   4.777   1.00 21.06  ? 64  VAL A O   1 
ATOM   486 C CB  . VAL A 1 64 ? 3.657   6.341   7.122   1.00 21.13  ? 64  VAL A CB  1 
ATOM   487 C CG1 . VAL A 1 64 ? 2.144   6.574   7.294   1.00 22.07  ? 64  VAL A CG1 1 
ATOM   488 C CG2 . VAL A 1 64 ? 3.961   4.863   7.174   1.00 21.05  ? 64  VAL A CG2 1 
ATOM   489 N N   . HIS A 1 65 ? 4.122   9.346   6.132   1.00 19.76  ? 65  HIS A N   1 
ATOM   490 C CA  . HIS A 1 65 ? 3.716   10.717  5.839   1.00 20.02  ? 65  HIS A CA  1 
ATOM   491 C C   . HIS A 1 65 ? 3.750   11.014  4.350   1.00 20.21  ? 65  HIS A C   1 
ATOM   492 O O   . HIS A 1 65 ? 2.767   11.518  3.793   1.00 21.29  ? 65  HIS A O   1 
ATOM   493 C CB  . HIS A 1 65 ? 4.627   11.668  6.600   1.00 19.68  ? 65  HIS A CB  1 
ATOM   494 C CG  . HIS A 1 65 ? 4.383   13.109  6.331   1.00 19.21  ? 65  HIS A CG  1 
ATOM   495 N ND1 . HIS A 1 65 ? 3.172   13.720  6.563   1.00 21.05  ? 65  HIS A ND1 1 
ATOM   496 C CD2 . HIS A 1 65 ? 5.220   14.081  5.925   1.00 20.42  ? 65  HIS A CD2 1 
ATOM   497 C CE1 . HIS A 1 65 ? 3.267   15.008  6.282   1.00 18.76  ? 65  HIS A CE1 1 
ATOM   498 N NE2 . HIS A 1 65 ? 4.500   15.252  5.885   1.00 20.14  ? 65  HIS A NE2 1 
ATOM   499 N N   . ASP A 1 66 ? 4.871   10.698  3.701   1.00 19.96  ? 66  ASP A N   1 
ATOM   500 C CA  . ASP A 1 66 ? 4.993   10.902  2.253   1.00 20.67  ? 66  ASP A CA  1 
ATOM   501 C C   . ASP A 1 66 ? 4.079   9.990   1.429   1.00 20.77  ? 66  ASP A C   1 
ATOM   502 O O   . ASP A 1 66 ? 3.492   10.435  0.418   1.00 20.80  ? 66  ASP A O   1 
ATOM   503 C CB  . ASP A 1 66 ? 6.438   10.753  1.796   1.00 20.87  ? 66  ASP A CB  1 
ATOM   504 C CG  . ASP A 1 66 ? 7.289   12.002  2.107   1.00 22.97  ? 66  ASP A CG  1 
ATOM   505 O OD1 . ASP A 1 66 ? 6.729   13.099  2.355   1.00 26.73  ? 66  ASP A OD1 1 
ATOM   506 O OD2 . ASP A 1 66 ? 8.526   11.880  2.103   1.00 24.46  ? 66  ASP A OD2 1 
ATOM   507 N N   . PHE A 1 67 ? 3.931   8.744   1.874   1.00 20.59  ? 67  PHE A N   1 
ATOM   508 C CA  . PHE A 1 67 ? 2.959   7.831   1.273   1.00 19.98  ? 67  PHE A CA  1 
ATOM   509 C C   . PHE A 1 67 ? 1.585   8.496   1.108   1.00 19.79  ? 67  PHE A C   1 
ATOM   510 O O   . PHE A 1 67 ? 0.943   8.355   0.080   1.00 20.36  ? 67  PHE A O   1 
ATOM   511 C CB  . PHE A 1 67 ? 2.818   6.543   2.101   1.00 19.92  ? 67  PHE A CB  1 
ATOM   512 C CG  . PHE A 1 67 ? 1.791   5.599   1.546   1.00 20.41  ? 67  PHE A CG  1 
ATOM   513 C CD1 . PHE A 1 67 ? 2.133   4.694   0.568   1.00 21.01  ? 67  PHE A CD1 1 
ATOM   514 C CD2 . PHE A 1 67 ? 0.472   5.691   1.933   1.00 19.21  ? 67  PHE A CD2 1 
ATOM   515 C CE1 . PHE A 1 67 ? 1.182   3.854   0.003   1.00 21.31  ? 67  PHE A CE1 1 
ATOM   516 C CE2 . PHE A 1 67 ? -0.497  4.871   1.373   1.00 19.55  ? 67  PHE A CE2 1 
ATOM   517 C CZ  . PHE A 1 67 ? -0.148  3.957   0.401   1.00 21.12  ? 67  PHE A CZ  1 
ATOM   518 N N   . PHE A 1 68 ? 1.155   9.249   2.102   1.00 19.53  ? 68  PHE A N   1 
ATOM   519 C CA  . PHE A 1 68 ? -0.175  9.803   2.108   1.00 19.69  ? 68  PHE A CA  1 
ATOM   520 C C   . PHE A 1 68 ? -0.284  11.171  1.448   1.00 20.04  ? 68  PHE A C   1 
ATOM   521 O O   . PHE A 1 68 ? -1.331  11.812  1.566   1.00 19.56  ? 68  PHE A O   1 
ATOM   522 C CB  . PHE A 1 68 ? -0.718  9.864   3.536   1.00 19.98  ? 68  PHE A CB  1 
ATOM   523 C CG  . PHE A 1 68 ? -1.312  8.560   4.024   1.00 21.00  ? 68  PHE A CG  1 
ATOM   524 C CD1 . PHE A 1 68 ? -2.501  8.090   3.488   1.00 20.07  ? 68  PHE A CD1 1 
ATOM   525 C CD2 . PHE A 1 68 ? -0.692  7.823   5.018   1.00 21.51  ? 68  PHE A CD2 1 
ATOM   526 C CE1 . PHE A 1 68 ? -3.055  6.910   3.920   1.00 20.32  ? 68  PHE A CE1 1 
ATOM   527 C CE2 . PHE A 1 68 ? -1.254  6.628   5.453   1.00 21.89  ? 68  PHE A CE2 1 
ATOM   528 C CZ  . PHE A 1 68 ? -2.432  6.182   4.908   1.00 19.72  ? 68  PHE A CZ  1 
ATOM   529 N N   . ASP A 1 69 ? 0.763   11.612  0.746   1.00 21.33  ? 69  ASP A N   1 
ATOM   530 C CA  . ASP A 1 69 ? 0.743   12.881  0.039   1.00 21.47  ? 69  ASP A CA  1 
ATOM   531 C C   . ASP A 1 69 ? 0.114   12.674  -1.317  1.00 22.30  ? 69  ASP A C   1 
ATOM   532 O O   . ASP A 1 69 ? 0.777   12.830  -2.351  1.00 22.77  ? 69  ASP A O   1 
ATOM   533 C CB  . ASP A 1 69 ? 2.163   13.438  -0.081  1.00 22.22  ? 69  ASP A CB  1 
ATOM   534 C CG  . ASP A 1 69 ? 2.220   14.889  -0.561  1.00 22.57  ? 69  ASP A CG  1 
ATOM   535 O OD1 . ASP A 1 69 ? 1.155   15.566  -0.708  1.00 21.93  ? 69  ASP A OD1 1 
ATOM   536 O OD2 . ASP A 1 69 ? 3.382   15.353  -0.788  1.00 24.02  ? 69  ASP A OD2 1 
ATOM   537 N N   . PHE A 1 70 ? -1.170  12.313  -1.311  1.00 22.38  ? 70  PHE A N   1 
ATOM   538 C CA  . PHE A 1 70 ? -1.990  12.213  -2.531  1.00 22.75  ? 70  PHE A CA  1 
ATOM   539 C C   . PHE A 1 70 ? -3.432  12.363  -2.143  1.00 22.93  ? 70  PHE A C   1 
ATOM   540 O O   . PHE A 1 70 ? -3.770  12.108  -0.995  1.00 21.99  ? 70  PHE A O   1 
ATOM   541 C CB  . PHE A 1 70 ? -1.807  10.879  -3.265  1.00 22.93  ? 70  PHE A CB  1 
ATOM   542 C CG  . PHE A 1 70 ? -2.367  9.687   -2.545  1.00 22.36  ? 70  PHE A CG  1 
ATOM   543 C CD1 . PHE A 1 70 ? -3.546  9.112   -2.954  1.00 22.88  ? 70  PHE A CD1 1 
ATOM   544 C CD2 . PHE A 1 70 ? -1.685  9.116   -1.474  1.00 22.00  ? 70  PHE A CD2 1 
ATOM   545 C CE1 . PHE A 1 70 ? -4.063  8.007   -2.312  1.00 22.53  ? 70  PHE A CE1 1 
ATOM   546 C CE2 . PHE A 1 70 ? -2.193  8.016   -0.824  1.00 22.14  ? 70  PHE A CE2 1 
ATOM   547 C CZ  . PHE A 1 70 ? -3.373  7.442   -1.253  1.00 22.22  ? 70  PHE A CZ  1 
ATOM   548 N N   . PRO A 1 71 ? -4.286  12.803  -3.084  1.00 24.08  ? 71  PRO A N   1 
ATOM   549 C CA  . PRO A 1 71 ? -5.726  12.971  -2.827  1.00 24.34  ? 71  PRO A CA  1 
ATOM   550 C C   . PRO A 1 71 ? -6.431  11.640  -2.686  1.00 24.93  ? 71  PRO A C   1 
ATOM   551 O O   . PRO A 1 71 ? -6.129  10.733  -3.426  1.00 26.83  ? 71  PRO A O   1 
ATOM   552 C CB  . PRO A 1 71 ? -6.230  13.675  -4.096  1.00 25.18  ? 71  PRO A CB  1 
ATOM   553 C CG  . PRO A 1 71 ? -5.007  14.206  -4.769  1.00 24.92  ? 71  PRO A CG  1 
ATOM   554 C CD  . PRO A 1 71 ? -3.950  13.209  -4.460  1.00 24.04  ? 71  PRO A CD  1 
ATOM   555 N N   . PRO A 1 72 ? -7.405  11.525  -1.781  1.00 24.77  ? 72  PRO A N   1 
ATOM   556 C CA  . PRO A 1 72 ? -8.028  12.529  -0.913  1.00 24.14  ? 72  PRO A CA  1 
ATOM   557 C C   . PRO A 1 72 ? -7.286  12.831  0.400   1.00 24.21  ? 72  PRO A C   1 
ATOM   558 O O   . PRO A 1 72 ? -7.687  13.732  1.129   1.00 23.65  ? 72  PRO A O   1 
ATOM   559 C CB  . PRO A 1 72 ? -9.371  11.877  -0.580  1.00 24.21  ? 72  PRO A CB  1 
ATOM   560 C CG  . PRO A 1 72 ? -9.047  10.420  -0.511  1.00 24.32  ? 72  PRO A CG  1 
ATOM   561 C CD  . PRO A 1 72 ? -8.005  10.190  -1.584  1.00 25.05  ? 72  PRO A CD  1 
ATOM   562 N N   . TYR A 1 73 ? -6.227  12.085  0.695   1.00 23.52  ? 73  TYR A N   1 
ATOM   563 C CA  . TYR A 1 73 ? -5.644  12.093  2.027   1.00 22.84  ? 73  TYR A CA  1 
ATOM   564 C C   . TYR A 1 73 ? -4.823  13.346  2.333   1.00 22.41  ? 73  TYR A C   1 
ATOM   565 O O   . TYR A 1 73 ? -4.607  13.656  3.499   1.00 21.24  ? 73  TYR A O   1 
ATOM   566 C CB  . TYR A 1 73 ? -4.803  10.843  2.237   1.00 22.59  ? 73  TYR A CB  1 
ATOM   567 C CG  . TYR A 1 73 ? -5.621  9.588   2.167   1.00 22.57  ? 73  TYR A CG  1 
ATOM   568 C CD1 . TYR A 1 73 ? -5.524  8.752   1.081   1.00 24.10  ? 73  TYR A CD1 1 
ATOM   569 C CD2 . TYR A 1 73 ? -6.547  9.275   3.156   1.00 22.60  ? 73  TYR A CD2 1 
ATOM   570 C CE1 . TYR A 1 73 ? -6.293  7.580   0.998   1.00 24.19  ? 73  TYR A CE1 1 
ATOM   571 C CE2 . TYR A 1 73 ? -7.329  8.108   3.077   1.00 21.96  ? 73  TYR A CE2 1 
ATOM   572 C CZ  . TYR A 1 73 ? -7.182  7.266   1.998   1.00 21.75  ? 73  TYR A CZ  1 
ATOM   573 O OH  . TYR A 1 73 ? -7.932  6.111   1.869   1.00 21.96  ? 73  TYR A OH  1 
ATOM   574 N N   . ASN A 1 74 ? -4.395  14.072  1.301   1.00 22.57  ? 74  ASN A N   1 
ATOM   575 C CA  . ASN A 1 74 ? -3.662  15.312  1.497   1.00 23.00  ? 74  ASN A CA  1 
ATOM   576 C C   . ASN A 1 74 ? -4.510  16.552  1.316   1.00 24.23  ? 74  ASN A C   1 
ATOM   577 O O   . ASN A 1 74 ? -3.971  17.650  1.152   1.00 23.93  ? 74  ASN A O   1 
ATOM   578 C CB  . ASN A 1 74 ? -2.371  15.350  0.644   1.00 22.70  ? 74  ASN A CB  1 
ATOM   579 C CG  . ASN A 1 74 ? -2.602  15.482  -0.844  1.00 22.29  ? 74  ASN A CG  1 
ATOM   580 O OD1 . ASN A 1 74 ? -3.739  15.460  -1.348  1.00 20.28  ? 74  ASN A OD1 1 
ATOM   581 N ND2 . ASN A 1 74 ? -1.492  15.615  -1.574  1.00 20.14  ? 74  ASN A ND2 1 
ATOM   582 N N   . GLU A 1 75 ? -5.823  16.393  1.353   1.00 25.13  ? 75  GLU A N   1 
ATOM   583 C CA  . GLU A 1 75 ? -6.718  17.544  1.416   1.00 27.52  ? 75  GLU A CA  1 
ATOM   584 C C   . GLU A 1 75 ? -7.726  17.357  2.540   1.00 28.05  ? 75  GLU A C   1 
ATOM   585 O O   . GLU A 1 75 ? -7.944  16.230  2.954   1.00 27.27  ? 75  GLU A O   1 
ATOM   586 C CB  . GLU A 1 75 ? -7.408  17.708  0.065   1.00 29.04  ? 75  GLU A CB  1 
ATOM   587 C CG  . GLU A 1 75 ? -6.399  18.007  -1.119  1.00 33.31  ? 75  GLU A CG  1 
ATOM   588 C CD  . GLU A 1 75 ? -5.680  19.416  -1.078  1.00 39.25  ? 75  GLU A CD  1 
ATOM   589 O OE1 . GLU A 1 75 ? -6.397  20.464  -1.030  1.00 41.38  ? 75  GLU A OE1 1 
ATOM   590 O OE2 . GLU A 1 75 ? -4.400  19.476  -1.142  1.00 41.20  ? 75  GLU A OE2 1 
ATOM   591 N N   . VAL A 1 76 ? -8.334  18.429  3.052   1.00 29.16  ? 76  VAL A N   1 
ATOM   592 C CA  . VAL A 1 76 ? -9.356  18.248  4.115   1.00 29.99  ? 76  VAL A CA  1 
ATOM   593 C C   . VAL A 1 76 ? -10.814 18.129  3.565   1.00 31.35  ? 76  VAL A C   1 
ATOM   594 O O   . VAL A 1 76 ? -11.596 17.211  3.962   1.00 32.96  ? 76  VAL A O   1 
ATOM   595 C CB  . VAL A 1 76 ? -9.269  19.316  5.267   1.00 30.62  ? 76  VAL A CB  1 
ATOM   596 C CG1 . VAL A 1 76 ? -7.838  19.781  5.521   1.00 29.56  ? 76  VAL A CG1 1 
ATOM   597 C CG2 . VAL A 1 76 ? -10.159 20.491  5.007   1.00 31.13  ? 76  VAL A CG2 1 
HETATM 598 O O   . HOH B 2 .  ? -3.102  -5.397  6.465   1.00 18.26  ? 79  HOH A O   1 
HETATM 599 O O   . HOH B 2 .  ? 3.223   9.230   -2.058  1.00 21.14  ? 80  HOH A O   1 
HETATM 600 O O   . HOH B 2 .  ? 4.845   14.727  2.147   1.00 25.49  ? 81  HOH A O   1 
HETATM 601 O O   . HOH B 2 .  ? -15.619 0.965   -4.703  1.00 14.55  ? 82  HOH A O   1 
HETATM 602 O O   . HOH B 2 .  ? -13.634 3.024   3.169   1.00 32.55  ? 83  HOH A O   1 
HETATM 603 O O   . HOH B 2 .  ? -7.611  13.739  4.537   1.00 23.88  ? 84  HOH A O   1 
HETATM 604 O O   . HOH B 2 .  ? 2.896   -5.457  -9.109  1.00 23.60  ? 85  HOH A O   1 
HETATM 605 O O   . HOH B 2 .  ? -8.860  -4.049  0.934   1.00 24.84  ? 86  HOH A O   1 
HETATM 606 O O   . HOH B 2 .  ? -5.292  6.116   -4.992  1.00 22.73  ? 87  HOH A O   1 
HETATM 607 O O   . HOH B 2 .  ? -11.390 -0.392  6.948   1.00 47.56  ? 88  HOH A O   1 
HETATM 608 O O   . HOH B 2 .  ? 5.666   1.708   13.962  1.00 32.43  ? 89  HOH A O   1 
HETATM 609 O O   . HOH B 2 .  ? 9.738   9.814   2.160   1.00 34.91  ? 90  HOH A O   1 
HETATM 610 O O   . HOH B 2 .  ? -8.400  -3.300  -1.868  1.00 35.12  ? 91  HOH A O   1 
HETATM 611 O O   . HOH B 2 .  ? -11.285 0.060   3.443   1.00 29.55  ? 92  HOH A O   1 
HETATM 612 O O   . HOH B 2 .  ? -6.895  17.798  -3.752  1.00 58.48  ? 93  HOH A O   1 
HETATM 613 O O   . HOH B 2 .  ? -6.964  -1.639  -5.566  1.00 42.41  ? 94  HOH A O   1 
HETATM 614 O O   . HOH B 2 .  ? -17.414 1.046   -2.490  1.00 22.03  ? 95  HOH A O   1 
HETATM 615 O O   . HOH B 2 .  ? -6.979  -13.623 4.798   1.00 22.58  ? 96  HOH A O   1 
HETATM 616 O O   . HOH B 2 .  ? 8.293   2.397   7.451   1.00 37.84  ? 97  HOH A O   1 
HETATM 617 O O   . HOH B 2 .  ? -6.288  8.899   -5.221  1.00 33.79  ? 98  HOH A O   1 
HETATM 618 O O   . HOH B 2 .  ? -10.757 -2.308  0.136   1.00 40.57  ? 99  HOH A O   1 
HETATM 619 O O   . HOH B 2 .  ? -3.419  -5.746  3.540   1.00 37.44  ? 100 HOH A O   1 
HETATM 620 O O   . HOH B 2 .  ? -2.933  -8.906  7.700   1.00 49.86  ? 101 HOH A O   1 
HETATM 621 O O   . HOH B 2 .  ? -6.778  -5.819  10.315  1.00 37.15  ? 102 HOH A O   1 
HETATM 622 O O   . HOH B 2 .  ? 7.896   5.202   -6.171  1.00 33.63  ? 103 HOH A O   1 
HETATM 623 O O   . HOH B 2 .  ? -13.712 6.511   0.615   1.00 35.26  ? 104 HOH A O   1 
HETATM 624 O O   . HOH B 2 .  ? 13.126  2.901   4.469   1.00 51.41  ? 105 HOH A O   1 
HETATM 625 O O   . HOH B 2 .  ? -16.582 -4.898  3.922   1.00 52.85  ? 106 HOH A O   1 
HETATM 626 O O   . HOH B 2 .  ? -11.129 -2.972  -5.782  1.00 36.04  ? 107 HOH A O   1 
HETATM 627 O O   . HOH B 2 .  ? -2.570  7.508   -6.397  1.00 50.65  ? 108 HOH A O   1 
HETATM 628 O O   . HOH B 2 .  ? 10.689  -12.234 -4.231  1.00 54.17  ? 109 HOH A O   1 
HETATM 629 O O   . HOH B 2 .  ? -8.850  -3.407  -4.527  1.00 35.75  ? 110 HOH A O   1 
HETATM 630 O O   . HOH B 2 .  ? 8.755   1.221   9.975   1.00 52.26  ? 111 HOH A O   1 
HETATM 631 O O   . HOH B 2 .  ? 3.073   12.280  -3.331  1.00 38.39  ? 112 HOH A O   1 
HETATM 632 O O   . HOH B 2 .  ? 7.023   7.597   -7.101  1.00 38.85  ? 113 HOH A O   1 
HETATM 633 O O   . HOH B 2 .  ? -4.601  -12.833 6.235   1.00 41.47  ? 114 HOH A O   1 
HETATM 634 O O   . HOH B 2 .  ? -2.492  2.257   -9.370  1.00 42.29  ? 115 HOH A O   1 
HETATM 635 O O   . HOH B 2 .  ? -13.951 -7.666  -2.272  1.00 50.41  ? 116 HOH A O   1 
HETATM 636 O O   . HOH B 2 .  ? -10.399 14.745  1.497   1.00 47.44  ? 117 HOH A O   1 
HETATM 637 O O   . HOH B 2 .  ? -12.008 -1.324  11.746  1.00 72.14  ? 118 HOH A O   1 
HETATM 638 O O   . HOH B 2 .  ? -11.792 -6.262  -4.829  1.00 49.30  ? 119 HOH A O   1 
HETATM 639 O O   . HOH B 2 .  ? 9.199   -3.251  6.169   1.00 50.42  ? 120 HOH A O   1 
HETATM 640 O O   . HOH B 2 .  ? 4.382   -3.590  -10.195 1.00 35.37  ? 121 HOH A O   1 
HETATM 641 O O   . HOH B 2 .  ? -6.767  5.461   -6.809  1.00 40.73  ? 122 HOH A O   1 
HETATM 642 O O   . HOH B 2 .  ? -17.566 -0.197  -0.186  1.00 41.18  ? 123 HOH A O   1 
HETATM 643 O O   . HOH B 2 .  ? 4.526   -12.906 0.189   1.00 45.14  ? 124 HOH A O   1 
HETATM 644 O O   . HOH B 2 .  ? -7.325  20.787  1.840   1.00 49.90  ? 125 HOH A O   1 
HETATM 645 O O   . HOH B 2 .  ? -6.218  -12.974 2.132   1.00 48.65  ? 126 HOH A O   1 
HETATM 646 O O   . HOH B 2 .  ? -0.932  -13.826 8.156   1.00 76.74  ? 127 HOH A O   1 
HETATM 647 O O   . HOH B 2 .  ? -18.328 4.205   -2.939  1.00 40.33  ? 128 HOH A O   1 
HETATM 648 O O   . HOH B 2 .  ? 10.405  -6.887  -8.721  1.00 48.19  ? 129 HOH A O   1 
HETATM 649 O O   . HOH B 2 .  ? 12.666  -4.082  2.756   1.00 49.42  ? 130 HOH A O   1 
HETATM 650 O O   . HOH B 2 .  ? 8.883   3.665   10.727  1.00 62.10  ? 131 HOH A O   1 
HETATM 651 O O   . HOH B 2 .  ? -14.958 7.981   -3.302  1.00 34.26  ? 132 HOH A O   1 
HETATM 652 O O   . HOH B 2 .  ? -13.753 8.449   -5.849  1.00 46.49  ? 133 HOH A O   1 
HETATM 653 O O   . HOH B 2 .  ? 14.795  -2.215  -13.632 1.00 51.50  ? 134 HOH A O   1 
HETATM 654 O O   . HOH B 2 .  ? -13.705 -2.417  2.419   1.00 100.84 ? 135 HOH A O   1 
HETATM 655 O O   . HOH B 2 .  ? -0.621  1.393   -10.954 1.00 51.32  ? 136 HOH A O   1 
HETATM 656 O O   . HOH B 2 .  ? -6.269  0.371   7.723   1.00 37.17  ? 137 HOH A O   1 
HETATM 657 O O   . HOH B 2 .  ? -7.276  0.207   4.555   1.00 56.60  ? 138 HOH A O   1 
# 
loop_
_atom_site_anisotrop.id 
_atom_site_anisotrop.type_symbol 
_atom_site_anisotrop.pdbx_label_atom_id 
_atom_site_anisotrop.pdbx_label_alt_id 
_atom_site_anisotrop.pdbx_label_comp_id 
_atom_site_anisotrop.pdbx_label_asym_id 
_atom_site_anisotrop.pdbx_label_seq_id 
_atom_site_anisotrop.pdbx_PDB_ins_code 
_atom_site_anisotrop.U[1][1] 
_atom_site_anisotrop.U[2][2] 
_atom_site_anisotrop.U[3][3] 
_atom_site_anisotrop.U[1][2] 
_atom_site_anisotrop.U[1][3] 
_atom_site_anisotrop.U[2][3] 
_atom_site_anisotrop.pdbx_auth_seq_id 
_atom_site_anisotrop.pdbx_auth_comp_id 
_atom_site_anisotrop.pdbx_auth_asym_id 
_atom_site_anisotrop.pdbx_auth_atom_id 
1   N N   . MET A 1  ? 0.4101 0.3965 0.3972 0.0022  -0.0074 0.0020  1   MET A N   
2   C CA  . MET A 1  ? 0.3963 0.3904 0.3991 0.0011  -0.0053 0.0051  1   MET A CA  
3   C C   . MET A 1  ? 0.3916 0.3869 0.3955 0.0016  -0.0038 0.0070  1   MET A C   
4   O O   . MET A 1  ? 0.3908 0.3874 0.3910 0.0064  -0.0015 0.0061  1   MET A O   
5   C CB  . MET A 1  ? 0.4049 0.3920 0.4068 -0.0001 -0.0117 0.0093  1   MET A CB  
6   C CG  . MET A 1  ? 0.4046 0.3732 0.4273 -0.0017 -0.0156 0.0198  1   MET A CG  
7   S SD  . MET A 1  ? 0.4116 0.2871 0.4281 -0.0410 -0.0807 0.0510  1   MET A SD  
8   C CE  . MET A 1  ? 0.3444 0.2903 0.4398 -0.0006 -0.0267 0.0025  1   MET A CE  
9   N N   . LYS A 2  ? 0.3731 0.3711 0.3690 -0.0012 -0.0073 0.0017  2   LYS A N   
10  C CA  . LYS A 2  ? 0.3614 0.3640 0.3639 -0.0046 -0.0009 -0.0016 2   LYS A CA  
11  C C   . LYS A 2  ? 0.3288 0.3413 0.3371 -0.0064 -0.0011 -0.0005 2   LYS A C   
12  O O   . LYS A 2  ? 0.3065 0.3460 0.3141 -0.0111 0.0007  0.0011  2   LYS A O   
13  C CB  . LYS A 2  ? 0.3710 0.3672 0.3654 -0.0048 -0.0002 -0.0033 2   LYS A CB  
14  C CG  . LYS A 2  ? 0.3810 0.3878 0.3898 -0.0062 0.0077  0.0019  2   LYS A CG  
15  C CD  . LYS A 2  ? 0.3934 0.3942 0.3938 -0.0068 0.0005  -0.0041 2   LYS A CD  
16  C CE  . LYS A 2  ? 0.4163 0.4210 0.4281 -0.0095 0.0087  0.0062  2   LYS A CE  
17  N NZ  . LYS A 2  ? 0.4187 0.4518 0.4587 -0.0250 0.0072  0.0060  2   LYS A NZ  
18  N N   . THR A 3  ? 0.3142 0.3286 0.3218 -0.0032 0.0000  -0.0060 3   THR A N   
19  C CA  . THR A 3  ? 0.3101 0.3119 0.3108 -0.0043 0.0001  -0.0035 3   THR A CA  
20  C C   . THR A 3  ? 0.2916 0.2943 0.2961 0.0033  -0.0049 -0.0023 3   THR A C   
21  O O   . THR A 3  ? 0.2657 0.2761 0.2957 0.0016  -0.0222 -0.0162 3   THR A O   
22  C CB  . THR A 3  ? 0.3147 0.3173 0.3080 0.0009  0.0013  -0.0040 3   THR A CB  
23  O OG1 . THR A 3  ? 0.3169 0.3394 0.3107 -0.0183 0.0173  -0.0002 3   THR A OG1 
24  C CG2 . THR A 3  ? 0.3080 0.3142 0.3229 -0.0181 0.0023  -0.0025 3   THR A CG2 
25  N N   . ASP A 4  ? 0.2907 0.2802 0.2942 0.0026  -0.0022 -0.0071 4   ASP A N   
26  C CA  . ASP A 4  ? 0.2813 0.2797 0.2869 -0.0006 -0.0001 0.0015  4   ASP A CA  
27  C C   . ASP A 4  ? 0.2778 0.2732 0.2799 -0.0049 -0.0030 -0.0008 4   ASP A C   
28  O O   . ASP A 4  ? 0.2571 0.2600 0.2795 -0.0132 -0.0053 0.0078  4   ASP A O   
29  C CB  . ASP A 4  ? 0.2835 0.2802 0.2907 0.0003  0.0052  0.0003  4   ASP A CB  
30  C CG  . ASP A 4  ? 0.2873 0.2760 0.2945 0.0155  0.0159  0.0163  4   ASP A CG  
31  O OD1 . ASP A 4  ? 0.3135 0.3228 0.2999 0.0250  -0.0005 -0.0150 4   ASP A OD1 
32  O OD2 . ASP A 4  ? 0.3048 0.2910 0.2932 0.0833  0.0448  0.0364  4   ASP A OD2 
33  N N   . GLY A 5  ? 0.2786 0.2718 0.2789 0.0021  -0.0005 0.0044  5   GLY A N   
34  C CA  . GLY A 5  ? 0.2766 0.2697 0.2849 0.0024  0.0016  0.0027  5   GLY A CA  
35  C C   . GLY A 5  ? 0.2703 0.2616 0.2842 0.0012  0.0016  0.0034  5   GLY A C   
36  O O   . GLY A 5  ? 0.2701 0.2427 0.3104 0.0013  0.0118  0.0058  5   GLY A O   
37  N N   . GLU A 6  ? 0.2726 0.2614 0.2872 0.0035  0.0053  0.0024  6   GLU A N   
38  C CA  . GLU A 6  ? 0.2723 0.2710 0.2757 0.0045  -0.0011 -0.0047 6   GLU A CA  
39  C C   . GLU A 6  ? 0.2795 0.2668 0.2721 0.0090  0.0004  -0.0010 6   GLU A C   
40  O O   . GLU A 6  ? 0.2858 0.2494 0.2785 0.0128  0.0032  -0.0108 6   GLU A O   
41  C CB  . GLU A 6  ? 0.2755 0.2716 0.2784 0.0051  0.0015  -0.0040 6   GLU A CB  
42  C CG  . GLU A 6  ? 0.2727 0.2997 0.2896 0.0085  -0.0058 -0.0079 6   GLU A CG  
43  C CD  . GLU A 6  ? 0.2843 0.3035 0.2923 0.0104  -0.0124 -0.0143 6   GLU A CD  
44  O OE1 . GLU A 6  ? 0.2926 0.3043 0.3082 0.0551  -0.0199 -0.0589 6   GLU A OE1 
45  O OE2 . GLU A 6  ? 0.2864 0.3665 0.3601 0.0148  -0.0715 -0.0415 6   GLU A OE2 
46  N N   . PHE A 7  ? 0.2744 0.2586 0.2593 0.0083  -0.0007 -0.0052 7   PHE A N   
47  C CA  . PHE A 7  ? 0.2637 0.2688 0.2703 0.0033  -0.0024 -0.0042 7   PHE A CA  
48  C C   . PHE A 7  ? 0.2594 0.2730 0.2653 0.0035  -0.0093 -0.0023 7   PHE A C   
49  O O   . PHE A 7  ? 0.2342 0.2763 0.2862 -0.0010 -0.0292 -0.0018 7   PHE A O   
50  C CB  . PHE A 7  ? 0.2710 0.2755 0.2680 -0.0002 -0.0072 -0.0066 7   PHE A CB  
51  C CG  . PHE A 7  ? 0.2647 0.2541 0.2741 0.0086  0.0022  -0.0074 7   PHE A CG  
52  C CD1 . PHE A 7  ? 0.2760 0.2543 0.2900 0.0228  0.0030  0.0043  7   PHE A CD1 
53  C CD2 . PHE A 7  ? 0.2835 0.2594 0.3037 0.0056  -0.0022 0.0027  7   PHE A CD2 
54  C CE1 . PHE A 7  ? 0.2689 0.3194 0.2942 0.0064  -0.0128 -0.0080 7   PHE A CE1 
55  C CE2 . PHE A 7  ? 0.2867 0.3036 0.2833 -0.0048 -0.0148 0.0002  7   PHE A CE2 
56  C CZ  . PHE A 7  ? 0.2797 0.3047 0.2772 0.0006  -0.0168 0.0021  7   PHE A CZ  
57  N N   . VAL A 8  ? 0.2591 0.2667 0.2706 0.0006  -0.0073 -0.0020 8   VAL A N   
58  C CA  . VAL A 8  ? 0.2649 0.2637 0.2731 -0.0008 -0.0083 -0.0085 8   VAL A CA  
59  C C   . VAL A 8  ? 0.2636 0.2610 0.2751 -0.0080 -0.0065 -0.0088 8   VAL A C   
60  O O   . VAL A 8  ? 0.2766 0.2475 0.2826 -0.0234 -0.0166 -0.0122 8   VAL A O   
61  C CB  . VAL A 8  ? 0.2705 0.2683 0.2629 0.0019  -0.0081 -0.0147 8   VAL A CB  
62  C CG1 . VAL A 8  ? 0.2529 0.2563 0.2445 0.0268  -0.0117 -0.0322 8   VAL A CG1 
63  C CG2 . VAL A 8  ? 0.2662 0.2564 0.2582 0.0118  -0.0050 -0.0388 8   VAL A CG2 
64  N N   . SER A 9  ? 0.2601 0.2672 0.2865 -0.0034 -0.0112 -0.0039 9   SER A N   
65  C CA  . SER A 9  ? 0.2676 0.2676 0.2948 -0.0037 -0.0093 -0.0058 9   SER A CA  
66  C C   . SER A 9  ? 0.2728 0.2726 0.3098 -0.0028 -0.0087 -0.0056 9   SER A C   
67  O O   . SER A 9  ? 0.2639 0.2629 0.3417 -0.0017 -0.0072 -0.0025 9   SER A O   
68  C CB  . SER A 9  ? 0.2705 0.2707 0.3077 -0.0008 -0.0119 -0.0071 9   SER A CB  
69  O OG  . SER A 9  ? 0.2535 0.2538 0.3463 0.0042  -0.0389 0.0078  9   SER A OG  
70  N N   . GLU A 10 ? 0.2757 0.2732 0.3111 -0.0079 -0.0095 -0.0114 10  GLU A N   
71  C CA  . GLU A 10 ? 0.2890 0.2917 0.3061 -0.0035 -0.0050 -0.0090 10  GLU A CA  
72  C C   . GLU A 10 ? 0.2809 0.2780 0.2922 -0.0110 -0.0046 -0.0179 10  GLU A C   
73  O O   . GLU A 10 ? 0.2797 0.2800 0.3040 -0.0297 -0.0051 -0.0287 10  GLU A O   
74  C CB  . GLU A 10 ? 0.2883 0.2952 0.3138 -0.0063 -0.0102 -0.0147 10  GLU A CB  
75  C CG  . GLU A 10 ? 0.3304 0.3564 0.3534 0.0089  -0.0112 -0.0062 10  GLU A CG  
76  C CD  . GLU A 10 ? 0.3452 0.3624 0.3772 -0.0001 -0.0147 -0.0093 10  GLU A CD  
77  O OE1 . GLU A 10 ? 0.4518 0.4346 0.4532 0.0261  -0.0264 -0.0057 10  GLU A OE1 
78  O OE2 . GLU A 10 ? 0.3710 0.5418 0.4952 -0.0139 -0.0389 -0.0233 10  GLU A OE2 
79  N N   . HIS A 11 ? 0.2815 0.2755 0.2832 -0.0021 -0.0020 -0.0081 11  HIS A N   
80  C CA  . HIS A 11 ? 0.2757 0.2752 0.2811 -0.0007 -0.0032 -0.0120 11  HIS A CA  
81  C C   . HIS A 11 ? 0.2815 0.2784 0.2868 -0.0009 -0.0033 -0.0135 11  HIS A C   
82  O O   . HIS A 11 ? 0.2755 0.2775 0.2891 0.0210  0.0023  -0.0303 11  HIS A O   
83  C CB  . HIS A 11 ? 0.2839 0.2788 0.2826 0.0018  -0.0076 -0.0044 11  HIS A CB  
84  C CG  . HIS A 11 ? 0.2714 0.2655 0.2617 0.0013  -0.0097 -0.0126 11  HIS A CG  
85  N ND1 . HIS A 11 ? 0.2732 0.2552 0.2540 0.0051  -0.0052 -0.0428 11  HIS A ND1 
86  C CD2 . HIS A 11 ? 0.2767 0.2660 0.2450 0.0044  -0.0087 -0.0115 11  HIS A CD2 
87  C CE1 . HIS A 11 ? 0.2663 0.2676 0.2622 0.0004  -0.0179 -0.0147 11  HIS A CE1 
88  N NE2 . HIS A 11 ? 0.2678 0.2954 0.2517 0.0013  -0.0225 -0.0121 11  HIS A NE2 
89  N N   . LEU A 12 ? 0.2909 0.2939 0.3046 -0.0059 -0.0072 -0.0127 12  LEU A N   
90  C CA  . LEU A 12 ? 0.3057 0.3144 0.3246 -0.0061 -0.0043 -0.0021 12  LEU A CA  
91  C C   . LEU A 12 ? 0.3099 0.3196 0.3369 -0.0022 -0.0054 -0.0045 12  LEU A C   
92  O O   . LEU A 12 ? 0.3139 0.3286 0.3511 -0.0031 -0.0023 -0.0024 12  LEU A O   
93  C CB  . LEU A 12 ? 0.3039 0.3144 0.3302 -0.0008 -0.0082 -0.0041 12  LEU A CB  
94  C CG  . LEU A 12 ? 0.3156 0.3258 0.3318 -0.0099 -0.0123 0.0028  12  LEU A CG  
95  C CD1 . LEU A 12 ? 0.3320 0.3486 0.3614 -0.0222 -0.0442 0.0100  12  LEU A CD1 
96  C CD2 . LEU A 12 ? 0.3336 0.3520 0.3721 -0.0129 -0.0079 0.0204  12  LEU A CD2 
97  N N   . MET A 13 ? 0.3167 0.3243 0.3379 -0.0048 -0.0052 -0.0085 13  MET A N   
98  C CA  . MET A 13 ? 0.3259 0.3334 0.3392 -0.0012 -0.0024 -0.0063 13  MET A CA  
99  C C   . MET A 13 ? 0.3313 0.3433 0.3431 -0.0006 -0.0004 -0.0134 13  MET A C   
100 O O   . MET A 13 ? 0.3352 0.3492 0.3345 0.0035  0.0048  -0.0306 13  MET A O   
101 C CB  . MET A 13 ? 0.3326 0.3383 0.3465 0.0021  -0.0058 -0.0113 13  MET A CB  
102 C CG  . MET A 13 ? 0.3244 0.3384 0.3464 0.0001  -0.0030 -0.0128 13  MET A CG  
103 S SD  . MET A 13 ? 0.3276 0.2833 0.3889 0.0482  0.0086  -0.0607 13  MET A SD  
104 C CE  . MET A 13 ? 0.3234 0.3225 0.3804 0.0090  0.0319  0.0007  13  MET A CE  
105 N N   . GLU A 14 ? 0.3374 0.3453 0.3441 0.0044  0.0018  -0.0130 14  GLU A N   
106 C CA  . GLU A 14 ? 0.3574 0.3578 0.3688 0.0021  0.0028  -0.0065 14  GLU A CA  
107 C C   . GLU A 14 ? 0.3428 0.3414 0.3503 -0.0023 0.0035  -0.0063 14  GLU A C   
108 O O   . GLU A 14 ? 0.3429 0.3348 0.3497 -0.0115 0.0046  -0.0077 14  GLU A O   
109 C CB  . GLU A 14 ? 0.3629 0.3733 0.3735 0.0046  -0.0032 -0.0105 14  GLU A CB  
110 C CG  . GLU A 14 ? 0.4255 0.4294 0.4460 0.0092  0.0075  -0.0150 14  GLU A CG  
111 C CD  . GLU A 14 ? 0.4277 0.4305 0.5004 0.0126  0.0090  0.0020  14  GLU A CD  
112 O OE1 . GLU A 14 ? 0.5063 0.5434 0.6796 0.0403  0.0182  0.0155  14  GLU A OE1 
113 O OE2 . GLU A 14 ? 0.4911 0.5076 0.6477 -0.0066 0.0202  0.0076  14  GLU A OE2 
114 N N   . LEU A 15 ? 0.3345 0.3273 0.3451 -0.0064 0.0098  0.0027  15  LEU A N   
115 C CA  . LEU A 15 ? 0.3408 0.3394 0.3527 -0.0025 0.0058  -0.0018 15  LEU A CA  
116 C C   . LEU A 15 ? 0.3453 0.3483 0.3635 -0.0026 0.0081  -0.0036 15  LEU A C   
117 O O   . LEU A 15 ? 0.3461 0.3522 0.3616 -0.0035 0.0206  -0.0107 15  LEU A O   
118 C CB  . LEU A 15 ? 0.3262 0.3307 0.3358 -0.0059 0.0134  0.0062  15  LEU A CB  
119 C CG  . LEU A 15 ? 0.3187 0.2981 0.3235 -0.0073 0.0155  -0.0017 15  LEU A CG  
120 C CD1 . LEU A 15 ? 0.3062 0.2778 0.2872 -0.0074 0.0097  -0.0092 15  LEU A CD1 
121 C CD2 . LEU A 15 ? 0.3502 0.3104 0.2981 0.0068  0.0530  -0.0200 15  LEU A CD2 
122 N N   . ILE A 16 ? 0.3507 0.3605 0.3787 -0.0040 0.0035  -0.0035 16  ILE A N   
123 C CA  . ILE A 16 ? 0.3656 0.3667 0.3870 -0.0001 0.0041  -0.0046 16  ILE A CA  
124 C C   . ILE A 16 ? 0.3847 0.3742 0.4027 -0.0020 0.0025  -0.0015 16  ILE A C   
125 O O   . ILE A 16 ? 0.3883 0.3493 0.4103 -0.0032 0.0107  -0.0014 16  ILE A O   
126 C CB  . ILE A 16 ? 0.3576 0.3592 0.3821 0.0034  0.0039  -0.0075 16  ILE A CB  
127 C CG1 . ILE A 16 ? 0.3598 0.3762 0.3958 0.0056  -0.0038 -0.0055 16  ILE A CG1 
128 C CG2 . ILE A 16 ? 0.3537 0.3850 0.4087 -0.0039 0.0025  -0.0059 16  ILE A CG2 
129 C CD1 . ILE A 16 ? 0.3535 0.3418 0.4041 -0.0037 0.0060  0.0002  16  ILE A CD1 
130 N N   . THR A 17 ? 0.4073 0.3974 0.4222 -0.0028 0.0037  -0.0037 17  THR A N   
131 C CA  . THR A 17 ? 0.4231 0.4126 0.4285 -0.0033 0.0070  -0.0072 17  THR A CA  
132 C C   . THR A 17 ? 0.4435 0.4412 0.4495 -0.0041 0.0102  -0.0065 17  THR A C   
133 O O   . THR A 17 ? 0.4612 0.4430 0.4437 -0.0071 0.0210  -0.0108 17  THR A O   
134 C CB  . THR A 17 ? 0.4176 0.4145 0.4275 -0.0031 0.0123  -0.0078 17  THR A CB  
135 O OG1 . THR A 17 ? 0.4141 0.4080 0.4385 0.0053  0.0151  -0.0495 17  THR A OG1 
136 C CG2 . THR A 17 ? 0.4191 0.4141 0.4256 0.0046  0.0002  -0.0078 17  THR A CG2 
137 N N   . GLN A 18 ? 0.4553 0.4438 0.4604 -0.0090 0.0072  -0.0058 18  GLN A N   
138 C CA  . GLN A 18 ? 0.4741 0.4711 0.4792 -0.0011 0.0032  -0.0004 18  GLN A CA  
139 C C   . GLN A 18 ? 0.4682 0.4680 0.4775 -0.0061 0.0053  0.0010  18  GLN A C   
140 O O   . GLN A 18 ? 0.4770 0.4621 0.4922 -0.0119 0.0079  0.0114  18  GLN A O   
141 C CB  . GLN A 18 ? 0.4773 0.4671 0.4825 -0.0042 0.0040  -0.0020 18  GLN A CB  
142 C CG  . GLN A 18 ? 0.5082 0.5139 0.5086 0.0118  0.0009  -0.0073 18  GLN A CG  
143 C CD  . GLN A 18 ? 0.5259 0.5332 0.5296 0.0069  -0.0099 -0.0049 18  GLN A CD  
144 O OE1 . GLN A 18 ? 0.6067 0.5628 0.5408 0.0160  -0.0442 -0.0434 18  GLN A OE1 
145 N NE2 . GLN A 18 ? 0.6003 0.6175 0.6100 0.0148  -0.0310 0.0020  18  GLN A NE2 
146 N N   . GLN A 19 ? 0.4661 0.4659 0.4622 -0.0047 0.0047  0.0048  19  GLN A N   
147 C CA  . GLN A 19 ? 0.4726 0.4697 0.4707 -0.0040 0.0043  0.0031  19  GLN A CA  
148 C C   . GLN A 19 ? 0.4656 0.4648 0.4547 -0.0051 0.0056  0.0045  19  GLN A C   
149 O O   . GLN A 19 ? 0.4615 0.4651 0.4399 -0.0040 0.0091  0.0097  19  GLN A O   
150 C CB  . GLN A 19 ? 0.4758 0.4661 0.4708 -0.0043 0.0004  0.0009  19  GLN A CB  
151 C CG  . GLN A 19 ? 0.4970 0.4880 0.5013 -0.0019 0.0007  0.0064  19  GLN A CG  
152 C CD  . GLN A 19 ? 0.5012 0.4820 0.4993 -0.0054 0.0052  0.0013  19  GLN A CD  
153 O OE1 . GLN A 19 ? 0.5580 0.5074 0.5847 -0.0237 -0.0057 -0.0050 19  GLN A OE1 
154 N NE2 . GLN A 19 ? 0.5288 0.4775 0.5556 -0.0068 0.0312  0.0195  19  GLN A NE2 
155 N N   . ASN A 20 ? 0.4594 0.4658 0.4602 -0.0044 0.0052  0.0051  20  ASN A N   
156 C CA  . ASN A 20 ? 0.4559 0.4636 0.4548 -0.0044 0.0022  0.0044  20  ASN A CA  
157 C C   . ASN A 20 ? 0.4428 0.4508 0.4456 -0.0041 -0.0031 -0.0025 20  ASN A C   
158 O O   . ASN A 20 ? 0.4407 0.4477 0.4453 -0.0077 -0.0139 -0.0045 20  ASN A O   
159 C CB  . ASN A 20 ? 0.4657 0.4785 0.4668 0.0007  0.0020  0.0084  20  ASN A CB  
160 C CG  . ASN A 20 ? 0.4811 0.5110 0.4787 -0.0035 0.0228  0.0235  20  ASN A CG  
161 O OD1 . ASN A 20 ? 0.5169 0.5749 0.4695 0.0127  0.0599  0.0315  20  ASN A OD1 
162 N ND2 . ASN A 20 ? 0.4747 0.5058 0.4824 -0.0078 0.0011  0.0196  20  ASN A ND2 
163 N N   . LEU A 21 ? 0.4234 0.4311 0.4241 -0.0045 -0.0009 -0.0025 21  LEU A N   
164 C CA  . LEU A 21 ? 0.4130 0.4191 0.4138 -0.0006 -0.0016 -0.0029 21  LEU A CA  
165 C C   . LEU A 21 ? 0.4014 0.4034 0.3961 -0.0018 -0.0015 -0.0059 21  LEU A C   
166 O O   . LEU A 21 ? 0.3980 0.4096 0.3795 -0.0031 0.0002  -0.0028 21  LEU A O   
167 C CB  . LEU A 21 ? 0.4045 0.4156 0.4112 -0.0016 -0.0022 -0.0001 21  LEU A CB  
168 C CG  . LEU A 21 ? 0.4008 0.4152 0.4156 0.0008  -0.0067 -0.0020 21  LEU A CG  
169 C CD1 . LEU A 21 ? 0.3878 0.4172 0.4215 0.0017  -0.0187 -0.0044 21  LEU A CD1 
170 C CD2 . LEU A 21 ? 0.4057 0.4210 0.4598 -0.0075 -0.0255 0.0084  21  LEU A CD2 
171 N N   . THR A 22 ? 0.3901 0.3890 0.3818 -0.0026 -0.0044 -0.0052 22  THR A N   
172 C CA  . THR A 22 ? 0.3858 0.3844 0.3828 0.0004  -0.0051 -0.0063 22  THR A CA  
173 C C   . THR A 22 ? 0.3852 0.3723 0.3764 0.0036  -0.0040 -0.0138 22  THR A C   
174 O O   . THR A 22 ? 0.3734 0.3689 0.3639 0.0066  -0.0085 -0.0203 22  THR A O   
175 C CB  . THR A 22 ? 0.3787 0.3745 0.3777 0.0017  -0.0080 -0.0088 22  THR A CB  
176 O OG1 . THR A 22 ? 0.3731 0.3641 0.3659 0.0016  -0.0306 -0.0021 22  THR A OG1 
177 C CG2 . THR A 22 ? 0.3473 0.3592 0.3783 0.0021  -0.0032 0.0030  22  THR A CG2 
178 N N   . ILE A 23 ? 0.3806 0.3659 0.3750 -0.0034 -0.0022 -0.0172 23  ILE A N   
179 C CA  . ILE A 23 ? 0.3929 0.3797 0.3810 -0.0019 -0.0025 -0.0136 23  ILE A CA  
180 C C   . ILE A 23 ? 0.4002 0.3865 0.3854 0.0017  -0.0029 -0.0152 23  ILE A C   
181 O O   . ILE A 23 ? 0.4067 0.3873 0.3681 0.0122  -0.0046 -0.0285 23  ILE A O   
182 C CB  . ILE A 23 ? 0.3895 0.3820 0.3830 -0.0020 0.0035  -0.0173 23  ILE A CB  
183 C CG1 . ILE A 23 ? 0.3937 0.3773 0.3849 -0.0136 -0.0016 -0.0092 23  ILE A CG1 
184 C CG2 . ILE A 23 ? 0.3893 0.3793 0.3576 -0.0155 0.0006  -0.0157 23  ILE A CG2 
185 C CD1 . ILE A 23 ? 0.3971 0.3695 0.3723 0.0005  0.0043  -0.0475 23  ILE A CD1 
186 N N   . ASN A 24 ? 0.4126 0.3925 0.3913 0.0015  -0.0028 -0.0131 24  ASN A N   
187 C CA  . ASN A 24 ? 0.4164 0.3953 0.3987 0.0013  -0.0030 -0.0100 24  ASN A CA  
188 C C   . ASN A 24 ? 0.4250 0.3920 0.4029 0.0022  -0.0010 -0.0169 24  ASN A C   
189 O O   . ASN A 24 ? 0.4292 0.3749 0.3877 0.0015  -0.0045 -0.0378 24  ASN A O   
190 C CB  . ASN A 24 ? 0.4248 0.4032 0.4044 0.0018  -0.0003 -0.0033 24  ASN A CB  
191 C CG  . ASN A 24 ? 0.4276 0.3895 0.3958 0.0012  -0.0029 -0.0003 24  ASN A CG  
192 O OD1 . ASN A 24 ? 0.4668 0.3925 0.4238 0.0030  -0.0252 0.0457  24  ASN A OD1 
193 N ND2 . ASN A 24 ? 0.4571 0.3728 0.3465 -0.0161 0.0183  0.0216  24  ASN A ND2 
194 N N   . ARG A 25 ? 0.4340 0.4066 0.4152 0.0049  -0.0033 -0.0159 25  ARG A N   
195 C CA  . ARG A 25 ? 0.4353 0.4195 0.4222 0.0046  -0.0038 -0.0106 25  ARG A CA  
196 C C   . ARG A 25 ? 0.4412 0.4212 0.4269 0.0048  -0.0076 -0.0119 25  ARG A C   
197 O O   . ARG A 25 ? 0.4378 0.4026 0.3991 0.0118  -0.0158 -0.0230 25  ARG A O   
198 C CB  . ARG A 25 ? 0.4426 0.4264 0.4334 0.0064  -0.0042 -0.0101 25  ARG A CB  
199 C CG  . ARG A 25 ? 0.4560 0.4414 0.4441 0.0045  -0.0040 -0.0104 25  ARG A CG  
200 C CD  . ARG A 25 ? 0.5078 0.5125 0.5143 0.0063  -0.0049 -0.0036 25  ARG A CD  
201 N NE  . ARG A 25 ? 0.5300 0.5261 0.5336 0.0108  -0.0027 0.0006  25  ARG A NE  
202 C CZ  . ARG A 25 ? 0.5614 0.5690 0.5652 0.0039  -0.0002 -0.0021 25  ARG A CZ  
203 N NH1 . ARG A 25 ? 0.5908 0.5627 0.5805 0.0102  0.0078  0.0057  25  ARG A NH1 
204 N NH2 . ARG A 25 ? 0.5557 0.5823 0.5655 -0.0022 -0.0001 -0.0093 25  ARG A NH2 
205 N N   . VAL A 26 ? 0.4437 0.4307 0.4304 0.0034  -0.0080 -0.0098 26  VAL A N   
206 C CA  . VAL A 26 ? 0.4517 0.4401 0.4353 0.0012  -0.0069 -0.0073 26  VAL A CA  
207 C C   . VAL A 26 ? 0.4610 0.4493 0.4460 0.0026  -0.0087 -0.0064 26  VAL A C   
208 O O   . VAL A 26 ? 0.4635 0.4381 0.4306 0.0058  -0.0177 -0.0016 26  VAL A O   
209 C CB  . VAL A 26 ? 0.4438 0.4350 0.4280 -0.0001 -0.0098 -0.0130 26  VAL A CB  
210 C CG1 . VAL A 26 ? 0.4631 0.4432 0.4180 0.0004  -0.0104 -0.0026 26  VAL A CG1 
211 C CG2 . VAL A 26 ? 0.4395 0.4127 0.3981 -0.0019 -0.0224 -0.0237 26  VAL A CG2 
212 N N   . ALA A 27 ? 0.4814 0.4640 0.4605 0.0022  -0.0077 -0.0016 27  ALA A N   
213 C CA  . ALA A 27 ? 0.4952 0.4827 0.4768 -0.0005 -0.0045 -0.0026 27  ALA A CA  
214 C C   . ALA A 27 ? 0.5093 0.4886 0.4904 -0.0003 -0.0018 -0.0018 27  ALA A C   
215 O O   . ALA A 27 ? 0.5176 0.4717 0.4806 -0.0093 -0.0100 -0.0034 27  ALA A O   
216 C CB  . ALA A 27 ? 0.4949 0.4807 0.4722 -0.0032 -0.0055 -0.0003 27  ALA A CB  
217 N N   . THR A 28 ? 0.5198 0.5064 0.5090 0.0009  -0.0025 -0.0026 28  THR A N   
218 C CA  . THR A 28 ? 0.5312 0.5221 0.5150 -0.0021 -0.0027 -0.0009 28  THR A CA  
219 C C   . THR A 28 ? 0.5396 0.5231 0.5168 -0.0025 -0.0041 -0.0033 28  THR A C   
220 O O   . THR A 28 ? 0.5498 0.5233 0.5134 -0.0080 -0.0051 -0.0136 28  THR A O   
221 C CB  . THR A 28 ? 0.5393 0.5260 0.5256 -0.0017 0.0004  0.0011  28  THR A CB  
222 O OG1 . THR A 28 ? 0.5546 0.5755 0.5303 0.0005  0.0111  0.0149  28  THR A OG1 
223 C CG2 . THR A 28 ? 0.5386 0.5060 0.5021 -0.0120 -0.0144 -0.0058 28  THR A CG2 
224 N N   . LEU A 29 ? 0.5381 0.5265 0.5216 -0.0011 -0.0054 -0.0055 29  LEU A N   
225 C CA  . LEU A 29 ? 0.5376 0.5316 0.5251 -0.0011 -0.0043 -0.0035 29  LEU A CA  
226 C C   . LEU A 29 ? 0.5436 0.5348 0.5306 -0.0014 -0.0044 -0.0036 29  LEU A C   
227 O O   . LEU A 29 ? 0.5495 0.5377 0.5210 -0.0013 -0.0017 -0.0060 29  LEU A O   
228 C CB  . LEU A 29 ? 0.5303 0.5280 0.5185 -0.0016 -0.0056 -0.0049 29  LEU A CB  
229 C CG  . LEU A 29 ? 0.5323 0.5235 0.5063 -0.0007 -0.0071 -0.0106 29  LEU A CG  
230 C CD1 . LEU A 29 ? 0.5264 0.5053 0.4697 -0.0011 -0.0137 -0.0184 29  LEU A CD1 
231 C CD2 . LEU A 29 ? 0.5415 0.5162 0.4772 0.0125  -0.0035 -0.0010 29  LEU A CD2 
232 N N   . ALA A 30 ? 0.5406 0.5393 0.5351 -0.0021 -0.0055 -0.0047 30  ALA A N   
233 C CA  . ALA A 30 ? 0.5514 0.5473 0.5418 -0.0033 -0.0045 -0.0032 30  ALA A CA  
234 C C   . ALA A 30 ? 0.5587 0.5571 0.5539 -0.0027 -0.0062 -0.0058 30  ALA A C   
235 O O   . ALA A 30 ? 0.5616 0.5595 0.5601 -0.0037 -0.0075 -0.0030 30  ALA A O   
236 C CB  . ALA A 30 ? 0.5456 0.5428 0.5321 -0.0050 -0.0068 -0.0092 30  ALA A CB  
237 N N   . GLY A 31 ? 0.5689 0.5659 0.5646 0.0002  -0.0054 -0.0026 31  GLY A N   
238 C CA  . GLY A 31 ? 0.5745 0.5743 0.5696 -0.0007 -0.0026 0.0002  31  GLY A CA  
239 C C   . GLY A 31 ? 0.5772 0.5820 0.5763 -0.0003 -0.0034 0.0021  31  GLY A C   
240 O O   . GLY A 31 ? 0.5758 0.5928 0.5776 -0.0031 -0.0072 0.0037  31  GLY A O   
241 N N   . LEU A 32 ? 0.5874 0.5854 0.5904 -0.0005 0.0000  0.0014  32  LEU A N   
242 C CA  . LEU A 32 ? 0.5939 0.5913 0.5952 0.0004  -0.0017 0.0014  32  LEU A CA  
243 C C   . LEU A 32 ? 0.5971 0.5936 0.5988 -0.0009 -0.0002 0.0060  32  LEU A C   
244 O O   . LEU A 32 ? 0.5908 0.5875 0.5987 -0.0019 -0.0013 0.0120  32  LEU A O   
245 C CB  . LEU A 32 ? 0.6042 0.5999 0.6047 0.0001  -0.0003 0.0006  32  LEU A CB  
246 C CG  . LEU A 32 ? 0.6185 0.6220 0.6094 0.0037  -0.0029 0.0028  32  LEU A CG  
247 C CD1 . LEU A 32 ? 0.5950 0.5828 0.6139 -0.0060 -0.0241 -0.0117 32  LEU A CD1 
248 C CD2 . LEU A 32 ? 0.6410 0.6287 0.6736 -0.0001 0.0017  -0.0077 32  LEU A CD2 
249 N N   . ASN A 33 ? 0.5982 0.5961 0.6008 -0.0024 0.0010  0.0044  33  ASN A N   
250 C CA  . ASN A 33 ? 0.5978 0.5975 0.5962 -0.0013 0.0004  0.0019  33  ASN A CA  
251 C C   . ASN A 33 ? 0.5933 0.5941 0.5920 -0.0025 0.0009  0.0037  33  ASN A C   
252 O O   . ASN A 33 ? 0.5949 0.5818 0.5924 -0.0044 -0.0009 0.0038  33  ASN A O   
253 C CB  . ASN A 33 ? 0.6050 0.6066 0.6037 -0.0010 0.0023  0.0023  33  ASN A CB  
254 C CG  . ASN A 33 ? 0.6302 0.6233 0.6189 0.0037  0.0004  0.0028  33  ASN A CG  
255 O OD1 . ASN A 33 ? 0.6771 0.6481 0.6479 0.0115  -0.0033 0.0200  33  ASN A OD1 
256 N ND2 . ASN A 33 ? 0.6522 0.6612 0.6420 0.0004  -0.0078 -0.0107 33  ASN A ND2 
257 N N   . GLN A 34 ? 0.5859 0.5860 0.5817 -0.0013 0.0033  0.0015  34  GLN A N   
258 C CA  . GLN A 34 ? 0.5745 0.5744 0.5689 -0.0014 0.0029  0.0023  34  GLN A CA  
259 C C   . GLN A 34 ? 0.5626 0.5617 0.5497 -0.0003 0.0067  0.0017  34  GLN A C   
260 O O   . GLN A 34 ? 0.5606 0.5563 0.5322 0.0060  0.0140  -0.0014 34  GLN A O   
261 C CB  . GLN A 34 ? 0.5838 0.5856 0.5785 0.0006  0.0029  0.0032  34  GLN A CB  
262 C CG  . GLN A 34 ? 0.5991 0.6023 0.5986 0.0018  0.0039  0.0097  34  GLN A CG  
263 C CD  . GLN A 34 ? 0.6188 0.6395 0.6363 -0.0053 0.0163  0.0289  34  GLN A CD  
264 O OE1 . GLN A 34 ? 0.6058 0.6559 0.6602 0.0088  0.0170  0.0341  34  GLN A OE1 
265 N NE2 . GLN A 34 ? 0.6326 0.6541 0.6658 -0.0043 0.0096  0.0390  34  GLN A NE2 
266 N N   . SER A 35 ? 0.5422 0.5463 0.5358 -0.0034 0.0065  0.0019  35  SER A N   
267 C CA  . SER A 35 ? 0.5289 0.5319 0.5233 -0.0061 0.0054  0.0065  35  SER A CA  
268 C C   . SER A 35 ? 0.5110 0.5024 0.5001 -0.0090 0.0101  0.0123  35  SER A C   
269 O O   . SER A 35 ? 0.4919 0.4762 0.4813 -0.0228 0.0236  0.0282  35  SER A O   
270 C CB  . SER A 35 ? 0.5293 0.5369 0.5205 -0.0056 0.0047  0.0101  35  SER A CB  
271 O OG  . SER A 35 ? 0.5267 0.5574 0.5252 -0.0115 -0.0013 0.0340  35  SER A OG  
272 N N   . THR A 36 ? 0.4988 0.4892 0.4836 -0.0072 0.0049  0.0085  36  THR A N   
273 C CA  . THR A 36 ? 0.4953 0.4957 0.4857 -0.0077 0.0008  0.0053  36  THR A CA  
274 C C   . THR A 36 ? 0.4902 0.4913 0.4834 -0.0079 0.0071  0.0060  36  THR A C   
275 O O   . THR A 36 ? 0.4854 0.4790 0.4728 -0.0068 0.0147  0.0162  36  THR A O   
276 C CB  . THR A 36 ? 0.4953 0.4956 0.4933 -0.0093 0.0023  0.0079  36  THR A CB  
277 O OG1 . THR A 36 ? 0.4611 0.4896 0.4607 -0.0267 -0.0120 0.0063  36  THR A OG1 
278 C CG2 . THR A 36 ? 0.4950 0.4856 0.4867 -0.0127 -0.0023 -0.0022 36  THR A CG2 
279 N N   . VAL A 37 ? 0.4913 0.4951 0.4857 -0.0042 0.0036  0.0030  37  VAL A N   
280 C CA  . VAL A 37 ? 0.4921 0.4968 0.4831 -0.0030 0.0076  0.0022  37  VAL A CA  
281 C C   . VAL A 37 ? 0.4901 0.4935 0.4845 -0.0006 0.0102  0.0043  37  VAL A C   
282 O O   . VAL A 37 ? 0.4869 0.5010 0.4865 0.0070  0.0186  0.0072  37  VAL A O   
283 C CB  . VAL A 37 ? 0.4917 0.4992 0.4838 -0.0053 0.0067  0.0050  37  VAL A CB  
284 C CG1 . VAL A 37 ? 0.4942 0.5233 0.4838 0.0036  0.0269  0.0047  37  VAL A CG1 
285 C CG2 . VAL A 37 ? 0.4863 0.5040 0.4659 -0.0040 0.0156  0.0089  37  VAL A CG2 
286 N N   . ASN A 38 ? 0.4912 0.4968 0.4847 -0.0011 0.0050  -0.0062 38  ASN A N   
287 C CA  . ASN A 38 ? 0.5007 0.4925 0.4920 -0.0036 0.0075  -0.0056 38  ASN A CA  
288 C C   . ASN A 38 ? 0.4991 0.4775 0.4913 -0.0039 0.0041  -0.0120 38  ASN A C   
289 O O   . ASN A 38 ? 0.4842 0.4282 0.4666 -0.0086 -0.0055 -0.0222 38  ASN A O   
290 C CB  . ASN A 38 ? 0.5059 0.4962 0.4966 -0.0009 0.0096  -0.0100 38  ASN A CB  
291 C CG  . ASN A 38 ? 0.5223 0.5008 0.4975 -0.0004 0.0182  -0.0143 38  ASN A CG  
292 O OD1 . ASN A 38 ? 0.5744 0.5016 0.4782 0.0081  0.0554  -0.0271 38  ASN A OD1 
293 N ND2 . ASN A 38 ? 0.5076 0.4889 0.4812 -0.0088 0.0167  -0.0076 38  ASN A ND2 
294 N N   . ALA A 39 ? 0.5039 0.4922 0.5024 -0.0019 0.0038  -0.0053 39  ALA A N   
295 C CA  . ALA A 39 ? 0.5134 0.5084 0.5131 -0.0054 0.0033  -0.0036 39  ALA A CA  
296 C C   . ALA A 39 ? 0.5144 0.5104 0.5211 -0.0124 0.0046  -0.0057 39  ALA A C   
297 O O   . ALA A 39 ? 0.4954 0.4996 0.5217 -0.0189 0.0057  -0.0066 39  ALA A O   
298 C CB  . ALA A 39 ? 0.5115 0.5067 0.5026 -0.0061 0.0022  -0.0037 39  ALA A CB  
299 N N   . MET A 40 ? 0.5346 0.5356 0.5397 -0.0088 0.0025  -0.0026 40  MET A N   
300 C CA  . MET A 40 ? 0.5388 0.5358 0.5456 -0.0096 0.0040  -0.0009 40  MET A CA  
301 C C   . MET A 40 ? 0.5384 0.5315 0.5377 -0.0035 0.0068  0.0017  40  MET A C   
302 O O   . MET A 40 ? 0.5475 0.5461 0.5470 -0.0016 0.0169  -0.0048 40  MET A O   
303 C CB  . MET A 40 ? 0.5454 0.5387 0.5525 -0.0107 0.0066  0.0005  40  MET A CB  
304 C CG  . MET A 40 ? 0.5482 0.5585 0.5638 -0.0132 0.0011  0.0003  40  MET A CG  
305 S SD  . MET A 40 ? 0.5869 0.5966 0.6431 -0.0380 0.0045  0.0083  40  MET A SD  
306 C CE  . MET A 40 ? 0.5313 0.5298 0.6480 -0.0286 0.0143  -0.0185 40  MET A CE  
307 N N   . PHE A 41 ? 0.5277 0.5186 0.5235 -0.0079 0.0065  -0.0023 41  PHE A N   
308 C CA  . PHE A 41 ? 0.5213 0.5187 0.5182 -0.0040 0.0039  -0.0002 41  PHE A CA  
309 C C   . PHE A 41 ? 0.5245 0.5271 0.5198 -0.0022 0.0054  0.0024  41  PHE A C   
310 O O   . PHE A 41 ? 0.5224 0.5201 0.4883 -0.0008 0.0009  0.0020  41  PHE A O   
311 C CB  . PHE A 41 ? 0.5070 0.5025 0.4992 -0.0025 0.0091  -0.0022 41  PHE A CB  
312 C CG  . PHE A 41 ? 0.4978 0.4890 0.4784 0.0002  0.0127  -0.0115 41  PHE A CG  
313 C CD1 . PHE A 41 ? 0.4855 0.4712 0.4508 0.0012  0.0209  -0.0153 41  PHE A CD1 
314 C CD2 . PHE A 41 ? 0.4968 0.4772 0.4730 0.0029  0.0251  -0.0027 41  PHE A CD2 
315 C CE1 . PHE A 41 ? 0.4723 0.4667 0.4512 -0.0021 0.0294  -0.0106 41  PHE A CE1 
316 C CE2 . PHE A 41 ? 0.4853 0.4904 0.4652 0.0053  0.0304  -0.0040 41  PHE A CE2 
317 C CZ  . PHE A 41 ? 0.4807 0.4576 0.4696 -0.0020 0.0325  0.0068  41  PHE A CZ  
318 N N   . GLU A 42 ? 0.5318 0.5301 0.5305 -0.0025 0.0007  0.0046  42  GLU A N   
319 C CA  . GLU A 42 ? 0.5300 0.5322 0.5291 -0.0009 0.0026  0.0007  42  GLU A CA  
320 C C   . GLU A 42 ? 0.5247 0.5251 0.5209 -0.0011 0.0040  0.0013  42  GLU A C   
321 O O   . GLU A 42 ? 0.5222 0.5226 0.5095 -0.0002 0.0079  0.0038  42  GLU A O   
322 C CB  . GLU A 42 ? 0.5420 0.5393 0.5363 -0.0014 0.0028  -0.0047 42  GLU A CB  
323 C CG  . GLU A 42 ? 0.5644 0.5909 0.5791 -0.0074 -0.0044 -0.0177 42  GLU A CG  
324 C CD  . GLU A 42 ? 0.5774 0.6380 0.6276 -0.0327 -0.0089 -0.0581 42  GLU A CD  
325 O OE1 . GLU A 42 ? 0.5782 0.6654 0.6552 -0.0616 -0.0089 -0.0891 42  GLU A OE1 
326 O OE2 . GLU A 42 ? 0.5916 0.6756 0.6929 -0.0426 -0.0209 -0.0885 42  GLU A OE2 
327 N N   . GLY A 43 ? 0.5145 0.5197 0.5109 0.0000  0.0012  0.0016  43  GLY A N   
328 C CA  . GLY A 43 ? 0.5149 0.5199 0.5086 0.0019  -0.0027 0.0025  43  GLY A CA  
329 C C   . GLY A 43 ? 0.5136 0.5226 0.5028 0.0053  -0.0068 0.0037  43  GLY A C   
330 O O   . GLY A 43 ? 0.5272 0.5388 0.4989 0.0221  -0.0057 0.0093  43  GLY A O   
331 N N   . ARG A 44 ? 0.5026 0.5169 0.4974 -0.0027 -0.0063 0.0045  44  ARG A N   
332 C CA  . ARG A 44 ? 0.5092 0.5185 0.5033 -0.0014 -0.0067 0.0024  44  ARG A CA  
333 C C   . ARG A 44 ? 0.5070 0.5181 0.5033 -0.0022 -0.0057 0.0073  44  ARG A C   
334 O O   . ARG A 44 ? 0.5058 0.5282 0.4827 -0.0003 -0.0080 0.0149  44  ARG A O   
335 C CB  . ARG A 44 ? 0.5096 0.5192 0.5116 -0.0014 -0.0052 0.0037  44  ARG A CB  
336 C CG  . ARG A 44 ? 0.5091 0.5196 0.5054 -0.0009 -0.0063 -0.0010 44  ARG A CG  
337 C CD  . ARG A 44 ? 0.5156 0.5118 0.5116 0.0025  -0.0016 0.0043  44  ARG A CD  
338 N NE  . ARG A 44 ? 0.4950 0.5146 0.5075 0.0013  -0.0085 0.0028  44  ARG A NE  
339 C CZ  . ARG A 44 ? 0.5142 0.5180 0.5087 0.0171  -0.0018 0.0089  44  ARG A CZ  
340 N NH1 . ARG A 44 ? 0.5000 0.5049 0.5006 0.0190  -0.0030 -0.0052 44  ARG A NH1 
341 N NH2 . ARG A 44 ? 0.5001 0.5185 0.5073 0.0075  0.0023  0.0259  44  ARG A NH2 
342 N N   . SER A 45 ? 0.5020 0.5147 0.4998 0.0005  -0.0037 0.0075  45  SER A N   
343 C CA  . SER A 45 ? 0.4982 0.5089 0.4938 -0.0004 -0.0060 0.0048  45  SER A CA  
344 C C   . SER A 45 ? 0.4908 0.5013 0.4921 -0.0062 -0.0129 0.0072  45  SER A C   
345 O O   . SER A 45 ? 0.4825 0.4977 0.4695 -0.0139 -0.0352 0.0192  45  SER A O   
346 C CB  . SER A 45 ? 0.4985 0.5143 0.4892 0.0006  -0.0050 0.0048  45  SER A CB  
347 O OG  . SER A 45 ? 0.4928 0.5267 0.5210 0.0085  -0.0016 0.0068  45  SER A OG  
348 N N   . LYS A 46 ? 0.4921 0.4949 0.4904 -0.0032 -0.0050 0.0050  46  LYS A N   
349 C CA  . LYS A 46 ? 0.4906 0.4927 0.4900 -0.0002 -0.0021 0.0017  46  LYS A CA  
350 C C   . LYS A 46 ? 0.4879 0.4926 0.4909 0.0043  -0.0004 0.0000  46  LYS A C   
351 O O   . LYS A 46 ? 0.4854 0.4891 0.5063 0.0023  0.0039  0.0020  46  LYS A O   
352 C CB  . LYS A 46 ? 0.4964 0.4944 0.4877 0.0008  -0.0014 0.0022  46  LYS A CB  
353 C CG  . LYS A 46 ? 0.4995 0.4925 0.4889 -0.0037 -0.0018 -0.0053 46  LYS A CG  
354 C CD  . LYS A 46 ? 0.5152 0.5187 0.5048 0.0023  -0.0013 0.0039  46  LYS A CD  
355 C CE  . LYS A 46 ? 0.5405 0.5436 0.5450 0.0057  0.0025  -0.0005 46  LYS A CE  
356 N NZ  . LYS A 46 ? 0.5718 0.5254 0.4694 0.0107  0.0122  0.0162  46  LYS A NZ  
357 N N   . ARG A 47 ? 0.4799 0.4806 0.4811 0.0016  -0.0007 0.0029  47  ARG A N   
358 C CA  . ARG A 47 ? 0.4618 0.4686 0.4663 -0.0022 0.0009  0.0031  47  ARG A CA  
359 C C   . ARG A 47 ? 0.4523 0.4691 0.4593 -0.0056 0.0037  0.0031  47  ARG A C   
360 O O   . ARG A 47 ? 0.4408 0.4743 0.4603 -0.0071 -0.0006 0.0042  47  ARG A O   
361 C CB  . ARG A 47 ? 0.4599 0.4695 0.4642 0.0002  -0.0009 0.0041  47  ARG A CB  
362 C CG  . ARG A 47 ? 0.4417 0.4554 0.4522 -0.0036 0.0022  0.0030  47  ARG A CG  
363 C CD  . ARG A 47 ? 0.4401 0.4452 0.4415 -0.0001 0.0052  0.0031  47  ARG A CD  
364 N NE  . ARG A 47 ? 0.4218 0.4020 0.4035 -0.0105 0.0113  0.0105  47  ARG A NE  
365 C CZ  . ARG A 47 ? 0.4285 0.4455 0.4116 -0.0073 0.0112  0.0121  47  ARG A CZ  
366 N NH1 . ARG A 47 ? 0.4208 0.4142 0.3973 -0.0214 0.0058  -0.0095 47  ARG A NH1 
367 N NH2 . ARG A 47 ? 0.4251 0.4453 0.4076 0.0012  0.0160  0.0311  47  ARG A NH2 
368 N N   . PRO A 48 ? 0.4395 0.4576 0.4455 -0.0046 0.0028  0.0052  48  PRO A N   
369 C CA  . PRO A 48 ? 0.4233 0.4283 0.4234 -0.0041 0.0023  0.0017  48  PRO A CA  
370 C C   . PRO A 48 ? 0.4204 0.4138 0.4140 0.0006  0.0049  0.0020  48  PRO A C   
371 O O   . PRO A 48 ? 0.4379 0.3921 0.4227 0.0155  0.0113  0.0089  48  PRO A O   
372 C CB  . PRO A 48 ? 0.4325 0.4334 0.4256 -0.0045 0.0021  -0.0028 48  PRO A CB  
373 C CG  . PRO A 48 ? 0.4406 0.4533 0.4523 0.0024  0.0142  0.0155  48  PRO A CG  
374 C CD  . PRO A 48 ? 0.4380 0.4575 0.4596 -0.0074 -0.0008 0.0153  48  PRO A CD  
375 N N   . THR A 49 ? 0.3838 0.3847 0.3817 -0.0058 -0.0042 0.0023  49  THR A N   
376 C CA  . THR A 49 ? 0.3663 0.3607 0.3737 -0.0103 -0.0040 0.0042  49  THR A CA  
377 C C   . THR A 49 ? 0.3402 0.3419 0.3438 -0.0197 -0.0080 -0.0013 49  THR A C   
378 O O   . THR A 49 ? 0.3325 0.3503 0.3296 -0.0368 -0.0388 -0.0154 49  THR A O   
379 C CB  . THR A 49 ? 0.3529 0.3464 0.3766 -0.0169 -0.0016 0.0128  49  THR A CB  
380 O OG1 . THR A 49 ? 0.3382 0.2933 0.3948 -0.0237 -0.0052 0.0551  49  THR A OG1 
381 C CG2 . THR A 49 ? 0.3685 0.3483 0.3996 -0.0031 0.0024  0.0217  49  THR A CG2 
382 N N   . ILE A 50 ? 0.3329 0.3336 0.3488 -0.0134 -0.0024 -0.0026 50  ILE A N   
383 C CA  . ILE A 50 ? 0.3295 0.3292 0.3384 -0.0109 -0.0010 -0.0056 50  ILE A CA  
384 C C   . ILE A 50 ? 0.3253 0.3154 0.3247 -0.0081 -0.0004 -0.0063 50  ILE A C   
385 O O   . ILE A 50 ? 0.3214 0.2782 0.3049 -0.0107 0.0147  -0.0004 50  ILE A O   
386 C CB  . ILE A 50 ? 0.3292 0.3256 0.3488 -0.0059 0.0001  -0.0082 50  ILE A CB  
387 C CG1 . ILE A 50 ? 0.3303 0.3519 0.3735 -0.0191 -0.0031 -0.0242 50  ILE A CG1 
388 C CG2 . ILE A 50 ? 0.3040 0.3323 0.3495 -0.0176 -0.0182 -0.0114 50  ILE A CG2 
389 C CD1 . ILE A 50 ? 0.3614 0.3667 0.3604 -0.0116 0.0156  -0.0168 50  ILE A CD1 
390 N N   . THR A 51 ? 0.3206 0.3051 0.3219 -0.0103 0.0089  0.0049  51  THR A N   
391 C CA  . THR A 51 ? 0.3204 0.3101 0.3209 -0.0070 0.0009  0.0019  51  THR A CA  
392 C C   . THR A 51 ? 0.3181 0.3034 0.3188 -0.0043 -0.0010 0.0010  51  THR A C   
393 O O   . THR A 51 ? 0.3218 0.2834 0.3209 0.0034  -0.0062 -0.0094 51  THR A O   
394 C CB  . THR A 51 ? 0.3236 0.3131 0.3230 -0.0043 0.0072  0.0014  51  THR A CB  
395 O OG1 . THR A 51 ? 0.3599 0.3169 0.3237 -0.0187 0.0286  0.0089  51  THR A OG1 
396 C CG2 . THR A 51 ? 0.3250 0.3193 0.3354 -0.0075 0.0107  0.0108  51  THR A CG2 
397 N N   . THR A 52 ? 0.3287 0.3165 0.3177 -0.0082 0.0009  0.0005  52  THR A N   
398 C CA  . THR A 52 ? 0.3301 0.3255 0.3235 -0.0042 -0.0062 -0.0024 52  THR A CA  
399 C C   . THR A 52 ? 0.3253 0.3175 0.3131 -0.0093 -0.0098 -0.0037 52  THR A C   
400 O O   . THR A 52 ? 0.3295 0.3224 0.3033 -0.0146 -0.0280 -0.0192 52  THR A O   
401 C CB  . THR A 52 ? 0.3359 0.3271 0.3312 -0.0093 -0.0007 -0.0018 52  THR A CB  
402 O OG1 . THR A 52 ? 0.3709 0.3665 0.3684 0.0110  -0.0006 -0.0111 52  THR A OG1 
403 C CG2 . THR A 52 ? 0.3460 0.3413 0.3240 -0.0134 -0.0058 0.0027  52  THR A CG2 
404 N N   . ILE A 53 ? 0.3212 0.3216 0.3143 -0.0079 -0.0157 -0.0028 53  ILE A N   
405 C CA  . ILE A 53 ? 0.3299 0.3296 0.3206 0.0000  -0.0086 0.0022  53  ILE A CA  
406 C C   . ILE A 53 ? 0.3378 0.3262 0.3268 -0.0035 -0.0046 0.0028  53  ILE A C   
407 O O   . ILE A 53 ? 0.3398 0.3234 0.3195 0.0103  0.0027  0.0008  53  ILE A O   
408 C CB  . ILE A 53 ? 0.3294 0.3287 0.3142 -0.0040 -0.0104 0.0050  53  ILE A CB  
409 C CG1 . ILE A 53 ? 0.3232 0.3437 0.3164 0.0121  -0.0059 0.0151  53  ILE A CG1 
410 C CG2 . ILE A 53 ? 0.3226 0.3236 0.3142 -0.0042 -0.0227 -0.0058 53  ILE A CG2 
411 C CD1 . ILE A 53 ? 0.3337 0.3533 0.3277 0.0130  -0.0150 0.0036  53  ILE A CD1 
412 N N   . ARG A 54 ? 0.3472 0.3372 0.3358 -0.0052 -0.0004 0.0020  54  ARG A N   
413 C CA  . ARG A 54 ? 0.3540 0.3425 0.3442 -0.0032 -0.0046 0.0038  54  ARG A CA  
414 C C   . ARG A 54 ? 0.3534 0.3363 0.3348 -0.0052 -0.0064 0.0039  54  ARG A C   
415 O O   . ARG A 54 ? 0.3713 0.3182 0.3193 -0.0082 -0.0150 0.0038  54  ARG A O   
416 C CB  . ARG A 54 ? 0.3538 0.3413 0.3494 -0.0021 -0.0023 0.0005  54  ARG A CB  
417 C CG  . ARG A 54 ? 0.3589 0.3551 0.3573 -0.0009 0.0003  -0.0039 54  ARG A CG  
418 C CD  . ARG A 54 ? 0.4039 0.3912 0.4037 0.0044  0.0057  0.0100  54  ARG A CD  
419 N NE  . ARG A 54 ? 0.4533 0.4556 0.4772 0.0169  0.0004  0.0137  54  ARG A NE  
420 C CZ  . ARG A 54 ? 0.4860 0.4758 0.5012 0.0018  0.0061  0.0061  54  ARG A CZ  
421 N NH1 . ARG A 54 ? 0.4867 0.4965 0.4922 0.0138  0.0135  0.0045  54  ARG A NH1 
422 N NH2 . ARG A 54 ? 0.4836 0.4788 0.5254 -0.0121 0.0067  0.0040  54  ARG A NH2 
423 N N   . LYS A 55 ? 0.3636 0.3512 0.3461 -0.0050 -0.0056 0.0002  55  LYS A N   
424 C CA  . LYS A 55 ? 0.3702 0.3621 0.3600 -0.0024 -0.0022 0.0048  55  LYS A CA  
425 C C   . LYS A 55 ? 0.3669 0.3644 0.3607 -0.0027 -0.0008 0.0128  55  LYS A C   
426 O O   . LYS A 55 ? 0.3690 0.3664 0.3679 0.0014  -0.0028 0.0218  55  LYS A O   
427 C CB  . LYS A 55 ? 0.3821 0.3719 0.3753 -0.0042 0.0016  0.0077  55  LYS A CB  
428 C CG  . LYS A 55 ? 0.3873 0.3764 0.3766 -0.0043 -0.0046 0.0077  55  LYS A CG  
429 C CD  . LYS A 55 ? 0.3957 0.3971 0.3891 0.0063  0.0003  0.0089  55  LYS A CD  
430 C CE  . LYS A 55 ? 0.4223 0.4117 0.4271 -0.0028 0.0065  0.0180  55  LYS A CE  
431 N NZ  . LYS A 55 ? 0.4355 0.4465 0.4930 0.0102  0.0076  0.0069  55  LYS A NZ  
432 N N   . VAL A 56 ? 0.3706 0.3656 0.3598 -0.0029 0.0014  0.0086  56  VAL A N   
433 C CA  . VAL A 56 ? 0.3679 0.3594 0.3489 -0.0006 -0.0006 0.0004  56  VAL A CA  
434 C C   . VAL A 56 ? 0.3676 0.3530 0.3460 -0.0024 0.0029  -0.0007 56  VAL A C   
435 O O   . VAL A 56 ? 0.3786 0.3506 0.3445 -0.0003 0.0019  -0.0175 56  VAL A O   
436 C CB  . VAL A 56 ? 0.3673 0.3634 0.3408 -0.0038 0.0004  0.0031  56  VAL A CB  
437 C CG1 . VAL A 56 ? 0.3808 0.3670 0.3628 0.0085  -0.0096 0.0031  56  VAL A CG1 
438 C CG2 . VAL A 56 ? 0.3586 0.3524 0.3145 -0.0102 0.0027  -0.0012 56  VAL A CG2 
439 N N   . CYS A 57 ? 0.3662 0.3530 0.3492 -0.0013 0.0035  0.0030  57  CYS A N   
440 C CA  . CYS A 57 ? 0.3676 0.3541 0.3493 -0.0022 0.0040  0.0009  57  CYS A CA  
441 C C   . CYS A 57 ? 0.3682 0.3558 0.3504 -0.0024 0.0024  0.0007  57  CYS A C   
442 O O   . CYS A 57 ? 0.3787 0.3547 0.3378 -0.0026 0.0084  0.0057  57  CYS A O   
443 C CB  . CYS A 57 ? 0.3601 0.3448 0.3467 -0.0063 0.0036  0.0054  57  CYS A CB  
444 S SG  . CYS A 57 ? 0.3664 0.3194 0.3054 0.0055  0.0250  0.0214  57  CYS A SG  
445 N N   . GLY A 58 ? 0.3790 0.3735 0.3689 -0.0022 0.0051  0.0017  58  GLY A N   
446 C CA  . GLY A 58 ? 0.3864 0.3832 0.3817 -0.0004 0.0043  0.0057  58  GLY A CA  
447 C C   . GLY A 58 ? 0.3991 0.3957 0.3938 -0.0016 0.0024  0.0043  58  GLY A C   
448 O O   . GLY A 58 ? 0.4094 0.4141 0.4050 0.0054  0.0082  0.0142  58  GLY A O   
449 N N   . THR A 59 ? 0.4125 0.4079 0.4045 0.0031  0.0032  0.0063  59  THR A N   
450 C CA  . THR A 59 ? 0.4089 0.4074 0.4042 0.0032  0.0056  0.0041  59  THR A CA  
451 C C   . THR A 59 ? 0.4072 0.4064 0.4016 0.0058  0.0072  0.0058  59  THR A C   
452 O O   . THR A 59 ? 0.4080 0.4158 0.4037 0.0086  0.0136  0.0049  59  THR A O   
453 C CB  . THR A 59 ? 0.4219 0.4151 0.4142 0.0007  0.0048  0.0051  59  THR A CB  
454 O OG1 . THR A 59 ? 0.4614 0.4251 0.4525 0.0066  0.0146  0.0245  59  THR A OG1 
455 C CG2 . THR A 59 ? 0.4168 0.4051 0.4106 0.0095  0.0066  0.0003  59  THR A CG2 
456 N N   . LEU A 60 ? 0.3971 0.3992 0.3913 0.0070  0.0067  0.0001  60  LEU A N   
457 C CA  . LEU A 60 ? 0.3816 0.3814 0.3699 0.0029  0.0052  0.0025  60  LEU A CA  
458 C C   . LEU A 60 ? 0.3783 0.3786 0.3678 0.0080  0.0062  0.0023  60  LEU A C   
459 O O   . LEU A 60 ? 0.3749 0.3762 0.3397 0.0088  0.0093  0.0127  60  LEU A O   
460 C CB  . LEU A 60 ? 0.3787 0.3785 0.3596 0.0039  0.0082  0.0023  60  LEU A CB  
461 C CG  . LEU A 60 ? 0.3706 0.3872 0.3630 0.0017  0.0190  0.0091  60  LEU A CG  
462 C CD1 . LEU A 60 ? 0.3657 0.3792 0.3739 -0.0011 0.0085  0.0305  60  LEU A CD1 
463 C CD2 . LEU A 60 ? 0.3760 0.3849 0.3646 -0.0037 -0.0042 -0.0133 60  LEU A CD2 
464 N N   . GLY A 61 ? 0.3649 0.3648 0.3554 0.0064  0.0044  0.0021  61  GLY A N   
465 C CA  . GLY A 61 ? 0.3576 0.3597 0.3559 0.0035  0.0027  0.0013  61  GLY A CA  
466 C C   . GLY A 61 ? 0.3490 0.3531 0.3538 0.0015  0.0016  0.0013  61  GLY A C   
467 O O   . GLY A 61 ? 0.3434 0.3518 0.3586 0.0041  0.0030  0.0073  61  GLY A O   
468 N N   . ILE A 62 ? 0.3447 0.3457 0.3452 0.0029  0.0058  0.0009  62  ILE A N   
469 C CA  . ILE A 62 ? 0.3393 0.3355 0.3384 0.0032  0.0059  0.0015  62  ILE A CA  
470 C C   . ILE A 62 ? 0.3316 0.3216 0.3272 0.0021  0.0091  0.0055  62  ILE A C   
471 O O   . ILE A 62 ? 0.3354 0.3306 0.3488 0.0098  0.0175  0.0162  62  ILE A O   
472 C CB  . ILE A 62 ? 0.3406 0.3363 0.3283 0.0017  0.0093  0.0040  62  ILE A CB  
473 C CG1 . ILE A 62 ? 0.3419 0.3530 0.3400 0.0114  0.0050  0.0027  62  ILE A CG1 
474 C CG2 . ILE A 62 ? 0.3759 0.3508 0.3710 0.0208  0.0107  -0.0103 62  ILE A CG2 
475 C CD1 . ILE A 62 ? 0.3567 0.3662 0.3521 0.0052  0.0017  0.0000  62  ILE A CD1 
476 N N   . SER A 63 ? 0.3106 0.3080 0.3129 -0.0019 0.0090  0.0049  63  SER A N   
477 C CA  . SER A 63 ? 0.2964 0.2949 0.2953 -0.0014 0.0001  0.0029  63  SER A CA  
478 C C   . SER A 63 ? 0.2820 0.2947 0.2868 0.0025  -0.0026 0.0025  63  SER A C   
479 O O   . SER A 63 ? 0.2863 0.2991 0.2787 0.0080  -0.0089 -0.0044 63  SER A O   
480 C CB  . SER A 63 ? 0.2860 0.2985 0.2920 -0.0019 0.0034  0.0052  63  SER A CB  
481 O OG  . SER A 63 ? 0.2725 0.2560 0.2656 -0.0099 -0.0200 0.0121  63  SER A OG  
482 N N   . VAL A 64 ? 0.2718 0.2784 0.2733 -0.0011 -0.0016 0.0010  64  VAL A N   
483 C CA  . VAL A 64 ? 0.2699 0.2702 0.2622 -0.0020 -0.0021 0.0008  64  VAL A CA  
484 C C   . VAL A 64 ? 0.2624 0.2628 0.2514 -0.0053 -0.0016 0.0041  64  VAL A C   
485 O O   . VAL A 64 ? 0.2724 0.2758 0.2519 -0.0088 -0.0063 0.0068  64  VAL A O   
486 C CB  . VAL A 64 ? 0.2694 0.2689 0.2642 0.0012  -0.0049 0.0025  64  VAL A CB  
487 C CG1 . VAL A 64 ? 0.2736 0.2845 0.2801 -0.0091 -0.0005 0.0144  64  VAL A CG1 
488 C CG2 . VAL A 64 ? 0.2943 0.2519 0.2536 -0.0022 -0.0065 0.0013  64  VAL A CG2 
489 N N   . HIS A 65 ? 0.2544 0.2553 0.2410 -0.0021 -0.0017 0.0009  65  HIS A N   
490 C CA  . HIS A 65 ? 0.2556 0.2578 0.2470 -0.0015 -0.0006 0.0008  65  HIS A CA  
491 C C   . HIS A 65 ? 0.2586 0.2551 0.2538 -0.0014 -0.0031 -0.0047 65  HIS A C   
492 O O   . HIS A 65 ? 0.2676 0.2831 0.2582 -0.0023 -0.0082 -0.0179 65  HIS A O   
493 C CB  . HIS A 65 ? 0.2570 0.2518 0.2389 -0.0029 0.0037  0.0011  65  HIS A CB  
494 C CG  . HIS A 65 ? 0.2543 0.2526 0.2230 0.0002  0.0041  0.0048  65  HIS A CG  
495 N ND1 . HIS A 65 ? 0.3045 0.2862 0.2089 0.0004  -0.0237 0.0164  65  HIS A ND1 
496 C CD2 . HIS A 65 ? 0.2613 0.2745 0.2399 -0.0202 0.0003  0.0017  65  HIS A CD2 
497 C CE1 . HIS A 65 ? 0.2398 0.2660 0.2068 -0.0374 -0.0061 -0.0011 65  HIS A CE1 
498 N NE2 . HIS A 65 ? 0.2614 0.2620 0.2416 -0.0168 0.0082  0.0024  65  HIS A NE2 
499 N N   . ASP A 66 ? 0.2572 0.2503 0.2509 -0.0053 -0.0008 -0.0051 66  ASP A N   
500 C CA  . ASP A 66 ? 0.2632 0.2641 0.2581 -0.0057 -0.0054 0.0003  66  ASP A CA  
501 C C   . ASP A 66 ? 0.2682 0.2641 0.2566 -0.0087 -0.0057 -0.0016 66  ASP A C   
502 O O   . ASP A 66 ? 0.2592 0.2916 0.2394 -0.0169 -0.0118 -0.0049 66  ASP A O   
503 C CB  . ASP A 66 ? 0.2677 0.2719 0.2533 -0.0018 -0.0015 -0.0030 66  ASP A CB  
504 C CG  . ASP A 66 ? 0.2904 0.2940 0.2882 -0.0101 -0.0052 -0.0046 66  ASP A CG  
505 O OD1 . ASP A 66 ? 0.3733 0.3022 0.3400 -0.0222 0.0013  -0.0315 66  ASP A OD1 
506 O OD2 . ASP A 66 ? 0.2875 0.3719 0.2699 -0.0371 -0.0221 -0.0217 66  ASP A OD2 
507 N N   . PHE A 67 ? 0.2618 0.2590 0.2614 -0.0050 -0.0035 -0.0030 67  PHE A N   
508 C CA  . PHE A 67 ? 0.2540 0.2521 0.2530 -0.0064 -0.0073 -0.0038 67  PHE A CA  
509 C C   . PHE A 67 ? 0.2531 0.2501 0.2484 -0.0080 -0.0083 -0.0048 67  PHE A C   
510 O O   . PHE A 67 ? 0.2620 0.2474 0.2639 -0.0130 -0.0209 0.0000  67  PHE A O   
511 C CB  . PHE A 67 ? 0.2512 0.2554 0.2500 -0.0048 0.0020  -0.0053 67  PHE A CB  
512 C CG  . PHE A 67 ? 0.2562 0.2606 0.2586 -0.0077 -0.0011 -0.0040 67  PHE A CG  
513 C CD1 . PHE A 67 ? 0.2574 0.2588 0.2819 -0.0007 -0.0069 -0.0067 67  PHE A CD1 
514 C CD2 . PHE A 67 ? 0.2368 0.2393 0.2537 0.0003  0.0094  -0.0066 67  PHE A CD2 
515 C CE1 . PHE A 67 ? 0.2604 0.2702 0.2790 -0.0220 0.0095  0.0021  67  PHE A CE1 
516 C CE2 . PHE A 67 ? 0.2566 0.2216 0.2646 -0.0030 0.0016  -0.0026 67  PHE A CE2 
517 C CZ  . PHE A 67 ? 0.2583 0.2738 0.2703 -0.0027 0.0127  -0.0042 67  PHE A CZ  
518 N N   . PHE A 68 ? 0.2514 0.2460 0.2443 -0.0118 -0.0116 -0.0039 68  PHE A N   
519 C CA  . PHE A 68 ? 0.2517 0.2465 0.2498 -0.0078 -0.0087 -0.0039 68  PHE A CA  
520 C C   . PHE A 68 ? 0.2573 0.2548 0.2494 -0.0086 -0.0076 -0.0050 68  PHE A C   
521 O O   . PHE A 68 ? 0.2653 0.2435 0.2343 -0.0125 -0.0187 -0.0137 68  PHE A O   
522 C CB  . PHE A 68 ? 0.2499 0.2469 0.2624 -0.0157 -0.0105 0.0049  68  PHE A CB  
523 C CG  . PHE A 68 ? 0.2789 0.2490 0.2697 -0.0143 -0.0133 0.0146  68  PHE A CG  
524 C CD1 . PHE A 68 ? 0.2644 0.2428 0.2552 -0.0194 0.0114  0.0142  68  PHE A CD1 
525 C CD2 . PHE A 68 ? 0.2820 0.2488 0.2865 -0.0175 -0.0154 0.0314  68  PHE A CD2 
526 C CE1 . PHE A 68 ? 0.2655 0.2439 0.2625 -0.0208 0.0029  0.0023  68  PHE A CE1 
527 C CE2 . PHE A 68 ? 0.2826 0.2670 0.2819 -0.0059 -0.0100 0.0253  68  PHE A CE2 
528 C CZ  . PHE A 68 ? 0.2563 0.2286 0.2641 -0.0169 -0.0072 0.0179  68  PHE A CZ  
529 N N   . ASP A 69 ? 0.2737 0.2680 0.2686 -0.0008 -0.0036 -0.0049 69  ASP A N   
530 C CA  . ASP A 69 ? 0.2745 0.2721 0.2689 -0.0017 0.0027  -0.0025 69  ASP A CA  
531 C C   . ASP A 69 ? 0.2876 0.2785 0.2811 -0.0001 0.0060  -0.0009 69  ASP A C   
532 O O   . ASP A 69 ? 0.3006 0.2858 0.2784 0.0037  0.0187  0.0007  69  ASP A O   
533 C CB  . ASP A 69 ? 0.2827 0.2856 0.2759 0.0004  0.0031  -0.0021 69  ASP A CB  
534 C CG  . ASP A 69 ? 0.2835 0.2828 0.2913 -0.0073 0.0059  0.0006  69  ASP A CG  
535 O OD1 . ASP A 69 ? 0.2618 0.2839 0.2875 -0.0066 0.0103  0.0131  69  ASP A OD1 
536 O OD2 . ASP A 69 ? 0.2833 0.3104 0.3186 -0.0250 0.0475  0.0201  69  ASP A OD2 
537 N N   . PHE A 70 ? 0.2905 0.2745 0.2852 -0.0004 0.0044  0.0038  70  PHE A N   
538 C CA  . PHE A 70 ? 0.2938 0.2842 0.2862 0.0021  -0.0003 -0.0008 70  PHE A CA  
539 C C   . PHE A 70 ? 0.2943 0.2852 0.2916 0.0025  -0.0014 0.0010  70  PHE A C   
540 O O   . PHE A 70 ? 0.2994 0.2589 0.2771 0.0051  -0.0127 -0.0016 70  PHE A O   
541 C CB  . PHE A 70 ? 0.2935 0.2936 0.2842 0.0004  -0.0029 -0.0001 70  PHE A CB  
542 C CG  . PHE A 70 ? 0.2839 0.2865 0.2790 -0.0055 -0.0077 0.0015  70  PHE A CG  
543 C CD1 . PHE A 70 ? 0.2864 0.2987 0.2839 0.0130  -0.0123 0.0110  70  PHE A CD1 
544 C CD2 . PHE A 70 ? 0.3005 0.2652 0.2702 -0.0059 0.0021  -0.0019 70  PHE A CD2 
545 C CE1 . PHE A 70 ? 0.2794 0.3009 0.2755 0.0118  -0.0019 0.0067  70  PHE A CE1 
546 C CE2 . PHE A 70 ? 0.2757 0.2954 0.2700 0.0093  0.0072  -0.0019 70  PHE A CE2 
547 C CZ  . PHE A 70 ? 0.2871 0.3008 0.2563 0.0119  0.0166  -0.0097 70  PHE A CZ  
548 N N   . PRO A 71 ? 0.3097 0.3070 0.2978 0.0039  -0.0023 0.0006  71  PRO A N   
549 C CA  . PRO A 71 ? 0.3072 0.3143 0.3031 0.0045  -0.0036 0.0004  71  PRO A CA  
550 C C   . PRO A 71 ? 0.3096 0.3239 0.3136 0.0075  -0.0119 -0.0102 71  PRO A C   
551 O O   . PRO A 71 ? 0.3204 0.3531 0.3459 0.0159  -0.0285 -0.0214 71  PRO A O   
552 C CB  . PRO A 71 ? 0.3109 0.3255 0.3200 0.0072  -0.0016 0.0038  71  PRO A CB  
553 C CG  . PRO A 71 ? 0.3089 0.3292 0.3089 0.0057  0.0037  0.0118  71  PRO A CG  
554 C CD  . PRO A 71 ? 0.3041 0.3053 0.3039 0.0064  0.0105  0.0036  71  PRO A CD  
555 N N   . PRO A 72 ? 0.3092 0.3193 0.3126 0.0011  -0.0084 -0.0031 72  PRO A N   
556 C CA  . PRO A 72 ? 0.3054 0.3105 0.3012 -0.0021 -0.0072 -0.0075 72  PRO A CA  
557 C C   . PRO A 72 ? 0.3054 0.3087 0.3055 -0.0031 -0.0053 -0.0089 72  PRO A C   
558 O O   . PRO A 72 ? 0.3035 0.3114 0.2835 -0.0107 -0.0090 -0.0342 72  PRO A O   
559 C CB  . PRO A 72 ? 0.3053 0.3135 0.3009 0.0004  -0.0040 -0.0029 72  PRO A CB  
560 C CG  . PRO A 72 ? 0.3057 0.3149 0.3033 -0.0070 -0.0040 -0.0076 72  PRO A CG  
561 C CD  . PRO A 72 ? 0.3110 0.3199 0.3207 -0.0017 -0.0140 -0.0118 72  PRO A CD  
562 N N   . TYR A 73 ? 0.2959 0.2993 0.2986 -0.0055 -0.0065 -0.0057 73  TYR A N   
563 C CA  . TYR A 73 ? 0.2955 0.2876 0.2844 -0.0062 -0.0004 -0.0008 73  TYR A CA  
564 C C   . TYR A 73 ? 0.2941 0.2780 0.2793 -0.0091 -0.0004 0.0025  73  TYR A C   
565 O O   . TYR A 73 ? 0.2944 0.2472 0.2654 -0.0216 0.0019  0.0128  73  TYR A O   
566 C CB  . TYR A 73 ? 0.2873 0.2851 0.2857 -0.0095 -0.0011 0.0002  73  TYR A CB  
567 C CG  . TYR A 73 ? 0.2967 0.2729 0.2877 -0.0129 0.0006  -0.0104 73  TYR A CG  
568 C CD1 . TYR A 73 ? 0.3130 0.2792 0.3234 -0.0061 0.0088  -0.0089 73  TYR A CD1 
569 C CD2 . TYR A 73 ? 0.3071 0.2634 0.2881 -0.0219 -0.0061 0.0087  73  TYR A CD2 
570 C CE1 . TYR A 73 ? 0.2897 0.2967 0.3327 -0.0079 0.0018  -0.0040 73  TYR A CE1 
571 C CE2 . TYR A 73 ? 0.2796 0.2720 0.2827 -0.0241 -0.0097 0.0099  73  TYR A CE2 
572 C CZ  . TYR A 73 ? 0.2848 0.2683 0.2732 -0.0143 0.0022  0.0113  73  TYR A CZ  
573 O OH  . TYR A 73 ? 0.2951 0.2715 0.2677 -0.0108 -0.0163 -0.0007 73  TYR A OH  
574 N N   . ASN A 74 ? 0.2961 0.2858 0.2755 -0.0089 0.0014  0.0028  74  ASN A N   
575 C CA  . ASN A 74 ? 0.3073 0.2851 0.2812 -0.0034 0.0044  0.0086  74  ASN A CA  
576 C C   . ASN A 74 ? 0.3236 0.3045 0.2923 -0.0037 0.0038  0.0045  74  ASN A C   
577 O O   . ASN A 74 ? 0.3315 0.2835 0.2940 -0.0079 0.0078  0.0074  74  ASN A O   
578 C CB  . ASN A 74 ? 0.3012 0.2781 0.2830 -0.0074 -0.0052 0.0085  74  ASN A CB  
579 C CG  . ASN A 74 ? 0.3168 0.2617 0.2684 -0.0005 0.0041  0.0172  74  ASN A CG  
580 O OD1 . ASN A 74 ? 0.3660 0.1968 0.2073 -0.0170 0.0023  0.0167  74  ASN A OD1 
581 N ND2 . ASN A 74 ? 0.2976 0.2434 0.2242 0.0003  0.0306  0.0511  74  ASN A ND2 
582 N N   . GLU A 75 ? 0.3305 0.3185 0.3056 -0.0072 0.0031  0.0076  75  GLU A N   
583 C CA  . GLU A 75 ? 0.3528 0.3487 0.3440 -0.0024 0.0022  0.0048  75  GLU A CA  
584 C C   . GLU A 75 ? 0.3524 0.3568 0.3564 -0.0018 0.0030  0.0023  75  GLU A C   
585 O O   . GLU A 75 ? 0.3422 0.3403 0.3536 0.0011  0.0111  0.0053  75  GLU A O   
586 C CB  . GLU A 75 ? 0.3666 0.3688 0.3678 -0.0005 0.0033  0.0030  75  GLU A CB  
587 C CG  . GLU A 75 ? 0.4189 0.4153 0.4313 0.0009  0.0093  0.0035  75  GLU A CG  
588 C CD  . GLU A 75 ? 0.4830 0.4667 0.5416 0.0138  0.0081  0.0069  75  GLU A CD  
589 O OE1 . GLU A 75 ? 0.4952 0.4732 0.6037 0.0344  0.0013  0.0025  75  GLU A OE1 
590 O OE2 . GLU A 75 ? 0.5011 0.4770 0.5870 0.0261  0.0139  0.0210  75  GLU A OE2 
591 N N   . VAL A 76 ? 0.3667 0.3658 0.3753 -0.0032 0.0015  0.0001  76  VAL A N   
592 C CA  . VAL A 76 ? 0.3772 0.3764 0.3857 -0.0022 0.0032  -0.0015 76  VAL A CA  
593 C C   . VAL A 76 ? 0.3960 0.3929 0.4021 -0.0049 0.0092  -0.0123 76  VAL A C   
594 O O   . VAL A 76 ? 0.4203 0.4138 0.4181 -0.0074 0.0123  -0.0243 76  VAL A O   
595 C CB  . VAL A 76 ? 0.3821 0.3806 0.4004 -0.0019 -0.0006 0.0036  76  VAL A CB  
596 C CG1 . VAL A 76 ? 0.3616 0.3582 0.4032 -0.0082 0.0100  0.0120  76  VAL A CG1 
597 C CG2 . VAL A 76 ? 0.3782 0.3686 0.4360 -0.0014 -0.0014 0.0079  76  VAL A CG2 
598 O O   . HOH B .  ? 0.0604 0.3140 0.3194 0.0420  0.0936  0.0143  79  HOH A O   
599 O O   . HOH B .  ? 0.3242 0.2385 0.2406 0.0355  0.0501  0.1195  80  HOH A O   
600 O O   . HOH B .  ? 0.3336 0.2676 0.3671 -0.0584 -0.0335 -0.0615 81  HOH A O   
601 O O   . HOH B .  ? 0.2459 0.1565 0.1503 0.0694  -0.0314 0.0491  82  HOH A O   
602 O O   . HOH B .  ? 0.2240 0.6878 0.3249 -0.1722 0.1163  -0.1347 83  HOH A O   
603 O O   . HOH B .  ? 0.1990 0.3259 0.3825 0.0241  0.0994  0.1378  84  HOH A O   
604 O O   . HOH B .  ? 0.2759 0.3362 0.2845 0.0545  -0.0094 0.0363  85  HOH A O   
605 O O   . HOH B .  ? 0.2570 0.2756 0.4109 0.0191  -0.2205 0.0023  86  HOH A O   
606 O O   . HOH B .  ? 0.3598 0.2831 0.2207 -0.0063 -0.0575 0.0060  87  HOH A O   
607 O O   . HOH B .  ? 1.2092 0.0550 0.5428 -0.0703 -0.1111 0.1203  88  HOH A O   
608 O O   . HOH B .  ? 0.3968 0.4756 0.3596 0.0911  -0.1199 -0.1153 89  HOH A O   
609 O O   . HOH B .  ? 0.4623 0.3363 0.5277 -0.1523 0.1824  -0.0128 90  HOH A O   
610 O O   . HOH B .  ? 0.3006 0.6610 0.3728 -0.0315 -0.0618 -0.0643 91  HOH A O   
611 O O   . HOH B .  ? 0.4562 0.3700 0.2963 -0.0618 -0.0080 -0.0409 92  HOH A O   
612 O O   . HOH B .  ? 0.5396 0.9584 0.7240 0.2637  -0.0906 -0.5191 93  HOH A O   
613 O O   . HOH B .  ? 0.9291 0.2403 0.4420 -0.0244 -0.2596 0.0280  94  HOH A O   
614 O O   . HOH B .  ? 0.2043 0.2897 0.3430 0.0354  0.0529  0.1508  95  HOH A O   
615 O O   . HOH B .  ? 0.1086 0.3805 0.3688 0.0575  0.0477  -0.0944 96  HOH A O   
616 O O   . HOH B .  ? 0.5043 0.6935 0.2399 -0.0973 -0.0271 -0.0818 97  HOH A O   
617 O O   . HOH B .  ? 0.4675 0.5075 0.3089 0.1203  -0.1009 -0.0893 98  HOH A O   
618 O O   . HOH B .  ? 0.3695 0.7448 0.4270 -0.0416 -0.1331 0.1026  99  HOH A O   
619 O O   . HOH B .  ? 0.3406 0.4823 0.5996 0.0636  0.0229  -0.0127 100 HOH A O   
620 O O   . HOH B .  ? 0.1330 0.2244 1.5370 0.1410  -0.3065 -0.3046 101 HOH A O   
621 O O   . HOH B .  ? 0.4771 0.4338 0.5003 -0.1088 0.1101  0.0462  102 HOH A O   
622 O O   . HOH B .  ? 0.2226 0.3475 0.7074 0.1712  0.0219  0.0408  103 HOH A O   
623 O O   . HOH B .  ? 0.5517 0.3439 0.4440 0.2239  -0.0564 -0.1063 104 HOH A O   
624 O O   . HOH B .  ? 0.6430 1.1299 0.1804 -0.2957 -0.0148 0.1488  105 HOH A O   
625 O O   . HOH B .  ? 0.8384 0.7535 0.4159 0.5994  0.2413  0.0163  106 HOH A O   
626 O O   . HOH B .  ? 0.5841 0.2659 0.5192 -0.1159 -0.0314 -0.0788 107 HOH A O   
627 O O   . HOH B .  ? 0.6508 0.8967 0.3767 0.3137  -0.0486 0.0725  108 HOH A O   
628 O O   . HOH B .  ? 1.2804 0.3498 0.4277 0.3072  0.2240  0.0659  109 HOH A O   
629 O O   . HOH B .  ? 0.3872 0.4415 0.5294 0.1211  0.0203  0.0971  110 HOH A O   
630 O O   . HOH B .  ? 0.3710 1.0067 0.6080 0.0046  0.0371  0.2261  111 HOH A O   
631 O O   . HOH B .  ? 0.5414 0.7250 0.1922 0.2161  0.0516  -0.0905 112 HOH A O   
632 O O   . HOH B .  ? 0.4728 0.4306 0.5725 -0.0493 0.2872  0.0464  113 HOH A O   
633 O O   . HOH B .  ? 0.7536 0.3082 0.5138 0.1576  0.2986  -0.2238 114 HOH A O   
634 O O   . HOH B .  ? 0.6119 0.6093 0.3857 -0.1332 0.0915  -0.1375 115 HOH A O   
635 O O   . HOH B .  ? 0.7521 0.3763 0.7868 -0.0662 0.1329  -0.1931 116 HOH A O   
636 O O   . HOH B .  ? 0.6468 0.2765 0.8793 0.0020  -0.3868 -0.0410 117 HOH A O   
637 O O   . HOH B .  ? 0.5220 1.3106 0.9084 0.0821  -0.3017 0.8934  118 HOH A O   
638 O O   . HOH B .  ? 0.9012 0.3472 0.6246 -0.0445 -0.0982 0.0497  119 HOH A O   
639 O O   . HOH B .  ? 1.0855 0.3588 0.4711 -0.1184 -0.3650 0.1697  120 HOH A O   
640 O O   . HOH B .  ? 0.4999 0.5532 0.2907 -0.0505 -0.0820 0.1339  121 HOH A O   
641 O O   . HOH B .  ? 0.4170 0.6911 0.4393 0.0600  -0.0894 0.0541  122 HOH A O   
642 O O   . HOH B .  ? 0.2723 0.7842 0.5080 -0.1224 -0.1602 0.1719  123 HOH A O   
643 O O   . HOH B .  ? 0.2987 0.5628 0.8537 0.1218  0.1037  -0.0376 124 HOH A O   
644 O O   . HOH B .  ? 0.9175 0.2923 0.6858 -0.0265 0.2466  0.0054  125 HOH A O   
645 O O   . HOH B .  ? 0.2572 0.9179 0.6733 -0.0776 0.0318  -0.3903 126 HOH A O   
646 O O   . HOH B .  ? 0.5561 1.4715 0.8879 -0.7806 0.5625  -0.5457 127 HOH A O   
647 O O   . HOH B .  ? 0.4522 0.6986 0.3811 0.0205  0.1097  0.3633  128 HOH A O   
648 O O   . HOH B .  ? 0.4705 0.6447 0.7158 0.0387  0.1448  -0.2950 129 HOH A O   
649 O O   . HOH B .  ? 0.8392 0.3034 0.7350 0.0123  -0.4892 0.1958  130 HOH A O   
650 O O   . HOH B .  ? 0.9210 0.7188 0.7194 -0.2507 0.4645  0.0315  131 HOH A O   
651 O O   . HOH B .  ? 0.6945 0.2258 0.3813 -0.0105 -0.0670 0.0718  132 HOH A O   
652 O O   . HOH B .  ? 0.6371 0.4054 0.7239 -0.0313 -0.5578 0.2759  133 HOH A O   
653 O O   . HOH B .  ? 0.4712 1.4445 0.0408 0.0384  -0.0567 0.0161  134 HOH A O   
654 O O   . HOH B .  ? 2.6962 0.4125 0.7227 0.8236  0.4167  0.4187  135 HOH A O   
655 O O   . HOH B .  ? 0.6655 0.6960 0.5882 0.2637  -0.3169 -0.2984 136 HOH A O   
656 O O   . HOH B .  ? 0.2976 0.7515 0.3629 -0.0678 0.0820  -0.0237 137 HOH A O   
657 O O   . HOH B .  ? 0.8318 0.6736 0.6449 0.2808  -0.3874 -0.3535 138 HOH A O   
# 
